data_5JSB
#
_entry.id   5JSB
#
_cell.length_a   61.917
_cell.length_b   92.246
_cell.length_c   162.005
_cell.angle_alpha   90.00
_cell.angle_beta   92.39
_cell.angle_gamma   90.00
#
_symmetry.space_group_name_H-M   'P 1 21 1'
#
loop_
_entity.id
_entity.type
_entity.pdbx_description
1 polymer 'Induced myeloid leukemia cell differentiation protein Mcl-1'
2 polymer 'Mcl-1 inhibitor'
3 water water
#
loop_
_entity_poly.entity_id
_entity_poly.type
_entity_poly.pdbx_seq_one_letter_code
_entity_poly.pdbx_strand_id
1 'polypeptide(L)'
;DELYRQSLEIISRYLREQATGAKDTKPMGRSGATSRKALETLRRVGDGVQRNHETAFQGMLRKLDIKNEDDVKSLSRVMI
HVFSDGVTNWGRIVTLISFGAFVAKHLKTINQESCIEPLAESITDVLVRTKRDWLVKQRGWDGFVEFFHVEDLEGGIRNV
LLAFAGVAGVGAGLAYLIR
;
A,C,E,G,I,K
2 'polypeptide(L)'
;DPKKVLDKAKDQAENRVRELKQVLEELYKEARKLDLTQEMRKKLIERYAAAIIRAIGDINNAIYQAKQEAEKLKKAGLVN
SQQLDELLRRLDELQKEASRKANEYGREFELKLEYG
;
B,D,F,H,J,L
#
# COMPACT_ATOMS: atom_id res chain seq x y z
N ASP A 1 -8.26 25.41 -42.02
CA ASP A 1 -7.00 26.05 -41.56
C ASP A 1 -5.80 25.13 -41.75
N GLU A 2 -5.11 25.26 -42.86
CA GLU A 2 -4.10 24.28 -43.21
C GLU A 2 -2.94 24.33 -42.28
N LEU A 3 -2.45 25.51 -41.98
CA LEU A 3 -1.28 25.60 -41.16
C LEU A 3 -1.48 24.98 -39.75
N TYR A 4 -2.67 25.16 -39.19
CA TYR A 4 -2.97 24.59 -37.88
C TYR A 4 -3.00 23.08 -38.00
N ARG A 5 -3.72 22.57 -39.00
CA ARG A 5 -3.86 21.12 -39.23
C ARG A 5 -2.46 20.49 -39.30
N GLN A 6 -1.58 21.07 -40.10
CA GLN A 6 -0.26 20.55 -40.37
C GLN A 6 0.69 20.60 -39.16
N SER A 7 0.72 21.76 -38.51
CA SER A 7 1.40 21.96 -37.22
C SER A 7 0.95 21.03 -36.10
N LEU A 8 -0.35 20.78 -35.97
CA LEU A 8 -0.83 19.85 -34.96
C LEU A 8 -0.34 18.44 -35.25
N GLU A 9 -0.50 17.98 -36.51
CA GLU A 9 -0.05 16.65 -36.92
C GLU A 9 1.38 16.43 -36.53
N ILE A 10 2.23 17.40 -36.82
CA ILE A 10 3.64 17.18 -36.61
C ILE A 10 3.92 17.10 -35.12
N ILE A 11 3.44 18.11 -34.40
CA ILE A 11 3.71 18.23 -32.97
C ILE A 11 3.08 17.05 -32.21
N SER A 12 1.85 16.76 -32.57
CA SER A 12 1.09 15.73 -31.91
C SER A 12 1.82 14.40 -32.03
N ARG A 13 2.35 14.11 -33.22
CA ARG A 13 3.01 12.83 -33.48
C ARG A 13 4.34 12.68 -32.81
N TYR A 14 5.12 13.73 -32.83
CA TYR A 14 6.38 13.73 -32.14
C TYR A 14 6.18 13.45 -30.67
N LEU A 15 5.23 14.13 -30.04
CA LEU A 15 4.93 13.90 -28.62
C LEU A 15 4.51 12.46 -28.34
N ARG A 16 3.63 11.89 -29.16
CA ARG A 16 3.24 10.49 -29.01
C ARG A 16 4.40 9.50 -29.18
N GLU A 17 5.14 9.60 -30.28
CA GLU A 17 6.37 8.81 -30.47
C GLU A 17 7.31 8.83 -29.28
N GLN A 18 7.56 10.04 -28.77
CA GLN A 18 8.49 10.23 -27.70
C GLN A 18 8.00 9.56 -26.45
N ALA A 19 6.73 9.76 -26.12
CA ALA A 19 6.17 9.16 -24.94
C ALA A 19 6.21 7.62 -24.96
N THR A 20 5.92 7.04 -26.11
CA THR A 20 5.79 5.61 -26.27
C THR A 20 7.09 4.91 -26.63
N GLY A 21 7.94 5.56 -27.38
CA GLY A 21 9.07 4.90 -28.00
C GLY A 21 8.78 4.34 -29.38
N ALA A 22 7.50 4.25 -29.78
CA ALA A 22 7.07 3.65 -31.06
C ALA A 22 6.67 4.70 -32.07
N LYS A 23 7.31 4.63 -33.23
CA LYS A 23 7.09 5.57 -34.30
C LYS A 23 5.74 5.20 -34.99
N ASP A 24 4.89 6.20 -35.24
CA ASP A 24 3.65 6.03 -36.04
C ASP A 24 4.04 5.46 -37.40
N THR A 25 3.09 4.76 -37.95
CA THR A 25 3.16 4.25 -39.32
C THR A 25 1.96 4.74 -40.20
N LYS A 26 0.94 5.40 -39.62
CA LYS A 26 -0.15 6.06 -40.39
C LYS A 26 0.27 7.09 -41.48
N PRO A 27 -0.63 7.33 -42.48
CA PRO A 27 -0.26 8.19 -43.59
C PRO A 27 -0.51 9.63 -43.27
N MET A 28 0.46 10.50 -43.55
CA MET A 28 0.27 11.95 -43.39
C MET A 28 -0.31 12.49 -44.68
N GLY A 29 -0.92 13.65 -44.58
CA GLY A 29 -0.95 14.65 -45.65
C GLY A 29 0.14 14.57 -46.73
N ARG A 30 1.40 14.79 -46.34
CA ARG A 30 2.57 14.57 -47.23
C ARG A 30 3.09 13.11 -47.18
N SER A 31 2.84 12.30 -48.24
CA SER A 31 3.49 10.91 -48.30
C SER A 31 5.00 10.91 -48.09
N GLY A 32 5.69 11.68 -48.92
CA GLY A 32 7.10 11.62 -49.15
C GLY A 32 7.87 12.83 -48.59
N ALA A 33 7.14 13.95 -48.28
CA ALA A 33 7.59 15.34 -48.28
C ALA A 33 7.49 16.19 -46.98
N THR A 34 6.85 17.38 -46.95
CA THR A 34 7.05 18.39 -45.87
C THR A 34 6.75 18.00 -44.43
N SER A 35 5.57 17.46 -44.14
CA SER A 35 5.28 16.98 -42.76
C SER A 35 6.27 15.87 -42.36
N ARG A 36 6.55 14.96 -43.29
CA ARG A 36 7.53 13.93 -43.03
C ARG A 36 8.92 14.49 -42.75
N LYS A 37 9.42 15.36 -43.60
CA LYS A 37 10.74 15.98 -43.41
C LYS A 37 10.82 16.80 -42.08
N ALA A 38 9.71 17.40 -41.69
CA ALA A 38 9.64 18.19 -40.46
C ALA A 38 9.73 17.28 -39.26
N LEU A 39 9.06 16.14 -39.33
CA LEU A 39 9.10 15.15 -38.24
C LEU A 39 10.50 14.59 -38.07
N GLU A 40 11.11 14.20 -39.18
CA GLU A 40 12.54 13.81 -39.24
C GLU A 40 13.47 14.88 -38.62
N THR A 41 13.27 16.13 -38.96
CA THR A 41 14.09 17.19 -38.41
C THR A 41 13.91 17.25 -36.90
N LEU A 42 12.67 17.16 -36.47
CA LEU A 42 12.28 17.39 -35.09
C LEU A 42 12.83 16.29 -34.22
N ARG A 43 12.81 15.08 -34.77
CA ARG A 43 13.48 13.98 -34.14
C ARG A 43 14.95 14.27 -33.97
N ARG A 44 15.67 14.77 -34.98
CA ARG A 44 17.09 14.93 -34.84
C ARG A 44 17.39 16.09 -33.87
N VAL A 45 16.78 17.22 -34.06
CA VAL A 45 17.12 18.42 -33.32
C VAL A 45 16.57 18.40 -31.93
N GLY A 46 15.29 18.03 -31.81
CA GLY A 46 14.58 17.93 -30.54
C GLY A 46 15.06 16.80 -29.66
N ASP A 47 15.50 15.71 -30.25
CA ASP A 47 16.14 14.69 -29.43
C ASP A 47 17.45 15.25 -28.91
N GLY A 48 18.11 16.03 -29.70
CA GLY A 48 19.32 16.65 -29.28
C GLY A 48 19.14 17.61 -28.13
N VAL A 49 18.12 18.48 -28.14
CA VAL A 49 18.00 19.48 -27.07
C VAL A 49 17.60 18.76 -25.80
N GLN A 50 16.86 17.67 -25.91
CA GLN A 50 16.53 16.88 -24.72
C GLN A 50 17.75 16.21 -24.10
N ARG A 51 18.66 15.63 -24.87
CA ARG A 51 19.88 15.06 -24.32
C ARG A 51 20.77 16.11 -23.71
N ASN A 52 20.93 17.19 -24.42
CA ASN A 52 21.90 18.21 -24.07
C ASN A 52 21.46 19.08 -22.93
N HIS A 53 20.15 19.08 -22.63
CA HIS A 53 19.62 19.87 -21.49
C HIS A 53 18.74 19.00 -20.60
N GLU A 54 19.04 17.72 -20.51
CA GLU A 54 18.32 16.80 -19.63
C GLU A 54 18.26 17.39 -18.22
N THR A 55 19.37 17.91 -17.73
CA THR A 55 19.47 18.46 -16.38
C THR A 55 18.50 19.64 -16.17
N ALA A 56 18.64 20.69 -16.95
CA ALA A 56 17.73 21.86 -16.93
C ALA A 56 16.26 21.45 -17.00
N PHE A 57 15.95 20.54 -17.93
CA PHE A 57 14.57 20.06 -18.18
C PHE A 57 13.95 19.25 -17.04
N GLN A 58 14.73 18.38 -16.40
CA GLN A 58 14.27 17.63 -15.24
C GLN A 58 13.95 18.60 -14.15
N GLY A 59 14.81 19.61 -13.98
CA GLY A 59 14.61 20.63 -12.97
C GLY A 59 13.31 21.36 -13.13
N MET A 60 13.05 21.81 -14.35
CA MET A 60 11.79 22.47 -14.65
C MET A 60 10.58 21.54 -14.47
N LEU A 61 10.67 20.32 -14.97
CA LEU A 61 9.52 19.41 -14.91
C LEU A 61 9.17 19.12 -13.45
N ARG A 62 10.18 18.97 -12.61
CA ARG A 62 9.98 18.69 -11.18
C ARG A 62 9.23 19.87 -10.56
N LYS A 63 9.69 21.10 -10.75
CA LYS A 63 9.02 22.23 -10.11
C LYS A 63 7.67 22.69 -10.69
N LEU A 64 7.50 22.62 -12.00
CA LEU A 64 6.17 22.87 -12.56
C LEU A 64 5.13 21.86 -12.03
N ASP A 65 5.56 20.64 -11.72
CA ASP A 65 4.77 19.61 -11.04
C ASP A 65 3.50 19.25 -11.82
N ILE A 66 3.70 18.66 -12.99
CA ILE A 66 2.62 18.40 -13.93
C ILE A 66 1.95 17.06 -13.64
N LYS A 67 1.09 17.06 -12.62
CA LYS A 67 0.36 15.87 -12.18
C LYS A 67 -0.74 15.48 -13.19
N ASN A 68 -1.54 16.47 -13.60
CA ASN A 68 -2.85 16.27 -14.24
C ASN A 68 -3.11 17.25 -15.39
N GLU A 69 -4.36 17.66 -15.63
CA GLU A 69 -4.69 18.47 -16.82
C GLU A 69 -4.81 19.98 -16.56
N ASP A 70 -5.22 20.38 -15.35
CA ASP A 70 -5.12 21.79 -14.89
C ASP A 70 -3.70 22.30 -15.16
N ASP A 71 -2.74 21.50 -14.72
CA ASP A 71 -1.31 21.82 -14.83
C ASP A 71 -0.83 21.94 -16.28
N VAL A 72 -1.49 21.27 -17.22
CA VAL A 72 -1.17 21.41 -18.66
C VAL A 72 -1.46 22.84 -19.17
N LYS A 73 -2.52 23.48 -18.68
CA LYS A 73 -2.80 24.92 -18.99
C LYS A 73 -1.62 25.81 -18.55
N SER A 74 -0.93 25.49 -17.47
CA SER A 74 0.27 26.26 -17.06
C SER A 74 1.48 26.19 -18.00
N LEU A 75 1.53 25.24 -18.90
CA LEU A 75 2.59 25.28 -19.90
C LEU A 75 2.41 26.42 -20.91
N SER A 76 1.14 26.83 -21.12
CA SER A 76 0.79 27.91 -22.02
C SER A 76 1.37 29.17 -21.51
N ARG A 77 1.17 29.42 -20.23
CA ARG A 77 1.76 30.58 -19.60
C ARG A 77 3.24 30.54 -19.78
N VAL A 78 3.86 29.37 -19.73
CA VAL A 78 5.31 29.32 -19.92
C VAL A 78 5.67 29.81 -21.34
N MET A 79 4.98 29.30 -22.33
CA MET A 79 5.19 29.67 -23.76
C MET A 79 4.99 31.12 -24.04
N ILE A 80 3.92 31.68 -23.49
CA ILE A 80 3.70 33.09 -23.63
C ILE A 80 4.82 33.91 -22.99
N HIS A 81 5.30 33.57 -21.80
CA HIS A 81 6.41 34.30 -21.23
C HIS A 81 7.60 34.22 -22.18
N VAL A 82 7.87 33.04 -22.73
CA VAL A 82 9.04 32.90 -23.56
C VAL A 82 9.08 33.95 -24.65
N PHE A 83 7.92 34.18 -25.28
CA PHE A 83 7.86 35.04 -26.45
C PHE A 83 7.67 36.46 -26.11
N SER A 84 7.57 36.81 -24.83
CA SER A 84 7.11 38.12 -24.46
C SER A 84 8.05 39.23 -24.64
N ASP A 85 9.28 38.94 -25.01
CA ASP A 85 10.22 40.00 -25.36
C ASP A 85 10.22 40.37 -26.84
N GLY A 86 9.35 39.80 -27.65
CA GLY A 86 9.18 40.27 -29.02
C GLY A 86 9.89 39.45 -30.06
N VAL A 87 10.81 38.66 -29.61
CA VAL A 87 11.67 37.83 -30.45
C VAL A 87 11.02 36.43 -30.74
N THR A 88 11.15 35.99 -31.97
CA THR A 88 10.59 34.78 -32.45
C THR A 88 11.67 34.20 -33.35
N ASN A 89 12.10 32.98 -33.07
CA ASN A 89 12.91 32.26 -33.97
C ASN A 89 12.66 30.79 -33.86
N TRP A 90 13.25 30.03 -34.77
CA TRP A 90 13.00 28.59 -34.79
C TRP A 90 13.68 27.93 -33.60
N GLY A 91 14.77 28.49 -33.09
CA GLY A 91 15.40 27.89 -31.89
C GLY A 91 14.45 27.84 -30.71
N ARG A 92 13.82 28.98 -30.41
CA ARG A 92 12.78 29.01 -29.39
C ARG A 92 11.66 28.01 -29.71
N ILE A 93 11.21 27.97 -30.95
CA ILE A 93 10.16 27.08 -31.29
C ILE A 93 10.51 25.59 -31.08
N VAL A 94 11.65 25.15 -31.62
CA VAL A 94 12.01 23.71 -31.49
C VAL A 94 12.19 23.34 -30.04
N THR A 95 12.73 24.27 -29.23
CA THR A 95 12.96 24.04 -27.82
C THR A 95 11.67 23.90 -27.07
N LEU A 96 10.62 24.67 -27.38
CA LEU A 96 9.32 24.43 -26.73
C LEU A 96 8.75 23.08 -27.04
N ILE A 97 8.87 22.69 -28.30
CA ILE A 97 8.33 21.43 -28.72
C ILE A 97 9.10 20.35 -28.02
N SER A 98 10.43 20.51 -27.91
CA SER A 98 11.20 19.44 -27.27
C SER A 98 10.93 19.35 -25.78
N PHE A 99 10.70 20.49 -25.17
CA PHE A 99 10.24 20.42 -23.79
C PHE A 99 8.86 19.81 -23.70
N GLY A 100 8.01 19.99 -24.70
CA GLY A 100 6.71 19.33 -24.72
C GLY A 100 6.80 17.81 -24.78
N ALA A 101 7.78 17.32 -25.53
CA ALA A 101 8.04 15.90 -25.60
C ALA A 101 8.53 15.33 -24.29
N PHE A 102 9.40 16.09 -23.64
CA PHE A 102 9.93 15.72 -22.33
C PHE A 102 8.75 15.55 -21.36
N VAL A 103 7.83 16.51 -21.31
CA VAL A 103 6.68 16.39 -20.39
C VAL A 103 5.74 15.26 -20.90
N ALA A 104 5.65 15.01 -22.19
CA ALA A 104 4.79 13.92 -22.66
C ALA A 104 5.29 12.56 -22.21
N LYS A 105 6.60 12.37 -22.23
CA LYS A 105 7.23 11.14 -21.68
C LYS A 105 6.87 10.96 -20.22
N HIS A 106 6.88 12.08 -19.51
CA HIS A 106 6.59 12.07 -18.11
C HIS A 106 5.15 11.68 -17.79
N LEU A 107 4.21 12.24 -18.55
CA LEU A 107 2.78 11.95 -18.39
C LEU A 107 2.47 10.48 -18.61
N LYS A 108 3.13 9.91 -19.63
CA LYS A 108 3.02 8.47 -19.91
C LYS A 108 3.47 7.61 -18.75
N THR A 109 4.56 8.00 -18.06
CA THR A 109 5.01 7.24 -16.90
C THR A 109 4.07 7.35 -15.69
N ILE A 110 3.24 8.39 -15.59
CA ILE A 110 2.19 8.45 -14.58
C ILE A 110 0.77 7.96 -15.04
N ASN A 111 0.67 7.27 -16.17
CA ASN A 111 -0.64 6.89 -16.75
C ASN A 111 -1.59 8.09 -16.90
N GLN A 112 -1.07 9.18 -17.45
CA GLN A 112 -1.87 10.31 -17.91
C GLN A 112 -1.66 10.47 -19.41
N GLU A 113 -1.56 9.36 -20.15
CA GLU A 113 -1.34 9.35 -21.64
C GLU A 113 -2.41 10.17 -22.35
N SER A 114 -3.63 10.15 -21.81
CA SER A 114 -4.73 10.90 -22.40
C SER A 114 -4.53 12.43 -22.34
N CYS A 115 -3.67 12.94 -21.43
CA CYS A 115 -3.25 14.36 -21.44
C CYS A 115 -2.20 14.71 -22.48
N ILE A 116 -1.72 13.76 -23.28
CA ILE A 116 -0.70 14.06 -24.30
C ILE A 116 -1.27 14.79 -25.49
N GLU A 117 -2.45 14.43 -25.96
CA GLU A 117 -3.02 15.18 -27.06
C GLU A 117 -3.40 16.62 -26.68
N PRO A 118 -4.17 16.81 -25.56
CA PRO A 118 -4.36 18.17 -25.02
C PRO A 118 -3.09 19.01 -24.90
N LEU A 119 -2.00 18.40 -24.47
CA LEU A 119 -0.74 19.10 -24.35
C LEU A 119 -0.29 19.58 -25.72
N ALA A 120 -0.42 18.70 -26.69
CA ALA A 120 0.06 19.00 -28.05
C ALA A 120 -0.85 20.00 -28.72
N GLU A 121 -2.19 19.89 -28.52
CA GLU A 121 -3.16 20.88 -29.02
C GLU A 121 -2.83 22.24 -28.46
N SER A 122 -2.39 22.27 -27.21
CA SER A 122 -2.08 23.49 -26.53
C SER A 122 -0.79 24.18 -26.95
N ILE A 123 0.26 23.43 -27.19
CA ILE A 123 1.47 24.00 -27.80
C ILE A 123 1.15 24.53 -29.17
N THR A 124 0.43 23.75 -29.97
CA THR A 124 0.12 24.16 -31.30
C THR A 124 -0.68 25.45 -31.30
N ASP A 125 -1.65 25.53 -30.41
CA ASP A 125 -2.63 26.63 -30.37
C ASP A 125 -1.91 27.92 -30.05
N VAL A 126 -0.97 27.92 -29.13
CA VAL A 126 -0.19 29.11 -28.86
C VAL A 126 0.64 29.50 -30.08
N LEU A 127 1.35 28.53 -30.63
CA LEU A 127 2.31 28.78 -31.67
C LEU A 127 1.64 29.34 -32.90
N VAL A 128 0.55 28.75 -33.31
CA VAL A 128 -0.08 29.14 -34.52
C VAL A 128 -0.93 30.40 -34.35
N ARG A 129 -1.69 30.48 -33.28
CA ARG A 129 -2.61 31.54 -33.07
C ARG A 129 -1.74 32.83 -32.80
N THR A 130 -0.64 32.76 -32.09
CA THR A 130 0.13 33.99 -31.79
C THR A 130 1.25 34.31 -32.74
N LYS A 131 1.73 33.33 -33.53
CA LYS A 131 2.80 33.57 -34.53
C LYS A 131 2.39 33.18 -35.97
N ARG A 132 1.11 33.03 -36.23
CA ARG A 132 0.71 32.70 -37.58
C ARG A 132 1.41 33.46 -38.76
N ASP A 133 1.35 34.79 -38.77
CA ASP A 133 1.95 35.51 -39.84
C ASP A 133 3.45 35.26 -39.87
N TRP A 134 4.12 35.25 -38.72
CA TRP A 134 5.57 34.93 -38.73
C TRP A 134 5.82 33.59 -39.41
N LEU A 135 5.07 32.57 -39.04
CA LEU A 135 5.27 31.22 -39.63
C LEU A 135 5.06 31.22 -41.14
N VAL A 136 4.01 31.88 -41.60
CA VAL A 136 3.77 31.97 -42.99
C VAL A 136 4.94 32.70 -43.66
N LYS A 137 5.44 33.79 -43.12
CA LYS A 137 6.50 34.52 -43.78
C LYS A 137 7.74 33.63 -43.85
N GLN A 138 7.97 32.75 -42.89
CA GLN A 138 9.11 31.86 -42.92
C GLN A 138 8.94 30.63 -43.80
N ARG A 139 7.90 30.59 -44.62
CA ARG A 139 7.56 29.45 -45.37
C ARG A 139 7.16 28.24 -44.51
N GLY A 140 6.59 28.48 -43.32
CA GLY A 140 6.05 27.40 -42.49
C GLY A 140 7.02 26.30 -42.17
N TRP A 141 6.54 25.09 -42.15
CA TRP A 141 7.36 23.95 -41.86
C TRP A 141 8.45 23.69 -42.91
N ASP A 142 8.23 24.06 -44.16
CA ASP A 142 9.35 24.10 -45.11
C ASP A 142 10.50 24.94 -44.59
N GLY A 143 10.24 26.10 -44.05
CA GLY A 143 11.31 26.91 -43.47
C GLY A 143 12.02 26.31 -42.29
N PHE A 144 11.25 25.66 -41.41
CA PHE A 144 11.76 24.87 -40.30
C PHE A 144 12.79 23.83 -40.80
N VAL A 145 12.37 23.04 -41.77
CA VAL A 145 13.22 22.00 -42.28
C VAL A 145 14.47 22.57 -42.90
N GLU A 146 14.35 23.69 -43.58
CA GLU A 146 15.48 24.30 -44.21
C GLU A 146 16.45 24.84 -43.13
N PHE A 147 15.92 25.45 -42.08
CA PHE A 147 16.75 26.15 -41.10
C PHE A 147 17.68 25.18 -40.37
N PHE A 148 17.21 23.93 -40.13
CA PHE A 148 17.92 22.94 -39.34
C PHE A 148 18.59 21.91 -40.20
N HIS A 149 18.46 21.99 -41.49
CA HIS A 149 18.98 20.94 -42.35
C HIS A 149 20.51 20.95 -42.36
N VAL A 150 21.12 19.77 -42.31
CA VAL A 150 22.59 19.64 -42.35
C VAL A 150 23.06 18.72 -43.49
N GLU A 151 23.65 19.28 -44.55
CA GLU A 151 24.36 18.45 -45.56
C GLU A 151 25.52 19.17 -46.25
N ASP B 1 34.73 35.81 -43.74
CA ASP B 1 35.56 34.57 -43.46
C ASP B 1 35.01 33.74 -42.25
N PRO B 2 35.39 32.43 -42.16
CA PRO B 2 34.91 31.54 -41.07
C PRO B 2 35.08 32.02 -39.63
N LYS B 3 36.12 32.80 -39.35
CA LYS B 3 36.36 33.29 -37.99
C LYS B 3 35.24 34.21 -37.56
N LYS B 4 34.75 35.09 -38.44
CA LYS B 4 33.64 35.99 -38.09
C LYS B 4 32.31 35.28 -37.83
N VAL B 5 32.06 34.20 -38.55
CA VAL B 5 30.92 33.34 -38.27
C VAL B 5 30.99 32.79 -36.83
N LEU B 6 32.08 32.09 -36.55
CA LEU B 6 32.30 31.50 -35.25
C LEU B 6 32.34 32.55 -34.14
N ASP B 7 32.93 33.71 -34.41
CA ASP B 7 33.04 34.78 -33.41
C ASP B 7 31.64 35.29 -33.09
N LYS B 8 30.78 35.37 -34.11
CA LYS B 8 29.42 35.87 -33.94
C LYS B 8 28.66 34.91 -33.04
N ALA B 9 28.76 33.62 -33.37
CA ALA B 9 28.11 32.57 -32.61
C ALA B 9 28.55 32.62 -31.15
N LYS B 10 29.84 32.76 -30.95
CA LYS B 10 30.38 32.91 -29.63
C LYS B 10 29.82 34.09 -28.85
N ASP B 11 29.73 35.26 -29.45
CA ASP B 11 29.10 36.42 -28.78
C ASP B 11 27.66 36.15 -28.40
N GLN B 12 26.89 35.62 -29.36
CA GLN B 12 25.50 35.36 -29.15
C GLN B 12 25.37 34.48 -27.92
N ALA B 13 26.08 33.37 -27.93
CA ALA B 13 26.00 32.39 -26.84
C ALA B 13 26.34 33.01 -25.53
N GLU B 14 27.44 33.74 -25.49
CA GLU B 14 27.94 34.37 -24.27
C GLU B 14 26.87 35.29 -23.73
N ASN B 15 26.33 36.18 -24.57
CA ASN B 15 25.24 37.10 -24.16
C ASN B 15 23.98 36.41 -23.73
N ARG B 16 23.60 35.37 -24.41
CA ARG B 16 22.42 34.65 -24.01
C ARG B 16 22.55 34.02 -22.62
N VAL B 17 23.73 33.49 -22.32
CA VAL B 17 24.04 32.92 -21.00
C VAL B 17 24.14 34.03 -19.92
N ARG B 18 24.78 35.16 -20.23
CA ARG B 18 24.80 36.30 -19.34
C ARG B 18 23.39 36.74 -18.97
N GLU B 19 22.54 36.87 -19.99
CA GLU B 19 21.13 37.26 -19.86
C GLU B 19 20.36 36.26 -19.00
N LEU B 20 20.62 34.98 -19.19
CA LEU B 20 19.95 33.97 -18.39
C LEU B 20 20.28 34.09 -16.92
N LYS B 21 21.55 34.41 -16.64
CA LYS B 21 22.05 34.55 -15.26
C LYS B 21 21.40 35.75 -14.57
N GLN B 22 21.47 36.90 -15.22
CA GLN B 22 20.82 38.15 -14.75
C GLN B 22 19.36 37.90 -14.38
N VAL B 23 18.66 37.15 -15.21
CA VAL B 23 17.22 37.00 -15.09
C VAL B 23 16.93 36.14 -13.87
N LEU B 24 17.63 35.02 -13.77
CA LEU B 24 17.51 34.14 -12.62
C LEU B 24 18.00 34.81 -11.27
N GLU B 25 19.06 35.64 -11.30
CA GLU B 25 19.43 36.45 -10.16
C GLU B 25 18.26 37.34 -9.76
N GLU B 26 17.72 38.13 -10.68
CA GLU B 26 16.62 39.04 -10.35
C GLU B 26 15.43 38.28 -9.84
N LEU B 27 15.14 37.14 -10.42
CA LEU B 27 14.06 36.30 -9.93
C LEU B 27 14.25 35.84 -8.46
N TYR B 28 15.48 35.46 -8.10
CA TYR B 28 15.79 35.00 -6.73
C TYR B 28 15.64 36.19 -5.77
N LYS B 29 16.27 37.32 -6.12
CA LYS B 29 16.14 38.54 -5.33
C LYS B 29 14.72 38.98 -5.01
N GLU B 30 13.74 38.63 -5.85
CA GLU B 30 12.31 38.91 -5.57
C GLU B 30 11.63 37.78 -4.79
N ALA B 31 11.97 36.53 -5.09
CA ALA B 31 11.47 35.37 -4.31
C ALA B 31 11.87 35.41 -2.83
N ARG B 32 13.07 35.93 -2.55
CA ARG B 32 13.55 36.02 -1.18
C ARG B 32 12.85 37.13 -0.37
N LYS B 33 12.71 38.31 -0.98
CA LYS B 33 12.06 39.49 -0.38
C LYS B 33 10.58 39.34 -0.08
N LEU B 34 9.84 38.79 -1.03
CA LEU B 34 8.39 38.60 -0.91
C LEU B 34 8.04 37.43 0.02
N ASP B 35 6.79 37.47 0.45
CA ASP B 35 6.17 36.40 1.20
C ASP B 35 5.35 35.62 0.17
N LEU B 36 5.82 34.46 -0.24
CA LEU B 36 5.25 33.80 -1.41
C LEU B 36 4.00 33.03 -1.12
N THR B 37 2.85 33.59 -1.46
CA THR B 37 1.64 32.78 -1.62
C THR B 37 1.88 31.60 -2.59
N GLN B 38 1.02 30.59 -2.54
CA GLN B 38 1.07 29.40 -3.43
C GLN B 38 1.08 29.83 -4.91
N GLU B 39 0.18 30.77 -5.25
CA GLU B 39 0.10 31.48 -6.53
C GLU B 39 1.45 32.11 -6.90
N MET B 40 1.95 33.05 -6.10
CA MET B 40 3.18 33.79 -6.42
C MET B 40 4.38 32.85 -6.60
N ARG B 41 4.40 31.73 -5.89
CA ARG B 41 5.40 30.67 -6.16
C ARG B 41 5.24 30.01 -7.53
N LYS B 42 3.99 29.68 -7.86
CA LYS B 42 3.65 29.10 -9.15
C LYS B 42 4.10 30.02 -10.32
N LYS B 43 3.85 31.32 -10.18
CA LYS B 43 4.24 32.32 -11.18
C LYS B 43 5.75 32.38 -11.30
N LEU B 44 6.42 32.48 -10.17
CA LEU B 44 7.88 32.54 -10.14
C LEU B 44 8.54 31.33 -10.81
N ILE B 45 7.95 30.12 -10.64
CA ILE B 45 8.52 28.84 -11.22
C ILE B 45 8.27 28.88 -12.72
N GLU B 46 7.11 29.38 -13.13
CA GLU B 46 6.82 29.64 -14.56
C GLU B 46 7.76 30.63 -15.28
N ARG B 47 8.10 31.73 -14.65
CA ARG B 47 9.11 32.62 -15.15
C ARG B 47 10.45 31.98 -15.27
N TYR B 48 10.82 31.11 -14.34
CA TYR B 48 12.15 30.41 -14.38
C TYR B 48 12.23 29.43 -15.54
N ALA B 49 11.21 28.61 -15.68
CA ALA B 49 11.15 27.70 -16.81
C ALA B 49 11.21 28.47 -18.15
N ALA B 50 10.48 29.60 -18.26
CA ALA B 50 10.52 30.40 -19.46
C ALA B 50 11.89 30.95 -19.69
N ALA B 51 12.56 31.37 -18.65
CA ALA B 51 13.89 31.98 -18.85
C ALA B 51 14.88 30.99 -19.46
N ILE B 52 14.75 29.73 -19.03
CA ILE B 52 15.63 28.65 -19.41
C ILE B 52 15.31 28.29 -20.85
N ILE B 53 14.03 28.08 -21.14
CA ILE B 53 13.61 27.72 -22.50
C ILE B 53 14.03 28.80 -23.47
N ARG B 54 13.91 30.06 -23.05
CA ARG B 54 14.35 31.17 -23.88
C ARG B 54 15.87 31.03 -24.18
N ALA B 55 16.69 30.77 -23.17
CA ALA B 55 18.12 30.81 -23.36
C ALA B 55 18.55 29.62 -24.21
N ILE B 56 18.03 28.44 -23.90
CA ILE B 56 18.34 27.26 -24.67
C ILE B 56 17.90 27.47 -26.12
N GLY B 57 16.74 28.08 -26.33
CA GLY B 57 16.24 28.37 -27.69
C GLY B 57 17.09 29.35 -28.45
N ASP B 58 17.55 30.38 -27.78
CA ASP B 58 18.41 31.33 -28.46
C ASP B 58 19.83 30.85 -28.74
N ILE B 59 20.34 29.98 -27.90
CA ILE B 59 21.66 29.46 -28.12
C ILE B 59 21.54 28.62 -29.35
N ASN B 60 20.57 27.74 -29.32
CA ASN B 60 20.35 26.81 -30.38
C ASN B 60 20.19 27.57 -31.68
N ASN B 61 19.46 28.67 -31.62
CA ASN B 61 19.19 29.44 -32.81
C ASN B 61 20.49 30.09 -33.29
N ALA B 62 21.39 30.46 -32.40
CA ALA B 62 22.64 31.10 -32.82
C ALA B 62 23.51 30.12 -33.52
N ILE B 63 23.54 28.91 -32.99
CA ILE B 63 24.36 27.85 -33.51
C ILE B 63 23.90 27.44 -34.91
N TYR B 64 22.62 27.16 -35.10
CA TYR B 64 22.13 26.78 -36.42
C TYR B 64 22.09 27.97 -37.38
N GLN B 65 22.06 29.20 -36.86
CA GLN B 65 22.25 30.39 -37.71
C GLN B 65 23.67 30.38 -38.32
N ALA B 66 24.69 30.13 -37.48
CA ALA B 66 26.06 29.95 -37.92
C ALA B 66 26.22 28.76 -38.87
N LYS B 67 25.58 27.62 -38.63
CA LYS B 67 25.51 26.52 -39.63
C LYS B 67 24.99 27.03 -40.95
N GLN B 68 24.03 27.92 -40.99
CA GLN B 68 23.55 28.44 -42.27
C GLN B 68 24.55 29.38 -42.94
N GLU B 69 25.16 30.25 -42.15
CA GLU B 69 26.23 31.13 -42.59
C GLU B 69 27.46 30.38 -43.15
N ALA B 70 27.84 29.28 -42.50
CA ALA B 70 28.93 28.43 -42.96
C ALA B 70 28.56 27.71 -44.25
N GLU B 71 27.40 27.05 -44.26
CA GLU B 71 26.89 26.35 -45.45
C GLU B 71 26.79 27.26 -46.68
N LYS B 72 26.56 28.56 -46.46
CA LYS B 72 26.53 29.56 -47.53
C LYS B 72 27.91 29.91 -48.11
N LEU B 73 28.87 30.12 -47.23
CA LEU B 73 30.26 30.28 -47.65
C LEU B 73 30.75 29.11 -48.55
N LYS B 74 30.33 27.88 -48.24
CA LYS B 74 30.71 26.74 -49.03
C LYS B 74 30.13 26.79 -50.44
N LYS B 75 28.90 27.25 -50.62
CA LYS B 75 28.36 27.42 -51.95
C LYS B 75 28.95 28.64 -52.68
N ALA B 76 29.54 29.58 -51.94
CA ALA B 76 30.35 30.66 -52.52
C ALA B 76 31.86 30.34 -52.50
N GLY B 77 32.23 29.08 -52.73
CA GLY B 77 33.60 28.57 -52.50
C GLY B 77 34.62 29.46 -51.78
N LEU B 78 34.19 30.10 -50.70
CA LEU B 78 35.02 31.00 -49.87
C LEU B 78 35.62 30.24 -48.67
N VAL B 79 35.21 28.98 -48.53
CA VAL B 79 35.78 28.00 -47.59
C VAL B 79 35.84 26.63 -48.26
N ASN B 80 37.00 25.99 -48.15
CA ASN B 80 37.13 24.58 -48.63
C ASN B 80 36.47 23.67 -47.61
N SER B 81 36.11 22.46 -48.04
CA SER B 81 35.28 21.57 -47.21
C SER B 81 35.94 21.05 -45.92
N GLN B 82 37.25 21.24 -45.77
CA GLN B 82 37.93 21.01 -44.49
C GLN B 82 37.67 22.15 -43.50
N GLN B 83 37.90 23.39 -43.94
CA GLN B 83 37.57 24.58 -43.12
C GLN B 83 36.09 24.64 -42.62
N LEU B 84 35.16 24.20 -43.48
CA LEU B 84 33.77 24.00 -43.13
C LEU B 84 33.69 23.06 -41.94
N ASP B 85 34.41 21.96 -42.01
CA ASP B 85 34.38 20.97 -40.94
C ASP B 85 35.07 21.39 -39.66
N GLU B 86 36.15 22.16 -39.73
CA GLU B 86 36.66 22.76 -38.49
C GLU B 86 35.63 23.71 -37.84
N LEU B 87 34.85 24.41 -38.68
CA LEU B 87 33.79 25.31 -38.23
C LEU B 87 32.65 24.52 -37.60
N LEU B 88 32.04 23.59 -38.35
CA LEU B 88 30.94 22.80 -37.77
C LEU B 88 31.35 22.04 -36.49
N ARG B 89 32.63 21.75 -36.33
CA ARG B 89 33.11 21.11 -35.12
C ARG B 89 33.20 22.11 -34.00
N ARG B 90 33.80 23.28 -34.23
CA ARG B 90 33.89 24.30 -33.19
C ARG B 90 32.51 24.90 -32.80
N LEU B 91 31.55 24.81 -33.71
CA LEU B 91 30.19 25.18 -33.38
C LEU B 91 29.57 24.15 -32.48
N ASP B 92 29.79 22.89 -32.80
CA ASP B 92 29.28 21.81 -31.97
C ASP B 92 29.86 21.87 -30.55
N GLU B 93 31.12 22.26 -30.47
CA GLU B 93 31.81 22.46 -29.21
C GLU B 93 31.17 23.64 -28.48
N LEU B 94 30.88 24.70 -29.22
CA LEU B 94 30.26 25.86 -28.60
C LEU B 94 28.88 25.51 -28.06
N GLN B 95 28.13 24.69 -28.80
CA GLN B 95 26.80 24.33 -28.38
C GLN B 95 26.87 23.64 -27.06
N LYS B 96 27.78 22.68 -26.95
CA LYS B 96 27.95 21.94 -25.73
C LYS B 96 28.42 22.75 -24.57
N GLU B 97 29.35 23.64 -24.80
CA GLU B 97 29.83 24.47 -23.75
C GLU B 97 28.78 25.52 -23.22
N ALA B 98 27.87 25.99 -24.07
CA ALA B 98 26.71 26.79 -23.63
C ALA B 98 25.61 25.95 -22.98
N SER B 99 25.27 24.79 -23.52
CA SER B 99 24.32 23.88 -22.86
C SER B 99 24.73 23.51 -21.45
N ARG B 100 26.02 23.37 -21.22
CA ARG B 100 26.49 23.07 -19.86
C ARG B 100 26.24 24.29 -18.94
N LYS B 101 26.41 25.52 -19.42
CA LYS B 101 26.02 26.68 -18.59
C LYS B 101 24.53 26.89 -18.29
N ALA B 102 23.70 26.59 -19.25
CA ALA B 102 22.30 26.59 -19.03
C ALA B 102 21.93 25.56 -18.00
N ASN B 103 22.47 24.36 -18.10
CA ASN B 103 22.12 23.31 -17.13
C ASN B 103 22.59 23.66 -15.72
N GLU B 104 23.76 24.29 -15.65
CA GLU B 104 24.37 24.70 -14.39
C GLU B 104 23.45 25.71 -13.70
N TYR B 105 23.11 26.80 -14.37
CA TYR B 105 22.28 27.83 -13.79
C TYR B 105 20.87 27.33 -13.49
N GLY B 106 20.33 26.47 -14.35
CA GLY B 106 19.02 25.82 -14.10
C GLY B 106 19.00 25.11 -12.75
N ARG B 107 20.02 24.32 -12.51
CA ARG B 107 20.12 23.59 -11.26
C ARG B 107 20.40 24.47 -10.06
N GLU B 108 21.31 25.43 -10.21
CA GLU B 108 21.62 26.39 -9.14
C GLU B 108 20.35 27.04 -8.65
N PHE B 109 19.54 27.55 -9.57
CA PHE B 109 18.24 28.10 -9.24
C PHE B 109 17.30 27.06 -8.60
N GLU B 110 17.31 25.84 -9.13
CA GLU B 110 16.46 24.76 -8.63
C GLU B 110 16.70 24.45 -7.15
N LEU B 111 17.98 24.51 -6.74
CA LEU B 111 18.40 24.34 -5.34
C LEU B 111 18.04 25.57 -4.50
N LYS B 112 18.21 26.79 -5.04
CA LYS B 112 17.80 28.00 -4.32
C LYS B 112 16.31 28.00 -4.01
N LEU B 113 15.52 27.32 -4.83
CA LEU B 113 14.10 27.19 -4.56
C LEU B 113 13.74 26.17 -3.49
N GLU B 114 14.45 25.04 -3.45
CA GLU B 114 14.22 24.00 -2.41
C GLU B 114 14.79 24.35 -1.03
N TYR B 115 16.05 24.81 -1.05
CA TYR B 115 16.95 24.94 0.10
C TYR B 115 17.35 26.34 0.49
N GLY B 116 17.61 27.18 -0.51
CA GLY B 116 18.33 28.41 -0.22
C GLY B 116 17.49 29.43 0.51
N ASP C 1 16.34 13.43 20.82
CA ASP C 1 14.88 13.33 20.88
C ASP C 1 14.17 14.03 19.71
N GLU C 2 13.82 13.29 18.68
CA GLU C 2 13.38 13.93 17.44
C GLU C 2 12.07 14.61 17.59
N LEU C 3 11.11 13.94 18.19
CA LEU C 3 9.79 14.52 18.31
C LEU C 3 9.78 15.83 19.11
N TYR C 4 10.60 15.92 20.14
CA TYR C 4 10.72 17.16 20.90
C TYR C 4 11.32 18.23 20.06
N ARG C 5 12.43 17.91 19.40
CA ARG C 5 13.08 18.88 18.55
C ARG C 5 12.13 19.46 17.51
N GLN C 6 11.41 18.60 16.83
CA GLN C 6 10.54 19.00 15.76
C GLN C 6 9.39 19.86 16.25
N SER C 7 8.73 19.42 17.33
CA SER C 7 7.63 20.12 17.98
C SER C 7 8.06 21.47 18.47
N LEU C 8 9.27 21.59 19.00
CA LEU C 8 9.76 22.89 19.47
C LEU C 8 9.98 23.87 18.33
N GLU C 9 10.61 23.41 17.26
CA GLU C 9 10.77 24.19 16.04
C GLU C 9 9.47 24.74 15.52
N ILE C 10 8.45 23.89 15.40
CA ILE C 10 7.19 24.36 14.85
C ILE C 10 6.55 25.36 15.80
N ILE C 11 6.42 25.02 17.08
CA ILE C 11 5.72 25.86 18.04
C ILE C 11 6.49 27.17 18.27
N SER C 12 7.80 27.04 18.41
CA SER C 12 8.64 28.17 18.64
C SER C 12 8.53 29.20 17.50
N ARG C 13 8.53 28.74 16.26
CA ARG C 13 8.46 29.64 15.09
C ARG C 13 7.13 30.30 14.90
N TYR C 14 6.05 29.55 15.07
CA TYR C 14 4.73 30.14 15.01
C TYR C 14 4.62 31.28 16.01
N LEU C 15 5.02 31.03 17.26
CA LEU C 15 4.94 32.07 18.28
C LEU C 15 5.77 33.31 17.91
N ARG C 16 7.00 33.12 17.42
CA ARG C 16 7.81 34.25 16.97
C ARG C 16 7.18 35.05 15.79
N GLU C 17 6.82 34.38 14.71
CA GLU C 17 6.05 34.99 13.62
C GLU C 17 4.88 35.82 14.06
N GLN C 18 4.08 35.23 14.95
CA GLN C 18 2.86 35.87 15.42
C GLN C 18 3.19 37.12 16.19
N ALA C 19 4.16 37.05 17.08
CA ALA C 19 4.57 38.20 17.89
C ALA C 19 5.10 39.35 17.04
N THR C 20 5.89 39.02 16.03
CA THR C 20 6.62 39.98 15.23
C THR C 20 5.80 40.42 13.99
N GLY C 21 4.96 39.56 13.44
CA GLY C 21 4.37 39.81 12.13
C GLY C 21 5.25 39.36 10.96
N ALA C 22 6.54 39.06 11.19
CA ALA C 22 7.51 38.63 10.14
C ALA C 22 7.73 37.10 10.13
N LYS C 23 7.52 36.48 8.97
CA LYS C 23 7.65 35.06 8.81
C LYS C 23 9.17 34.73 8.70
N ASP C 24 9.63 33.70 9.42
CA ASP C 24 11.00 33.15 9.26
C ASP C 24 11.25 32.78 7.82
N THR C 25 12.48 32.89 7.38
CA THR C 25 12.91 32.40 6.07
C THR C 25 14.09 31.40 6.13
N LYS C 26 14.66 31.16 7.33
CA LYS C 26 15.58 30.03 7.60
C LYS C 26 15.10 28.59 7.20
N PRO C 27 16.08 27.68 6.94
CA PRO C 27 15.72 26.34 6.50
C PRO C 27 15.38 25.43 7.66
N MET C 28 14.29 24.70 7.54
CA MET C 28 13.93 23.71 8.56
C MET C 28 14.60 22.40 8.18
N GLY C 29 14.73 21.53 9.17
CA GLY C 29 14.69 20.08 8.98
C GLY C 29 14.03 19.58 7.69
N ARG C 30 12.72 19.79 7.56
CA ARG C 30 11.99 19.51 6.30
C ARG C 30 12.07 20.73 5.31
N SER C 31 12.91 20.63 4.23
CA SER C 31 13.08 21.64 3.10
C SER C 31 12.03 21.50 1.94
N GLY C 32 10.82 21.27 2.37
CA GLY C 32 9.68 21.02 1.45
C GLY C 32 8.36 20.56 2.13
N ALA C 33 8.48 19.79 3.27
CA ALA C 33 7.56 18.78 3.76
C ALA C 33 6.99 18.94 5.17
N THR C 34 7.10 17.97 6.10
CA THR C 34 6.25 17.94 7.34
C THR C 34 6.30 19.12 8.31
N SER C 35 7.46 19.60 8.73
CA SER C 35 7.50 20.79 9.57
C SER C 35 6.92 21.99 8.84
N ARG C 36 7.26 22.15 7.56
CA ARG C 36 6.68 23.24 6.71
C ARG C 36 5.16 23.12 6.65
N LYS C 37 4.64 21.95 6.32
CA LYS C 37 3.19 21.75 6.21
C LYS C 37 2.47 21.97 7.55
N ALA C 38 3.13 21.63 8.65
CA ALA C 38 2.58 21.79 9.99
C ALA C 38 2.48 23.25 10.31
N LEU C 39 3.50 24.01 9.93
CA LEU C 39 3.52 25.43 10.18
C LEU C 39 2.38 26.11 9.38
N GLU C 40 2.29 25.79 8.10
CA GLU C 40 1.21 26.25 7.23
C GLU C 40 -0.17 25.91 7.85
N THR C 41 -0.34 24.71 8.35
CA THR C 41 -1.62 24.33 8.97
C THR C 41 -1.93 25.20 10.20
N LEU C 42 -0.92 25.45 10.99
CA LEU C 42 -1.04 26.10 12.28
C LEU C 42 -1.38 27.55 12.03
N ARG C 43 -0.79 28.12 10.99
CA ARG C 43 -1.16 29.46 10.54
C ARG C 43 -2.60 29.54 10.16
N ARG C 44 -3.13 28.59 9.40
CA ARG C 44 -4.50 28.70 8.97
C ARG C 44 -5.42 28.49 10.18
N VAL C 45 -5.21 27.45 10.96
CA VAL C 45 -6.16 27.00 11.96
C VAL C 45 -6.08 27.84 13.17
N GLY C 46 -4.86 28.07 13.60
CA GLY C 46 -4.56 28.87 14.79
C GLY C 46 -4.79 30.36 14.60
N ASP C 47 -4.60 30.88 13.41
CA ASP C 47 -5.07 32.22 13.19
C ASP C 47 -6.60 32.29 13.22
N GLY C 48 -7.25 31.25 12.72
CA GLY C 48 -8.68 31.13 12.87
C GLY C 48 -9.22 31.08 14.29
N VAL C 49 -8.62 30.30 15.20
CA VAL C 49 -9.14 30.24 16.54
C VAL C 49 -8.88 31.57 17.24
N GLN C 50 -7.78 32.26 16.94
CA GLN C 50 -7.55 33.58 17.51
C GLN C 50 -8.59 34.61 17.05
N ARG C 51 -8.97 34.66 15.75
CA ARG C 51 -10.01 35.60 15.30
C ARG C 51 -11.37 35.28 15.87
N ASN C 52 -11.70 34.02 15.86
CA ASN C 52 -13.00 33.56 16.26
C ASN C 52 -13.24 33.56 17.77
N HIS C 53 -12.17 33.62 18.56
CA HIS C 53 -12.28 33.66 20.03
C HIS C 53 -11.45 34.80 20.60
N GLU C 54 -11.27 35.86 19.84
CA GLU C 54 -10.55 37.03 20.31
C GLU C 54 -11.09 37.48 21.67
N THR C 55 -12.41 37.52 21.81
CA THR C 55 -13.07 37.99 23.04
C THR C 55 -12.70 37.10 24.26
N ALA C 56 -13.01 35.83 24.20
CA ALA C 56 -12.61 34.87 25.23
C ALA C 56 -11.13 35.02 25.62
N PHE C 57 -10.26 35.06 24.61
CA PHE C 57 -8.81 35.07 24.79
C PHE C 57 -8.29 36.34 25.46
N GLN C 58 -8.84 37.48 25.10
CA GLN C 58 -8.49 38.78 25.72
C GLN C 58 -8.88 38.73 27.17
N GLY C 59 -10.04 38.15 27.46
CA GLY C 59 -10.50 37.97 28.82
C GLY C 59 -9.55 37.17 29.68
N MET C 60 -9.13 36.02 29.16
CA MET C 60 -8.19 35.17 29.85
C MET C 60 -6.84 35.87 30.03
N LEU C 61 -6.34 36.49 28.98
CA LEU C 61 -5.02 37.11 29.05
C LEU C 61 -5.01 38.22 30.08
N ARG C 62 -6.12 38.93 30.17
CA ARG C 62 -6.23 40.07 31.15
C ARG C 62 -6.18 39.55 32.57
N LYS C 63 -7.01 38.56 32.90
CA LYS C 63 -7.02 38.00 34.24
C LYS C 63 -5.77 37.17 34.66
N LEU C 64 -5.18 36.37 33.75
CA LEU C 64 -3.92 35.68 34.07
C LEU C 64 -2.77 36.64 34.37
N ASP C 65 -2.80 37.82 33.76
CA ASP C 65 -1.93 38.95 34.06
C ASP C 65 -0.46 38.61 33.88
N ILE C 66 -0.09 38.32 32.63
CA ILE C 66 1.23 37.78 32.32
C ILE C 66 2.21 38.93 32.10
N LYS C 67 2.70 39.50 33.20
CA LYS C 67 3.67 40.60 33.23
C LYS C 67 5.08 40.14 32.80
N ASN C 68 5.54 39.03 33.39
CA ASN C 68 6.97 38.63 33.42
C ASN C 68 7.16 37.10 33.22
N GLU C 69 8.21 36.51 33.81
CA GLU C 69 8.54 35.10 33.54
C GLU C 69 8.04 34.11 34.59
N ASP C 70 7.90 34.55 35.84
CA ASP C 70 7.17 33.78 36.87
C ASP C 70 5.81 33.38 36.33
N ASP C 71 5.10 34.36 35.80
CA ASP C 71 3.75 34.19 35.26
C ASP C 71 3.68 33.24 34.06
N VAL C 72 4.77 33.09 33.30
CA VAL C 72 4.85 32.09 32.24
C VAL C 72 4.74 30.65 32.78
N LYS C 73 5.33 30.35 33.96
CA LYS C 73 5.16 29.01 34.63
C LYS C 73 3.69 28.73 34.94
N SER C 74 2.89 29.74 35.26
CA SER C 74 1.43 29.55 35.38
C SER C 74 0.65 29.12 34.10
N LEU C 75 1.20 29.28 32.91
CA LEU C 75 0.53 28.72 31.74
C LEU C 75 0.57 27.22 31.71
N SER C 76 1.62 26.64 32.34
CA SER C 76 1.79 25.20 32.43
C SER C 76 0.70 24.63 33.23
N ARG C 77 0.41 25.25 34.37
CA ARG C 77 -0.71 24.83 35.19
C ARG C 77 -1.98 24.92 34.41
N VAL C 78 -2.12 25.90 33.54
CA VAL C 78 -3.32 25.92 32.69
C VAL C 78 -3.41 24.70 31.77
N MET C 79 -2.31 24.37 31.08
CA MET C 79 -2.25 23.22 30.17
C MET C 79 -2.50 21.87 30.81
N ILE C 80 -1.90 21.67 31.94
CA ILE C 80 -2.17 20.53 32.70
C ILE C 80 -3.63 20.44 33.10
N HIS C 81 -4.26 21.52 33.59
CA HIS C 81 -5.67 21.44 33.92
C HIS C 81 -6.38 20.99 32.63
N VAL C 82 -6.04 21.58 31.48
CA VAL C 82 -6.81 21.31 30.30
C VAL C 82 -6.93 19.82 30.03
N PHE C 83 -5.81 19.11 30.22
CA PHE C 83 -5.73 17.73 29.90
C PHE C 83 -6.17 16.84 31.06
N SER C 84 -6.52 17.39 32.24
CA SER C 84 -6.69 16.54 33.42
C SER C 84 -7.86 15.60 33.36
N ASP C 85 -8.77 15.76 32.40
CA ASP C 85 -9.92 14.89 32.36
C ASP C 85 -9.68 13.65 31.57
N GLY C 86 -8.48 13.46 31.04
CA GLY C 86 -8.19 12.25 30.32
C GLY C 86 -8.24 12.30 28.82
N VAL C 87 -8.84 13.34 28.30
CA VAL C 87 -9.10 13.50 26.89
C VAL C 87 -7.98 14.25 26.23
N THR C 88 -7.62 13.82 25.03
CA THR C 88 -6.55 14.37 24.25
C THR C 88 -7.01 14.36 22.79
N ASN C 89 -6.97 15.50 22.14
CA ASN C 89 -7.21 15.54 20.76
C ASN C 89 -6.52 16.70 20.14
N TRP C 90 -6.51 16.73 18.81
CA TRP C 90 -5.83 17.80 18.14
C TRP C 90 -6.51 19.16 18.30
N GLY C 91 -7.84 19.20 18.47
CA GLY C 91 -8.50 20.46 18.79
C GLY C 91 -7.94 21.14 20.03
N ARG C 92 -7.84 20.40 21.13
CA ARG C 92 -7.23 20.94 22.32
C ARG C 92 -5.84 21.41 22.01
N ILE C 93 -5.09 20.60 21.29
CA ILE C 93 -3.68 20.94 21.08
C ILE C 93 -3.49 22.20 20.25
N VAL C 94 -4.17 22.30 19.13
CA VAL C 94 -4.06 23.52 18.30
C VAL C 94 -4.56 24.78 19.06
N THR C 95 -5.58 24.64 19.92
CA THR C 95 -6.09 25.75 20.71
C THR C 95 -5.09 26.21 21.73
N LEU C 96 -4.38 25.32 22.36
CA LEU C 96 -3.39 25.72 23.34
C LEU C 96 -2.24 26.47 22.65
N ILE C 97 -1.82 25.99 21.48
CA ILE C 97 -0.75 26.64 20.73
C ILE C 97 -1.23 28.00 20.26
N SER C 98 -2.50 28.11 19.79
CA SER C 98 -3.02 29.44 19.39
C SER C 98 -3.19 30.40 20.54
N PHE C 99 -3.59 29.93 21.71
CA PHE C 99 -3.52 30.78 22.88
C PHE C 99 -2.08 31.13 23.24
N GLY C 100 -1.11 30.24 23.03
CA GLY C 100 0.30 30.60 23.22
C GLY C 100 0.79 31.75 22.34
N ALA C 101 0.33 31.75 21.11
CA ALA C 101 0.61 32.82 20.15
C ALA C 101 0.00 34.13 20.54
N PHE C 102 -1.22 34.06 21.05
CA PHE C 102 -1.92 35.23 21.57
C PHE C 102 -1.11 35.87 22.70
N VAL C 103 -0.66 35.07 23.65
CA VAL C 103 0.17 35.58 24.76
C VAL C 103 1.56 36.00 24.25
N ALA C 104 2.09 35.34 23.23
CA ALA C 104 3.36 35.81 22.65
C ALA C 104 3.28 37.23 22.04
N LYS C 105 2.18 37.51 21.35
CA LYS C 105 1.92 38.85 20.82
C LYS C 105 1.89 39.90 21.92
N HIS C 106 1.29 39.49 23.04
CA HIS C 106 1.16 40.35 24.17
C HIS C 106 2.48 40.68 24.87
N LEU C 107 3.33 39.66 25.05
CA LEU C 107 4.68 39.85 25.62
C LEU C 107 5.54 40.79 24.81
N LYS C 108 5.44 40.67 23.47
CA LYS C 108 6.14 41.56 22.56
C LYS C 108 5.74 43.00 22.77
N THR C 109 4.46 43.26 22.98
CA THR C 109 3.99 44.61 23.19
C THR C 109 4.41 45.18 24.54
N ILE C 110 4.74 44.35 25.53
CA ILE C 110 5.39 44.82 26.77
C ILE C 110 6.95 44.70 26.82
N ASN C 111 7.61 44.53 25.68
CA ASN C 111 9.08 44.33 25.62
C ASN C 111 9.55 43.24 26.60
N GLN C 112 8.83 42.11 26.53
CA GLN C 112 9.24 40.85 27.15
C GLN C 112 9.42 39.80 26.05
N GLU C 113 9.94 40.21 24.89
CA GLU C 113 10.18 39.31 23.73
C GLU C 113 11.04 38.11 24.13
N SER C 114 11.99 38.33 25.04
CA SER C 114 12.88 37.26 25.48
C SER C 114 12.15 36.16 26.27
N CYS C 115 10.95 36.43 26.81
CA CYS C 115 10.05 35.38 27.37
C CYS C 115 9.30 34.56 26.35
N ILE C 116 9.41 34.86 25.05
CA ILE C 116 8.67 34.09 24.02
C ILE C 116 9.25 32.71 23.82
N GLU C 117 10.58 32.57 23.79
CA GLU C 117 11.14 31.22 23.67
C GLU C 117 10.86 30.31 24.88
N PRO C 118 11.14 30.79 26.12
CA PRO C 118 10.66 30.08 27.34
C PRO C 118 9.19 29.66 27.28
N LEU C 119 8.33 30.53 26.79
CA LEU C 119 6.92 30.19 26.71
C LEU C 119 6.74 29.02 25.76
N ALA C 120 7.45 29.05 24.63
CA ALA C 120 7.30 28.01 23.59
C ALA C 120 7.94 26.70 24.04
N GLU C 121 9.11 26.76 24.70
CA GLU C 121 9.75 25.60 25.33
C GLU C 121 8.79 24.97 26.30
N SER C 122 8.06 25.78 27.03
CA SER C 122 7.17 25.30 28.05
C SER C 122 5.89 24.65 27.52
N ILE C 123 5.30 25.19 26.47
CA ILE C 123 4.18 24.54 25.81
C ILE C 123 4.64 23.21 25.22
N THR C 124 5.77 23.21 24.54
CA THR C 124 6.28 22.01 23.96
C THR C 124 6.56 20.94 25.01
N ASP C 125 7.13 21.35 26.14
CA ASP C 125 7.54 20.42 27.18
C ASP C 125 6.34 19.70 27.75
N VAL C 126 5.26 20.38 27.99
CA VAL C 126 4.07 19.74 28.54
C VAL C 126 3.46 18.80 27.52
N LEU C 127 3.32 19.27 26.30
CA LEU C 127 2.73 18.47 25.26
C LEU C 127 3.48 17.18 24.98
N VAL C 128 4.78 17.27 24.81
CA VAL C 128 5.56 16.11 24.40
C VAL C 128 5.87 15.19 25.59
N ARG C 129 6.22 15.72 26.74
CA ARG C 129 6.45 14.84 27.86
C ARG C 129 5.18 14.13 28.33
N THR C 130 4.04 14.80 28.34
CA THR C 130 2.83 14.17 28.90
C THR C 130 2.01 13.43 27.86
N LYS C 131 2.16 13.70 26.58
CA LYS C 131 1.40 13.03 25.52
C LYS C 131 2.27 12.35 24.46
N ARG C 132 3.54 12.05 24.78
CA ARG C 132 4.43 11.48 23.79
C ARG C 132 3.84 10.26 23.03
N ASP C 133 3.38 9.26 23.76
CA ASP C 133 2.88 8.06 23.09
C ASP C 133 1.63 8.39 22.31
N TRP C 134 0.74 9.24 22.85
CA TRP C 134 -0.40 9.66 22.02
C TRP C 134 0.05 10.30 20.68
N LEU C 135 0.98 11.23 20.71
CA LEU C 135 1.47 11.88 19.51
C LEU C 135 2.02 10.88 18.50
N VAL C 136 2.85 9.98 18.97
CA VAL C 136 3.45 9.00 18.10
C VAL C 136 2.32 8.17 17.50
N LYS C 137 1.35 7.75 18.26
CA LYS C 137 0.33 6.87 17.70
C LYS C 137 -0.46 7.62 16.65
N GLN C 138 -0.65 8.93 16.82
CA GLN C 138 -1.32 9.74 15.79
C GLN C 138 -0.42 10.13 14.61
N ARG C 139 0.77 9.55 14.46
CA ARG C 139 1.69 9.88 13.40
C ARG C 139 2.27 11.27 13.53
N GLY C 140 2.35 11.79 14.76
CA GLY C 140 3.02 13.06 15.00
C GLY C 140 2.45 14.20 14.16
N TRP C 141 3.29 15.14 13.80
CA TRP C 141 2.90 16.29 13.08
C TRP C 141 2.32 15.92 11.72
N ASP C 142 2.72 14.81 11.11
CA ASP C 142 1.98 14.32 9.95
C ASP C 142 0.48 14.12 10.24
N GLY C 143 0.15 13.54 11.37
CA GLY C 143 -1.25 13.39 11.73
C GLY C 143 -1.97 14.70 11.93
N PHE C 144 -1.27 15.67 12.53
CA PHE C 144 -1.75 17.04 12.69
C PHE C 144 -2.16 17.63 11.35
N VAL C 145 -1.24 17.56 10.42
CA VAL C 145 -1.48 18.11 9.13
C VAL C 145 -2.65 17.43 8.46
N GLU C 146 -2.78 16.13 8.65
CA GLU C 146 -3.83 15.38 8.00
C GLU C 146 -5.18 15.73 8.62
N PHE C 147 -5.20 15.94 9.93
CA PHE C 147 -6.46 16.09 10.64
C PHE C 147 -7.14 17.40 10.23
N PHE C 148 -6.35 18.45 10.01
CA PHE C 148 -6.84 19.76 9.70
C PHE C 148 -6.84 20.12 8.22
N HIS C 149 -6.37 19.22 7.37
CA HIS C 149 -6.23 19.53 5.94
C HIS C 149 -7.58 19.67 5.29
N VAL C 150 -7.74 20.67 4.42
CA VAL C 150 -8.97 20.84 3.64
C VAL C 150 -8.65 21.13 2.18
N GLU C 151 -8.68 20.09 1.35
CA GLU C 151 -9.05 20.29 -0.13
C GLU C 151 -8.55 21.53 -0.95
N ASP D 1 -24.85 8.62 5.81
CA ASP D 1 -25.25 9.82 4.97
C ASP D 1 -24.86 11.17 5.65
N PRO D 2 -24.78 12.27 4.85
CA PRO D 2 -24.27 13.57 5.36
C PRO D 2 -25.02 14.13 6.57
N LYS D 3 -26.29 13.81 6.71
CA LYS D 3 -27.06 14.33 7.83
C LYS D 3 -26.54 13.80 9.14
N LYS D 4 -26.17 12.51 9.20
CA LYS D 4 -25.58 11.95 10.44
C LYS D 4 -24.22 12.55 10.87
N VAL D 5 -23.39 12.92 9.90
CA VAL D 5 -22.15 13.64 10.16
C VAL D 5 -22.40 14.99 10.81
N LEU D 6 -23.19 15.82 10.14
CA LEU D 6 -23.61 17.12 10.67
C LEU D 6 -24.38 17.02 12.00
N ASP D 7 -25.23 16.01 12.17
CA ASP D 7 -25.98 15.83 13.42
C ASP D 7 -25.02 15.51 14.56
N LYS D 8 -23.98 14.72 14.27
CA LYS D 8 -23.02 14.31 15.30
C LYS D 8 -22.26 15.53 15.78
N ALA D 9 -21.78 16.30 14.80
CA ALA D 9 -21.05 17.53 15.08
C ALA D 9 -21.89 18.47 15.95
N LYS D 10 -23.16 18.62 15.59
CA LYS D 10 -24.11 19.40 16.35
C LYS D 10 -24.27 18.94 17.79
N ASP D 11 -24.46 17.65 18.04
CA ASP D 11 -24.49 17.15 19.40
C ASP D 11 -23.23 17.47 20.19
N GLN D 12 -22.08 17.20 19.57
N GLN D 12 -22.08 17.20 19.57
CA GLN D 12 -20.80 17.39 20.24
CA GLN D 12 -20.80 17.38 20.22
C GLN D 12 -20.74 18.83 20.69
C GLN D 12 -20.73 18.81 20.68
N ALA D 13 -20.96 19.73 19.74
CA ALA D 13 -20.86 21.18 19.99
C ALA D 13 -21.78 21.58 21.11
N GLU D 14 -23.01 21.16 21.01
CA GLU D 14 -24.02 21.49 22.04
C GLU D 14 -23.55 21.05 23.43
N ASN D 15 -23.16 19.78 23.56
CA ASN D 15 -22.65 19.25 24.84
C ASN D 15 -21.39 19.93 25.36
N ARG D 16 -20.46 20.24 24.49
CA ARG D 16 -19.26 20.93 24.93
C ARG D 16 -19.55 22.33 25.49
N VAL D 17 -20.53 23.03 24.88
CA VAL D 17 -20.98 24.34 25.38
C VAL D 17 -21.75 24.21 26.70
N ARG D 18 -22.65 23.22 26.80
CA ARG D 18 -23.32 22.90 28.07
C ARG D 18 -22.33 22.64 29.19
N GLU D 19 -21.33 21.81 28.91
CA GLU D 19 -20.25 21.49 29.85
C GLU D 19 -19.44 22.71 30.26
N LEU D 20 -19.19 23.60 29.32
CA LEU D 20 -18.44 24.85 29.65
C LEU D 20 -19.21 25.72 30.61
N LYS D 21 -20.53 25.78 30.40
CA LYS D 21 -21.42 26.57 31.24
C LYS D 21 -21.45 26.04 32.67
N GLN D 22 -21.75 24.74 32.81
CA GLN D 22 -21.74 24.02 34.08
C GLN D 22 -20.46 24.32 34.86
N VAL D 23 -19.35 24.29 34.18
CA VAL D 23 -18.07 24.39 34.83
C VAL D 23 -17.87 25.80 35.38
N LEU D 24 -18.15 26.80 34.56
CA LEU D 24 -18.04 28.19 34.95
C LEU D 24 -19.08 28.60 36.01
N GLU D 25 -20.30 28.04 35.95
CA GLU D 25 -21.24 28.16 37.07
C GLU D 25 -20.62 27.64 38.36
N GLU D 26 -20.18 26.37 38.39
CA GLU D 26 -19.59 25.78 39.60
C GLU D 26 -18.40 26.59 40.11
N LEU D 27 -17.56 27.06 39.21
CA LEU D 27 -16.44 27.92 39.60
C LEU D 27 -16.88 29.23 40.28
N TYR D 28 -17.95 29.87 39.78
CA TYR D 28 -18.46 31.11 40.37
C TYR D 28 -19.03 30.80 41.76
N LYS D 29 -19.92 29.80 41.85
CA LYS D 29 -20.46 29.38 43.14
C LYS D 29 -19.44 29.15 44.23
N GLU D 30 -18.20 28.76 43.89
CA GLU D 30 -17.12 28.59 44.87
C GLU D 30 -16.35 29.91 45.12
N ALA D 31 -16.09 30.68 44.06
CA ALA D 31 -15.44 31.99 44.21
C ALA D 31 -16.27 32.97 45.10
N ARG D 32 -17.60 32.86 45.03
CA ARG D 32 -18.47 33.71 45.82
C ARG D 32 -18.47 33.33 47.32
N LYS D 33 -18.63 32.03 47.63
CA LYS D 33 -18.65 31.53 49.04
C LYS D 33 -17.33 31.67 49.78
N LEU D 34 -16.21 31.41 49.10
CA LEU D 34 -14.88 31.49 49.74
C LEU D 34 -14.39 32.92 49.91
N ASP D 35 -13.41 33.05 50.80
CA ASP D 35 -12.67 34.26 51.06
C ASP D 35 -11.37 34.11 50.28
N LEU D 36 -11.28 34.78 49.13
CA LEU D 36 -10.21 34.45 48.17
C LEU D 36 -8.89 35.10 48.53
N THR D 37 -7.98 34.33 49.08
CA THR D 37 -6.55 34.75 49.09
C THR D 37 -6.07 35.03 47.67
N GLN D 38 -4.96 35.75 47.54
CA GLN D 38 -4.36 36.08 46.25
C GLN D 38 -4.08 34.83 45.42
N GLU D 39 -3.51 33.82 46.09
CA GLU D 39 -3.33 32.46 45.59
C GLU D 39 -4.63 31.86 45.06
N MET D 40 -5.63 31.67 45.93
CA MET D 40 -6.90 31.03 45.55
C MET D 40 -7.59 31.75 44.38
N ARG D 41 -7.42 33.07 44.27
CA ARG D 41 -7.85 33.80 43.06
C ARG D 41 -7.09 33.38 41.81
N LYS D 42 -5.77 33.32 41.95
CA LYS D 42 -4.89 32.92 40.86
C LYS D 42 -5.27 31.53 40.31
N LYS D 43 -5.54 30.59 41.22
CA LYS D 43 -5.95 29.23 40.88
C LYS D 43 -7.28 29.25 40.19
N LEU D 44 -8.25 29.92 40.77
CA LEU D 44 -9.58 30.03 40.17
C LEU D 44 -9.52 30.52 38.71
N ILE D 45 -8.63 31.47 38.45
CA ILE D 45 -8.60 32.11 37.16
C ILE D 45 -7.99 31.13 36.18
N GLU D 46 -6.96 30.42 36.65
CA GLU D 46 -6.32 29.35 35.89
C GLU D 46 -7.30 28.25 35.51
N ARG D 47 -8.17 27.83 36.42
CA ARG D 47 -9.20 26.93 36.07
C ARG D 47 -10.11 27.47 34.98
N TYR D 48 -10.45 28.76 35.04
CA TYR D 48 -11.40 29.38 34.06
C TYR D 48 -10.77 29.34 32.67
N ALA D 49 -9.52 29.77 32.57
CA ALA D 49 -8.85 29.79 31.34
C ALA D 49 -8.75 28.37 30.76
N ALA D 50 -8.45 27.39 31.62
CA ALA D 50 -8.48 25.99 31.20
C ALA D 50 -9.86 25.54 30.73
N ALA D 51 -10.91 25.96 31.39
CA ALA D 51 -12.25 25.51 30.97
C ALA D 51 -12.60 25.96 29.53
N ILE D 52 -12.16 27.18 29.19
CA ILE D 52 -12.47 27.85 27.95
C ILE D 52 -11.62 27.20 26.87
N ILE D 53 -10.33 27.06 27.12
CA ILE D 53 -9.45 26.42 26.20
C ILE D 53 -9.89 24.95 25.92
N ARG D 54 -10.38 24.28 26.93
CA ARG D 54 -10.95 22.95 26.76
C ARG D 54 -12.17 22.99 25.82
N ALA D 55 -13.05 23.92 25.96
CA ALA D 55 -14.30 23.92 25.20
C ALA D 55 -14.00 24.29 23.78
N ILE D 56 -13.19 25.29 23.60
CA ILE D 56 -12.88 25.74 22.27
C ILE D 56 -12.23 24.57 21.59
N GLY D 57 -11.34 23.88 22.28
CA GLY D 57 -10.54 22.80 21.68
C GLY D 57 -11.43 21.67 21.29
N ASP D 58 -12.44 21.38 22.10
CA ASP D 58 -13.34 20.26 21.77
C ASP D 58 -14.35 20.55 20.70
N ILE D 59 -14.73 21.79 20.58
CA ILE D 59 -15.63 22.18 19.53
C ILE D 59 -14.84 22.06 18.23
N ASN D 60 -13.66 22.61 18.21
CA ASN D 60 -12.82 22.63 17.06
C ASN D 60 -12.50 21.22 16.62
N ASN D 61 -12.25 20.34 17.58
CA ASN D 61 -12.05 18.96 17.26
C ASN D 61 -13.25 18.25 16.73
N ALA D 62 -14.44 18.55 17.22
CA ALA D 62 -15.67 17.97 16.64
C ALA D 62 -15.91 18.39 15.23
N ILE D 63 -15.70 19.66 14.96
CA ILE D 63 -15.86 20.21 13.62
C ILE D 63 -14.88 19.53 12.62
N TYR D 64 -13.58 19.45 12.91
CA TYR D 64 -12.61 18.90 11.96
C TYR D 64 -12.74 17.40 11.89
N GLN D 65 -13.32 16.80 12.93
CA GLN D 65 -13.64 15.37 12.90
C GLN D 65 -14.71 15.15 11.83
N ALA D 66 -15.75 15.97 11.84
CA ALA D 66 -16.78 15.96 10.79
C ALA D 66 -16.24 16.30 9.39
N LYS D 67 -15.31 17.24 9.25
CA LYS D 67 -14.58 17.44 8.01
C LYS D 67 -13.97 16.12 7.59
N GLN D 68 -13.41 15.32 8.48
CA GLN D 68 -12.77 14.09 8.06
C GLN D 68 -13.79 13.06 7.60
N GLU D 69 -14.86 12.93 8.36
CA GLU D 69 -15.97 12.08 8.00
C GLU D 69 -16.60 12.40 6.64
N ALA D 70 -16.73 13.69 6.33
CA ALA D 70 -17.27 14.16 5.06
C ALA D 70 -16.30 13.90 3.92
N GLU D 71 -15.06 14.33 4.05
CA GLU D 71 -14.00 14.04 3.09
C GLU D 71 -13.88 12.52 2.72
N LYS D 72 -14.22 11.66 3.68
CA LYS D 72 -14.18 10.22 3.47
C LYS D 72 -15.33 9.75 2.61
N LEU D 73 -16.52 10.22 2.92
CA LEU D 73 -17.69 9.92 2.09
C LEU D 73 -17.44 10.28 0.63
N LYS D 74 -16.73 11.37 0.39
CA LYS D 74 -16.41 11.78 -0.98
C LYS D 74 -15.47 10.80 -1.70
N LYS D 75 -14.49 10.24 -1.02
CA LYS D 75 -13.67 9.18 -1.63
C LYS D 75 -14.40 7.83 -1.74
N ALA D 76 -15.48 7.63 -0.99
CA ALA D 76 -16.41 6.49 -1.21
C ALA D 76 -17.64 6.83 -2.08
N GLY D 77 -17.47 7.69 -3.10
CA GLY D 77 -18.57 8.37 -3.79
C GLY D 77 -20.00 8.24 -3.23
N LEU D 78 -20.17 8.41 -1.93
CA LEU D 78 -21.48 8.34 -1.25
C LEU D 78 -22.12 9.72 -1.11
N VAL D 79 -21.36 10.75 -1.51
CA VAL D 79 -21.80 12.14 -1.61
C VAL D 79 -21.16 12.77 -2.85
N ASN D 80 -21.98 13.47 -3.63
CA ASN D 80 -21.45 14.25 -4.76
C ASN D 80 -20.83 15.54 -4.20
N SER D 81 -19.96 16.16 -4.99
CA SER D 81 -19.15 17.30 -4.50
C SER D 81 -19.92 18.59 -4.16
N GLN D 82 -21.20 18.66 -4.54
CA GLN D 82 -22.08 19.73 -4.07
C GLN D 82 -22.55 19.47 -2.64
N GLN D 83 -23.06 18.25 -2.39
CA GLN D 83 -23.45 17.83 -1.03
C GLN D 83 -22.33 17.94 0.02
N LEU D 84 -21.10 17.63 -0.40
CA LEU D 84 -19.90 17.90 0.39
C LEU D 84 -19.82 19.37 0.77
N ASP D 85 -20.00 20.25 -0.22
CA ASP D 85 -19.95 21.69 0.04
C ASP D 85 -21.08 22.25 0.86
N GLU D 86 -22.31 21.73 0.72
CA GLU D 86 -23.34 22.11 1.69
C GLU D 86 -22.93 21.71 3.12
N LEU D 87 -22.25 20.56 3.26
CA LEU D 87 -21.81 20.04 4.55
C LEU D 87 -20.68 20.88 5.13
N LEU D 88 -19.60 21.10 4.37
CA LEU D 88 -18.51 22.00 4.84
C LEU D 88 -18.93 23.44 5.13
N ARG D 89 -20.00 23.89 4.50
CA ARG D 89 -20.60 25.17 4.82
C ARG D 89 -21.37 25.10 6.15
N ARG D 90 -22.26 24.13 6.32
CA ARG D 90 -23.02 24.04 7.57
C ARG D 90 -22.12 23.72 8.79
N LEU D 91 -20.97 23.10 8.54
CA LEU D 91 -20.04 22.87 9.60
C LEU D 91 -19.35 24.16 9.95
N ASP D 92 -19.01 24.96 8.94
CA ASP D 92 -18.41 26.27 9.20
C ASP D 92 -19.38 27.21 9.95
N GLU D 93 -20.66 27.10 9.63
CA GLU D 93 -21.73 27.81 10.34
C GLU D 93 -21.83 27.30 11.76
N LEU D 94 -21.77 26.00 11.93
CA LEU D 94 -21.79 25.43 13.30
C LEU D 94 -20.58 25.92 14.15
N GLN D 95 -19.39 25.98 13.54
CA GLN D 95 -18.23 26.37 14.25
C GLN D 95 -18.46 27.78 14.77
N LYS D 96 -18.97 28.66 13.91
CA LYS D 96 -19.22 30.07 14.30
C LYS D 96 -20.30 30.23 15.36
N GLU D 97 -21.38 29.47 15.28
CA GLU D 97 -22.39 29.46 16.35
C GLU D 97 -21.83 29.04 17.72
N ALA D 98 -20.97 28.03 17.75
CA ALA D 98 -20.38 27.59 18.99
C ALA D 98 -19.32 28.54 19.51
N SER D 99 -18.45 29.04 18.64
CA SER D 99 -17.48 30.12 19.03
C SER D 99 -18.15 31.35 19.66
N ARG D 100 -19.34 31.71 19.18
CA ARG D 100 -20.03 32.82 19.77
C ARG D 100 -20.49 32.45 21.20
N LYS D 101 -20.95 31.23 21.46
CA LYS D 101 -21.27 30.85 22.83
C LYS D 101 -20.10 30.77 23.78
N ALA D 102 -18.97 30.29 23.31
CA ALA D 102 -17.78 30.29 24.12
C ALA D 102 -17.34 31.69 24.45
N ASN D 103 -17.39 32.61 23.49
CA ASN D 103 -17.02 34.00 23.81
C ASN D 103 -17.96 34.65 24.80
N GLU D 104 -19.25 34.34 24.66
CA GLU D 104 -20.30 34.88 25.51
C GLU D 104 -20.05 34.47 26.95
N TYR D 105 -19.92 33.17 27.18
CA TYR D 105 -19.69 32.65 28.55
C TYR D 105 -18.37 33.10 29.11
N GLY D 106 -17.35 33.18 28.26
CA GLY D 106 -16.03 33.73 28.70
C GLY D 106 -16.17 35.10 29.31
N ARG D 107 -16.88 35.96 28.60
CA ARG D 107 -17.04 37.30 29.05
C ARG D 107 -17.96 37.41 30.26
N GLU D 108 -19.08 36.69 30.25
CA GLU D 108 -20.02 36.67 31.37
C GLU D 108 -19.24 36.34 32.68
N PHE D 109 -18.43 35.30 32.65
CA PHE D 109 -17.56 34.98 33.76
C PHE D 109 -16.56 36.09 34.06
N GLU D 110 -15.96 36.65 33.02
CA GLU D 110 -14.98 37.72 33.21
C GLU D 110 -15.56 38.92 34.02
N LEU D 111 -16.84 39.22 33.77
CA LEU D 111 -17.57 40.31 34.46
C LEU D 111 -17.96 39.90 35.86
N LYS D 112 -18.38 38.65 36.04
CA LYS D 112 -18.63 38.15 37.42
C LYS D 112 -17.37 38.22 38.30
N LEU D 113 -16.18 38.13 37.71
CA LEU D 113 -14.94 38.29 38.46
C LEU D 113 -14.61 39.74 38.85
N GLU D 114 -14.87 40.70 37.96
CA GLU D 114 -14.62 42.13 38.25
C GLU D 114 -15.69 42.74 39.15
N TYR D 115 -16.96 42.49 38.78
CA TYR D 115 -18.18 43.17 39.24
C TYR D 115 -19.01 42.29 40.17
N GLY D 116 -19.08 41.00 39.91
CA GLY D 116 -19.77 40.03 40.78
C GLY D 116 -18.93 39.58 41.98
N ASP E 1 -9.38 1.19 -36.29
CA ASP E 1 -10.36 1.06 -35.21
C ASP E 1 -9.71 0.39 -33.98
N GLU E 2 -9.24 1.18 -33.03
CA GLU E 2 -8.45 0.72 -31.89
C GLU E 2 -9.32 -0.21 -31.00
N LEU E 3 -10.53 0.19 -30.67
CA LEU E 3 -11.33 -0.59 -29.72
C LEU E 3 -11.71 -1.98 -30.27
N TYR E 4 -11.99 -2.05 -31.59
CA TYR E 4 -12.28 -3.36 -32.21
C TYR E 4 -11.03 -4.24 -32.16
N ARG E 5 -9.90 -3.68 -32.59
CA ARG E 5 -8.65 -4.40 -32.61
C ARG E 5 -8.33 -4.98 -31.21
N GLN E 6 -8.42 -4.15 -30.19
CA GLN E 6 -8.06 -4.55 -28.87
C GLN E 6 -9.00 -5.64 -28.32
N SER E 7 -10.29 -5.43 -28.48
CA SER E 7 -11.34 -6.37 -28.05
C SER E 7 -11.19 -7.71 -28.71
N LEU E 8 -10.83 -7.72 -30.00
CA LEU E 8 -10.69 -8.95 -30.73
C LEU E 8 -9.52 -9.72 -30.20
N GLU E 9 -8.40 -9.05 -30.00
CA GLU E 9 -7.22 -9.65 -29.38
C GLU E 9 -7.54 -10.33 -28.09
N ILE E 10 -8.27 -9.66 -27.22
CA ILE E 10 -8.49 -10.19 -25.91
C ILE E 10 -9.37 -11.40 -26.03
N ILE E 11 -10.48 -11.23 -26.71
CA ILE E 11 -11.48 -12.26 -26.78
C ILE E 11 -10.95 -13.46 -27.57
N SER E 12 -10.30 -13.18 -28.68
CA SER E 12 -9.73 -14.20 -29.51
C SER E 12 -8.72 -15.06 -28.75
N ARG E 13 -7.85 -14.45 -27.95
CA ARG E 13 -6.85 -15.16 -27.18
C ARG E 13 -7.40 -15.97 -26.02
N TYR E 14 -8.32 -15.43 -25.25
CA TYR E 14 -8.97 -16.19 -24.21
C TYR E 14 -9.61 -17.45 -24.79
N LEU E 15 -10.34 -17.33 -25.89
CA LEU E 15 -10.98 -18.50 -26.52
C LEU E 15 -9.95 -19.53 -26.95
N ARG E 16 -8.86 -19.11 -27.59
CA ARG E 16 -7.82 -20.04 -27.98
C ARG E 16 -7.19 -20.74 -26.74
N GLU E 17 -6.73 -19.98 -25.76
CA GLU E 17 -6.20 -20.55 -24.50
C GLU E 17 -7.08 -21.60 -23.87
N GLN E 18 -8.35 -21.28 -23.79
CA GLN E 18 -9.34 -22.14 -23.16
C GLN E 18 -9.49 -23.43 -23.94
N ALA E 19 -9.61 -23.34 -25.25
CA ALA E 19 -9.75 -24.50 -26.09
C ALA E 19 -8.53 -25.45 -25.98
N THR E 20 -7.34 -24.88 -25.95
CA THR E 20 -6.09 -25.63 -26.00
C THR E 20 -5.55 -26.02 -24.63
N GLY E 21 -5.76 -25.16 -23.65
CA GLY E 21 -5.07 -25.28 -22.38
C GLY E 21 -3.76 -24.52 -22.31
N ALA E 22 -3.21 -24.06 -23.46
CA ALA E 22 -1.89 -23.39 -23.54
C ALA E 22 -2.02 -21.89 -23.72
N LYS E 23 -1.38 -21.17 -22.82
CA LYS E 23 -1.42 -19.71 -22.78
C LYS E 23 -0.50 -19.16 -23.89
N ASP E 24 -0.97 -18.18 -24.68
CA ASP E 24 -0.12 -17.44 -25.67
C ASP E 24 1.06 -16.79 -24.97
N THR E 25 2.15 -16.65 -25.72
CA THR E 25 3.32 -15.88 -25.29
C THR E 25 3.71 -14.76 -26.29
N LYS E 26 3.06 -14.69 -27.47
CA LYS E 26 3.15 -13.51 -28.36
C LYS E 26 2.89 -12.12 -27.69
N PRO E 27 3.42 -11.04 -28.30
CA PRO E 27 3.37 -9.74 -27.66
C PRO E 27 2.08 -9.06 -27.99
N MET E 28 1.45 -8.47 -26.97
CA MET E 28 0.28 -7.61 -27.20
C MET E 28 0.79 -6.25 -27.65
N GLY E 29 0.87 -5.23 -26.81
CA GLY E 29 1.83 -4.13 -27.05
C GLY E 29 1.26 -2.77 -26.67
N ARG E 30 0.61 -2.04 -27.59
CA ARG E 30 -0.09 -0.79 -27.21
C ARG E 30 -1.41 -1.10 -26.52
N SER E 31 -1.59 -0.47 -25.35
CA SER E 31 -2.44 -0.98 -24.30
C SER E 31 -2.37 -2.51 -24.27
N GLY E 32 -1.15 -2.99 -24.10
CA GLY E 32 -0.82 -4.36 -23.88
C GLY E 32 -0.82 -4.52 -22.38
N ALA E 33 -0.63 -3.42 -21.62
CA ALA E 33 -0.72 -3.49 -20.14
C ALA E 33 -2.19 -3.77 -19.81
N THR E 34 -3.03 -2.88 -20.30
CA THR E 34 -4.49 -3.05 -20.26
C THR E 34 -4.98 -4.35 -20.90
N SER E 35 -4.48 -4.71 -22.07
CA SER E 35 -4.90 -5.99 -22.67
C SER E 35 -4.47 -7.17 -21.77
N ARG E 36 -3.25 -7.12 -21.23
CA ARG E 36 -2.72 -8.16 -20.30
C ARG E 36 -3.62 -8.27 -19.09
N LYS E 37 -3.93 -7.13 -18.45
CA LYS E 37 -4.76 -7.13 -17.23
C LYS E 37 -6.18 -7.60 -17.53
N ALA E 38 -6.66 -7.30 -18.74
CA ALA E 38 -8.03 -7.72 -19.16
C ALA E 38 -8.08 -9.20 -19.32
N LEU E 39 -7.01 -9.76 -19.87
CA LEU E 39 -6.91 -11.20 -20.08
C LEU E 39 -6.82 -11.94 -18.73
N GLU E 40 -5.97 -11.48 -17.84
CA GLU E 40 -5.93 -11.96 -16.45
C GLU E 40 -7.28 -11.87 -15.76
N THR E 41 -7.99 -10.76 -15.90
CA THR E 41 -9.32 -10.67 -15.30
C THR E 41 -10.29 -11.73 -15.87
N LEU E 42 -10.22 -11.92 -17.18
CA LEU E 42 -11.15 -12.76 -17.91
C LEU E 42 -10.91 -14.20 -17.57
N ARG E 43 -9.64 -14.54 -17.39
CA ARG E 43 -9.29 -15.83 -16.84
C ARG E 43 -9.88 -16.05 -15.48
N ARG E 44 -9.80 -15.10 -14.56
CA ARG E 44 -10.27 -15.35 -13.21
C ARG E 44 -11.79 -15.39 -13.15
N VAL E 45 -12.44 -14.41 -13.73
CA VAL E 45 -13.88 -14.32 -13.67
C VAL E 45 -14.60 -15.34 -14.56
N GLY E 46 -14.15 -15.44 -15.80
CA GLY E 46 -14.74 -16.30 -16.83
C GLY E 46 -14.47 -17.76 -16.56
N ASP E 47 -13.35 -18.09 -15.96
CA ASP E 47 -13.18 -19.45 -15.55
C ASP E 47 -14.19 -19.73 -14.44
N GLY E 48 -14.43 -18.75 -13.61
CA GLY E 48 -15.35 -18.92 -12.54
C GLY E 48 -16.73 -19.16 -13.03
N VAL E 49 -17.21 -18.40 -14.05
CA VAL E 49 -18.62 -18.55 -14.48
C VAL E 49 -18.77 -19.87 -15.15
N GLN E 50 -17.73 -20.33 -15.82
CA GLN E 50 -17.78 -21.68 -16.40
C GLN E 50 -17.86 -22.79 -15.36
N ARG E 51 -17.09 -22.74 -14.28
CA ARG E 51 -17.17 -23.77 -13.27
C ARG E 51 -18.52 -23.72 -12.60
N ASN E 52 -18.94 -22.52 -12.27
CA ASN E 52 -20.12 -22.35 -11.45
C ASN E 52 -21.43 -22.60 -12.19
N HIS E 53 -21.39 -22.60 -13.52
CA HIS E 53 -22.61 -22.81 -14.33
C HIS E 53 -22.32 -23.85 -15.37
N GLU E 54 -21.45 -24.78 -15.08
CA GLU E 54 -21.16 -25.89 -15.98
C GLU E 54 -22.46 -26.55 -16.44
N THR E 55 -23.36 -26.82 -15.51
CA THR E 55 -24.60 -27.55 -15.80
C THR E 55 -25.45 -26.77 -16.80
N ALA E 56 -25.81 -25.55 -16.46
CA ALA E 56 -26.58 -24.68 -17.37
C ALA E 56 -25.95 -24.64 -18.76
N PHE E 57 -24.64 -24.43 -18.81
CA PHE E 57 -23.88 -24.23 -20.06
C PHE E 57 -23.84 -25.47 -20.93
N GLN E 58 -23.70 -26.64 -20.31
CA GLN E 58 -23.74 -27.93 -21.03
C GLN E 58 -25.08 -28.09 -21.64
N GLY E 59 -26.12 -27.76 -20.89
CA GLY E 59 -27.47 -27.82 -21.39
C GLY E 59 -27.67 -26.99 -22.62
N MET E 60 -27.23 -25.73 -22.59
CA MET E 60 -27.35 -24.83 -23.72
C MET E 60 -26.52 -25.32 -24.93
N LEU E 61 -25.28 -25.71 -24.69
CA LEU E 61 -24.43 -26.18 -25.75
C LEU E 61 -25.05 -27.40 -26.44
N ARG E 62 -25.62 -28.31 -25.66
CA ARG E 62 -26.24 -29.51 -26.20
C ARG E 62 -27.35 -29.10 -27.12
N LYS E 63 -28.29 -28.28 -26.67
CA LYS E 63 -29.46 -27.96 -27.50
C LYS E 63 -29.16 -27.03 -28.70
N LEU E 64 -28.23 -26.08 -28.57
CA LEU E 64 -27.87 -25.23 -29.72
C LEU E 64 -27.22 -26.06 -30.81
N ASP E 65 -26.57 -27.15 -30.42
CA ASP E 65 -26.05 -28.18 -31.33
C ASP E 65 -25.04 -27.66 -32.33
N ILE E 66 -23.90 -27.18 -31.83
CA ILE E 66 -22.94 -26.41 -32.62
C ILE E 66 -21.95 -27.36 -33.26
N LYS E 67 -22.39 -27.98 -34.35
CA LYS E 67 -21.61 -28.93 -35.10
C LYS E 67 -20.49 -28.21 -35.89
N ASN E 68 -20.84 -27.14 -36.61
CA ASN E 68 -20.06 -26.59 -37.74
C ASN E 68 -20.10 -25.04 -37.75
N GLU E 69 -20.02 -24.40 -38.93
CA GLU E 69 -19.79 -22.96 -39.05
C GLU E 69 -21.10 -22.17 -39.27
N ASP E 70 -22.08 -22.78 -39.94
CA ASP E 70 -23.49 -22.25 -40.00
C ASP E 70 -24.01 -21.96 -38.59
N ASP E 71 -23.84 -22.95 -37.72
CA ASP E 71 -24.28 -22.90 -36.35
C ASP E 71 -23.59 -21.82 -35.54
N VAL E 72 -22.37 -21.43 -35.90
CA VAL E 72 -21.67 -20.30 -35.23
C VAL E 72 -22.37 -18.95 -35.45
N LYS E 73 -22.97 -18.76 -36.61
CA LYS E 73 -23.84 -17.62 -36.80
C LYS E 73 -25.03 -17.53 -35.83
N SER E 74 -25.62 -18.66 -35.47
CA SER E 74 -26.70 -18.66 -34.48
C SER E 74 -26.27 -18.20 -33.07
N LEU E 75 -24.98 -18.16 -32.75
CA LEU E 75 -24.61 -17.54 -31.48
C LEU E 75 -24.84 -16.04 -31.45
N SER E 76 -24.77 -15.42 -32.62
CA SER E 76 -25.04 -13.98 -32.78
C SER E 76 -26.45 -13.64 -32.44
N ARG E 77 -27.39 -14.41 -32.99
CA ARG E 77 -28.76 -14.29 -32.61
C ARG E 77 -28.93 -14.47 -31.10
N VAL E 78 -28.17 -15.36 -30.48
CA VAL E 78 -28.27 -15.44 -29.01
C VAL E 78 -27.85 -14.14 -28.35
N MET E 79 -26.70 -13.60 -28.73
CA MET E 79 -26.16 -12.33 -28.18
C MET E 79 -27.03 -11.09 -28.37
N ILE E 80 -27.59 -10.97 -29.55
CA ILE E 80 -28.56 -9.99 -29.76
C ILE E 80 -29.81 -10.18 -28.91
N HIS E 81 -30.35 -11.39 -28.77
CA HIS E 81 -31.48 -11.57 -27.82
C HIS E 81 -31.06 -11.11 -26.41
N VAL E 82 -29.86 -11.47 -25.98
CA VAL E 82 -29.44 -11.17 -24.63
C VAL E 82 -29.57 -9.68 -24.32
N PHE E 83 -29.20 -8.86 -25.30
CA PHE E 83 -29.21 -7.44 -25.09
C PHE E 83 -30.51 -6.76 -25.41
N SER E 84 -31.50 -7.49 -25.87
CA SER E 84 -32.66 -6.88 -26.48
C SER E 84 -33.61 -6.23 -25.54
N ASP E 85 -33.38 -6.37 -24.25
CA ASP E 85 -34.22 -5.65 -23.30
C ASP E 85 -33.67 -4.28 -22.95
N GLY E 86 -32.55 -3.84 -23.53
CA GLY E 86 -32.09 -2.49 -23.26
C GLY E 86 -30.99 -2.36 -22.25
N VAL E 87 -30.78 -3.42 -21.51
CA VAL E 87 -29.79 -3.44 -20.44
C VAL E 87 -28.40 -3.93 -20.92
N THR E 88 -27.35 -3.30 -20.41
CA THR E 88 -26.00 -3.56 -20.76
C THR E 88 -25.23 -3.43 -19.45
N ASN E 89 -24.50 -4.46 -19.10
CA ASN E 89 -23.55 -4.35 -18.08
C ASN E 89 -22.40 -5.34 -18.30
N TRP E 90 -21.36 -5.23 -17.47
CA TRP E 90 -20.20 -6.06 -17.64
C TRP E 90 -20.50 -7.48 -17.28
N GLY E 91 -21.46 -7.72 -16.37
CA GLY E 91 -21.85 -9.15 -16.04
C GLY E 91 -22.30 -9.89 -17.30
N ARG E 92 -23.23 -9.29 -18.03
CA ARG E 92 -23.69 -9.85 -19.28
C ARG E 92 -22.51 -10.07 -20.20
N ILE E 93 -21.65 -9.08 -20.32
CA ILE E 93 -20.52 -9.17 -21.29
C ILE E 93 -19.54 -10.30 -20.90
N VAL E 94 -19.11 -10.40 -19.61
CA VAL E 94 -18.17 -11.51 -19.22
C VAL E 94 -18.83 -12.84 -19.41
N THR E 95 -20.12 -12.95 -19.14
CA THR E 95 -20.84 -14.20 -19.30
C THR E 95 -20.92 -14.64 -20.79
N LEU E 96 -21.11 -13.74 -21.73
CA LEU E 96 -21.10 -14.14 -23.13
C LEU E 96 -19.75 -14.61 -23.55
N ILE E 97 -18.72 -13.90 -23.17
CA ILE E 97 -17.39 -14.28 -23.48
C ILE E 97 -17.06 -15.63 -22.83
N SER E 98 -17.48 -15.84 -21.58
CA SER E 98 -17.24 -17.18 -20.99
C SER E 98 -18.04 -18.32 -21.60
N PHE E 99 -19.27 -18.05 -22.00
CA PHE E 99 -19.94 -19.01 -22.81
C PHE E 99 -19.25 -19.22 -24.15
N GLY E 100 -18.66 -18.21 -24.74
CA GLY E 100 -17.87 -18.36 -25.97
C GLY E 100 -16.70 -19.32 -25.80
N ALA E 101 -16.08 -19.25 -24.65
CA ALA E 101 -14.96 -20.10 -24.35
C ALA E 101 -15.39 -21.52 -24.16
N PHE E 102 -16.54 -21.69 -23.53
CA PHE E 102 -17.15 -23.00 -23.34
C PHE E 102 -17.41 -23.68 -24.68
N VAL E 103 -17.98 -22.94 -25.60
CA VAL E 103 -18.17 -23.46 -26.96
C VAL E 103 -16.84 -23.65 -27.71
N ALA E 104 -15.86 -22.82 -27.47
CA ALA E 104 -14.56 -23.00 -28.14
C ALA E 104 -13.89 -24.28 -27.73
N LYS E 105 -13.97 -24.62 -26.45
CA LYS E 105 -13.46 -25.91 -25.93
C LYS E 105 -14.14 -27.09 -26.60
N HIS E 106 -15.44 -26.93 -26.83
CA HIS E 106 -16.23 -27.94 -27.47
C HIS E 106 -15.89 -28.16 -28.92
N LEU E 107 -15.70 -27.08 -29.66
CA LEU E 107 -15.29 -27.14 -31.06
C LEU E 107 -13.96 -27.84 -31.22
N LYS E 108 -13.02 -27.56 -30.32
CA LYS E 108 -11.70 -28.21 -30.31
C LYS E 108 -11.82 -29.70 -30.11
N THR E 109 -12.73 -30.16 -29.25
CA THR E 109 -12.92 -31.60 -29.06
C THR E 109 -13.56 -32.30 -30.27
N ILE E 110 -14.25 -31.58 -31.16
CA ILE E 110 -14.75 -32.10 -32.46
C ILE E 110 -13.85 -31.84 -33.69
N ASN E 111 -12.61 -31.40 -33.48
CA ASN E 111 -11.72 -30.97 -34.58
C ASN E 111 -12.40 -29.96 -35.52
N GLN E 112 -12.99 -28.94 -34.89
CA GLN E 112 -13.46 -27.73 -35.57
C GLN E 112 -12.73 -26.52 -34.97
N GLU E 113 -11.44 -26.68 -34.66
CA GLU E 113 -10.59 -25.60 -34.14
C GLU E 113 -10.63 -24.38 -35.05
N SER E 114 -10.72 -24.60 -36.37
CA SER E 114 -10.70 -23.50 -37.31
C SER E 114 -11.93 -22.61 -37.22
N CYS E 115 -13.03 -23.12 -36.64
CA CYS E 115 -14.19 -22.28 -36.24
C CYS E 115 -14.01 -21.42 -34.99
N ILE E 116 -12.90 -21.53 -34.28
CA ILE E 116 -12.71 -20.74 -33.06
C ILE E 116 -12.44 -19.26 -33.34
N GLU E 117 -11.66 -18.92 -34.36
CA GLU E 117 -11.47 -17.52 -34.67
C GLU E 117 -12.75 -16.84 -35.19
N PRO E 118 -13.47 -17.45 -36.15
CA PRO E 118 -14.79 -16.95 -36.57
C PRO E 118 -15.73 -16.72 -35.43
N LEU E 119 -15.69 -17.62 -34.46
CA LEU E 119 -16.55 -17.48 -33.28
C LEU E 119 -16.17 -16.24 -32.52
N ALA E 120 -14.86 -16.01 -32.38
CA ALA E 120 -14.39 -14.87 -31.58
C ALA E 120 -14.61 -13.56 -32.34
N GLU E 121 -14.42 -13.56 -33.66
CA GLU E 121 -14.69 -12.40 -34.51
C GLU E 121 -16.09 -12.02 -34.34
N SER E 122 -16.93 -13.03 -34.21
CA SER E 122 -18.36 -12.82 -34.16
C SER E 122 -18.87 -12.27 -32.84
N ILE E 123 -18.34 -12.75 -31.73
CA ILE E 123 -18.64 -12.17 -30.42
C ILE E 123 -18.18 -10.72 -30.38
N THR E 124 -16.97 -10.47 -30.87
CA THR E 124 -16.43 -9.15 -30.83
C THR E 124 -17.28 -8.19 -31.65
N ASP E 125 -17.68 -8.64 -32.83
CA ASP E 125 -18.41 -7.83 -33.79
C ASP E 125 -19.73 -7.35 -33.21
N VAL E 126 -20.43 -8.22 -32.53
CA VAL E 126 -21.68 -7.83 -31.90
C VAL E 126 -21.46 -6.86 -30.78
N LEU E 127 -20.53 -7.19 -29.92
CA LEU E 127 -20.27 -6.35 -28.75
C LEU E 127 -19.83 -4.94 -29.11
N VAL E 128 -18.89 -4.80 -30.03
CA VAL E 128 -18.33 -3.54 -30.33
C VAL E 128 -19.25 -2.75 -31.25
N ARG E 129 -19.85 -3.39 -32.24
CA ARG E 129 -20.69 -2.62 -33.13
C ARG E 129 -21.94 -2.18 -32.43
N THR E 130 -22.50 -3.00 -31.58
CA THR E 130 -23.79 -2.62 -30.99
C THR E 130 -23.67 -1.89 -29.69
N LYS E 131 -22.52 -1.97 -29.00
CA LYS E 131 -22.33 -1.24 -27.70
C LYS E 131 -21.12 -0.28 -27.69
N ARG E 132 -20.63 0.11 -28.86
CA ARG E 132 -19.41 0.94 -28.91
C ARG E 132 -19.39 2.15 -27.98
N ASP E 133 -20.42 2.99 -28.08
CA ASP E 133 -20.49 4.14 -27.21
C ASP E 133 -20.59 3.73 -25.74
N TRP E 134 -21.38 2.75 -25.40
CA TRP E 134 -21.36 2.26 -23.99
C TRP E 134 -19.96 1.87 -23.52
N LEU E 135 -19.26 1.05 -24.29
CA LEU E 135 -17.90 0.62 -23.92
C LEU E 135 -16.97 1.83 -23.72
N VAL E 136 -16.98 2.76 -24.64
CA VAL E 136 -16.15 3.94 -24.50
C VAL E 136 -16.54 4.72 -23.25
N LYS E 137 -17.81 4.90 -22.96
CA LYS E 137 -18.18 5.63 -21.78
C LYS E 137 -17.69 4.91 -20.53
N GLN E 138 -17.66 3.59 -20.53
CA GLN E 138 -17.12 2.82 -19.40
C GLN E 138 -15.59 2.68 -19.40
N ARG E 139 -14.87 3.47 -20.18
CA ARG E 139 -13.44 3.44 -20.24
C ARG E 139 -12.94 2.08 -20.77
N GLY E 140 -13.73 1.42 -21.63
CA GLY E 140 -13.29 0.25 -22.38
C GLY E 140 -12.77 -0.82 -21.48
N TRP E 141 -11.73 -1.51 -21.91
CA TRP E 141 -11.18 -2.62 -21.16
C TRP E 141 -10.56 -2.19 -19.83
N ASP E 142 -10.08 -0.98 -19.73
CA ASP E 142 -9.76 -0.45 -18.42
C ASP E 142 -10.95 -0.50 -17.45
N GLY E 143 -12.11 -0.10 -17.88
CA GLY E 143 -13.27 -0.23 -17.01
C GLY E 143 -13.63 -1.65 -16.62
N PHE E 144 -13.52 -2.57 -17.60
CA PHE E 144 -13.69 -4.01 -17.34
C PHE E 144 -12.78 -4.51 -16.20
N VAL E 145 -11.52 -4.15 -16.30
CA VAL E 145 -10.57 -4.58 -15.32
C VAL E 145 -10.89 -4.01 -13.96
N GLU E 146 -11.32 -2.75 -13.94
CA GLU E 146 -11.61 -2.08 -12.70
C GLU E 146 -12.85 -2.69 -12.07
N PHE E 147 -13.86 -3.04 -12.88
CA PHE E 147 -15.16 -3.51 -12.39
C PHE E 147 -15.05 -4.85 -11.67
N PHE E 148 -14.18 -5.73 -12.15
CA PHE E 148 -13.95 -7.08 -11.58
C PHE E 148 -12.73 -7.20 -10.66
N HIS E 149 -11.96 -6.15 -10.46
CA HIS E 149 -10.73 -6.26 -9.67
C HIS E 149 -10.99 -6.48 -8.20
N VAL E 150 -10.22 -7.37 -7.58
CA VAL E 150 -10.31 -7.66 -6.13
C VAL E 150 -8.97 -7.67 -5.31
N GLU E 151 -8.99 -7.15 -4.08
CA GLU E 151 -7.80 -7.12 -3.27
C GLU E 151 -8.10 -6.84 -1.80
N ASP F 1 -23.94 1.43 5.38
CA ASP F 1 -23.31 0.30 6.15
C ASP F 1 -23.32 -1.05 5.35
N PRO F 2 -22.44 -2.02 5.73
CA PRO F 2 -22.30 -3.29 4.98
C PRO F 2 -23.60 -4.10 4.78
N LYS F 3 -24.54 -4.01 5.71
CA LYS F 3 -25.78 -4.76 5.59
C LYS F 3 -26.58 -4.31 4.39
N LYS F 4 -26.64 -3.01 4.11
CA LYS F 4 -27.36 -2.50 2.91
C LYS F 4 -26.74 -2.92 1.55
N VAL F 5 -25.40 -3.03 1.50
CA VAL F 5 -24.71 -3.59 0.33
C VAL F 5 -25.13 -5.02 0.03
N LEU F 6 -24.96 -5.88 1.03
CA LEU F 6 -25.38 -7.27 0.97
C LEU F 6 -26.88 -7.46 0.73
N ASP F 7 -27.73 -6.61 1.34
CA ASP F 7 -29.20 -6.71 1.18
C ASP F 7 -29.55 -6.36 -0.23
N LYS F 8 -28.84 -5.41 -0.81
CA LYS F 8 -29.10 -4.99 -2.21
C LYS F 8 -28.77 -6.11 -3.18
N ALA F 9 -27.59 -6.70 -2.99
CA ALA F 9 -27.12 -7.81 -3.77
C ALA F 9 -28.14 -8.94 -3.69
N LYS F 10 -28.59 -9.24 -2.49
CA LYS F 10 -29.59 -10.25 -2.29
C LYS F 10 -30.89 -9.99 -3.05
N ASP F 11 -31.43 -8.79 -2.99
CA ASP F 11 -32.62 -8.47 -3.79
C ASP F 11 -32.41 -8.68 -5.27
N GLN F 12 -31.30 -8.15 -5.77
CA GLN F 12 -30.99 -8.21 -7.18
C GLN F 12 -31.03 -9.67 -7.60
N ALA F 13 -30.26 -10.50 -6.88
CA ALA F 13 -30.13 -11.92 -7.19
C ALA F 13 -31.48 -12.59 -7.18
N GLU F 14 -32.25 -12.37 -6.12
CA GLU F 14 -33.58 -12.97 -5.97
C GLU F 14 -34.42 -12.61 -7.19
N ASN F 15 -34.50 -11.34 -7.53
CA ASN F 15 -35.30 -10.90 -8.68
C ASN F 15 -34.83 -11.45 -10.01
N ARG F 16 -33.53 -11.49 -10.21
CA ARG F 16 -33.01 -12.03 -11.44
C ARG F 16 -33.37 -13.50 -11.61
N VAL F 17 -33.37 -14.26 -10.51
CA VAL F 17 -33.76 -15.67 -10.52
C VAL F 17 -35.27 -15.82 -10.74
N ARG F 18 -36.06 -15.00 -10.09
CA ARG F 18 -37.54 -14.99 -10.31
C ARG F 18 -37.86 -14.74 -11.76
N GLU F 19 -37.20 -13.74 -12.34
CA GLU F 19 -37.35 -13.36 -13.76
C GLU F 19 -36.98 -14.51 -14.67
N LEU F 20 -35.92 -15.23 -14.34
CA LEU F 20 -35.47 -16.34 -15.17
C LEU F 20 -36.49 -17.42 -15.21
N LYS F 21 -37.12 -17.66 -14.05
CA LYS F 21 -38.13 -18.71 -13.90
C LYS F 21 -39.37 -18.38 -14.69
N GLN F 22 -39.89 -17.18 -14.50
CA GLN F 22 -41.03 -16.65 -15.30
C GLN F 22 -40.82 -16.81 -16.81
N VAL F 23 -39.62 -16.51 -17.28
CA VAL F 23 -39.33 -16.47 -18.70
C VAL F 23 -39.34 -17.90 -19.24
N LEU F 24 -38.65 -18.80 -18.54
CA LEU F 24 -38.63 -20.20 -18.92
C LEU F 24 -39.99 -20.91 -18.78
N GLU F 25 -40.81 -20.56 -17.76
CA GLU F 25 -42.22 -20.97 -17.69
C GLU F 25 -42.99 -20.54 -18.94
N GLU F 26 -42.97 -19.24 -19.29
CA GLU F 26 -43.67 -18.74 -20.49
C GLU F 26 -43.20 -19.41 -21.76
N LEU F 27 -41.90 -19.62 -21.87
CA LEU F 27 -41.38 -20.36 -23.02
C LEU F 27 -41.89 -21.79 -23.13
N TYR F 28 -42.01 -22.49 -22.01
CA TYR F 28 -42.50 -23.90 -21.98
C TYR F 28 -43.98 -23.93 -22.36
N LYS F 29 -44.79 -23.11 -21.71
CA LYS F 29 -46.17 -22.95 -22.06
C LYS F 29 -46.46 -22.71 -23.54
N GLU F 30 -45.55 -22.09 -24.30
CA GLU F 30 -45.71 -21.93 -25.77
C GLU F 30 -45.16 -23.14 -26.54
N ALA F 31 -44.03 -23.69 -26.11
CA ALA F 31 -43.46 -24.89 -26.73
C ALA F 31 -44.42 -26.13 -26.64
N ARG F 32 -45.18 -26.25 -25.53
CA ARG F 32 -46.17 -27.35 -25.30
C ARG F 32 -47.37 -27.21 -26.27
N LYS F 33 -47.94 -26.01 -26.33
CA LYS F 33 -49.12 -25.67 -27.16
C LYS F 33 -48.91 -25.79 -28.66
N LEU F 34 -47.80 -25.25 -29.13
CA LEU F 34 -47.51 -25.22 -30.57
C LEU F 34 -47.02 -26.59 -31.08
N ASP F 35 -47.12 -26.73 -32.40
CA ASP F 35 -46.58 -27.85 -33.14
C ASP F 35 -45.26 -27.35 -33.72
N LEU F 36 -44.14 -27.80 -33.14
CA LEU F 36 -42.88 -27.12 -33.41
C LEU F 36 -42.24 -27.60 -34.69
N THR F 37 -42.30 -26.78 -35.74
CA THR F 37 -41.35 -26.90 -36.85
C THR F 37 -39.91 -26.93 -36.32
N GLN F 38 -39.00 -27.42 -37.15
CA GLN F 38 -37.56 -27.41 -36.87
C GLN F 38 -37.04 -26.00 -36.56
N GLU F 39 -37.45 -25.03 -37.39
CA GLU F 39 -37.25 -23.59 -37.17
C GLU F 39 -37.74 -23.12 -35.79
N MET F 40 -39.04 -23.25 -35.52
CA MET F 40 -39.63 -22.75 -34.27
C MET F 40 -38.92 -23.37 -33.07
N ARG F 41 -38.46 -24.61 -33.18
CA ARG F 41 -37.66 -25.20 -32.11
C ARG F 41 -36.33 -24.47 -31.93
N LYS F 42 -35.68 -24.19 -33.06
CA LYS F 42 -34.39 -23.49 -33.09
C LYS F 42 -34.50 -22.11 -32.42
N LYS F 43 -35.56 -21.39 -32.75
CA LYS F 43 -35.86 -20.09 -32.13
C LYS F 43 -36.09 -20.22 -30.65
N LEU F 44 -36.99 -21.11 -30.27
CA LEU F 44 -37.25 -21.34 -28.88
C LEU F 44 -35.98 -21.60 -28.06
N ILE F 45 -35.06 -22.40 -28.61
CA ILE F 45 -33.88 -22.83 -27.88
C ILE F 45 -32.93 -21.64 -27.74
N GLU F 46 -32.85 -20.84 -28.79
CA GLU F 46 -32.15 -19.57 -28.74
C GLU F 46 -32.66 -18.65 -27.67
N ARG F 47 -33.97 -18.50 -27.53
CA ARG F 47 -34.53 -17.70 -26.45
C ARG F 47 -34.19 -18.22 -25.06
N TYR F 48 -34.17 -19.52 -24.88
CA TYR F 48 -33.80 -20.14 -23.61
C TYR F 48 -32.36 -19.80 -23.31
N ALA F 49 -31.45 -20.00 -24.26
CA ALA F 49 -30.03 -19.77 -23.99
C ALA F 49 -29.79 -18.31 -23.61
N ALA F 50 -30.47 -17.41 -24.32
CA ALA F 50 -30.41 -15.99 -24.02
C ALA F 50 -30.96 -15.73 -22.63
N ALA F 51 -32.06 -16.35 -22.23
CA ALA F 51 -32.60 -16.11 -20.91
C ALA F 51 -31.59 -16.43 -19.79
N ILE F 52 -30.81 -17.48 -20.00
CA ILE F 52 -29.92 -18.07 -18.99
C ILE F 52 -28.71 -17.21 -18.93
N ILE F 53 -28.14 -16.88 -20.09
CA ILE F 53 -26.99 -16.01 -20.13
C ILE F 53 -27.35 -14.67 -19.50
N ARG F 54 -28.55 -14.18 -19.77
CA ARG F 54 -29.02 -12.92 -19.18
C ARG F 54 -29.07 -13.00 -17.65
N ALA F 55 -29.60 -14.06 -17.10
CA ALA F 55 -29.70 -14.21 -15.64
C ALA F 55 -28.33 -14.36 -15.00
N ILE F 56 -27.51 -15.22 -15.57
CA ILE F 56 -26.18 -15.42 -15.05
C ILE F 56 -25.43 -14.09 -15.09
N GLY F 57 -25.55 -13.37 -16.17
CA GLY F 57 -24.87 -12.10 -16.32
C GLY F 57 -25.32 -11.03 -15.36
N ASP F 58 -26.61 -10.94 -15.12
CA ASP F 58 -27.10 -9.99 -14.12
C ASP F 58 -26.79 -10.35 -12.68
N ILE F 59 -26.70 -11.63 -12.38
CA ILE F 59 -26.39 -12.01 -11.04
C ILE F 59 -24.96 -11.61 -10.82
N ASN F 60 -24.14 -11.97 -11.76
CA ASN F 60 -22.74 -11.74 -11.68
C ASN F 60 -22.50 -10.24 -11.54
N ASN F 61 -23.24 -9.46 -12.28
CA ASN F 61 -23.08 -8.02 -12.22
C ASN F 61 -23.54 -7.44 -10.90
N ALA F 62 -24.59 -7.98 -10.30
CA ALA F 62 -25.02 -7.55 -8.96
C ALA F 62 -23.96 -7.85 -7.89
N ILE F 63 -23.35 -9.03 -7.96
CA ILE F 63 -22.31 -9.42 -7.07
C ILE F 63 -21.11 -8.51 -7.15
N TYR F 64 -20.58 -8.28 -8.34
CA TYR F 64 -19.38 -7.46 -8.46
C TYR F 64 -19.66 -6.01 -8.23
N GLN F 65 -20.94 -5.62 -8.38
CA GLN F 65 -21.35 -4.27 -8.08
C GLN F 65 -21.21 -4.08 -6.59
N ALA F 66 -21.72 -5.05 -5.82
CA ALA F 66 -21.52 -5.09 -4.37
C ALA F 66 -20.06 -5.16 -3.94
N LYS F 67 -19.21 -5.95 -4.60
CA LYS F 67 -17.74 -5.87 -4.42
C LYS F 67 -17.24 -4.44 -4.59
N GLN F 68 -17.72 -3.68 -5.55
CA GLN F 68 -17.25 -2.29 -5.71
C GLN F 68 -17.72 -1.40 -4.58
N GLU F 69 -18.99 -1.57 -4.19
CA GLU F 69 -19.57 -0.86 -3.06
C GLU F 69 -18.86 -1.11 -1.74
N ALA F 70 -18.48 -2.36 -1.52
CA ALA F 70 -17.74 -2.75 -0.32
C ALA F 70 -16.33 -2.18 -0.36
N GLU F 71 -15.61 -2.40 -1.45
CA GLU F 71 -14.25 -1.85 -1.64
C GLU F 71 -14.17 -0.31 -1.44
N LYS F 72 -15.27 0.38 -1.73
CA LYS F 72 -15.37 1.83 -1.54
C LYS F 72 -15.51 2.21 -0.09
N LEU F 73 -16.39 1.51 0.63
CA LEU F 73 -16.50 1.69 2.10
C LEU F 73 -15.14 1.53 2.82
N LYS F 74 -14.31 0.62 2.34
CA LYS F 74 -12.99 0.43 2.92
C LYS F 74 -12.05 1.62 2.68
N LYS F 75 -12.10 2.25 1.51
CA LYS F 75 -11.31 3.48 1.32
C LYS F 75 -11.90 4.70 2.03
N ALA F 76 -13.18 4.63 2.42
CA ALA F 76 -13.79 5.63 3.34
C ALA F 76 -13.80 5.17 4.82
N GLY F 77 -12.74 4.49 5.27
CA GLY F 77 -12.75 3.73 6.53
C GLY F 77 -14.06 3.55 7.30
N LEU F 78 -15.15 3.22 6.60
CA LEU F 78 -16.49 3.03 7.19
C LEU F 78 -16.73 1.54 7.51
N VAL F 79 -15.77 0.71 7.11
CA VAL F 79 -15.69 -0.71 7.45
C VAL F 79 -14.23 -1.10 7.70
N ASN F 80 -14.00 -1.81 8.80
CA ASN F 80 -12.66 -2.36 9.06
C ASN F 80 -12.47 -3.59 8.18
N SER F 81 -11.20 -3.98 7.96
CA SER F 81 -10.88 -5.04 6.97
C SER F 81 -11.36 -6.45 7.31
N GLN F 82 -11.82 -6.68 8.54
CA GLN F 82 -12.53 -7.90 8.88
C GLN F 82 -13.97 -7.88 8.37
N GLN F 83 -14.71 -6.81 8.66
CA GLN F 83 -16.09 -6.62 8.12
C GLN F 83 -16.19 -6.70 6.60
N LEU F 84 -15.17 -6.16 5.92
CA LEU F 84 -14.99 -6.30 4.48
C LEU F 84 -14.98 -7.78 4.11
N ASP F 85 -14.18 -8.55 4.83
CA ASP F 85 -14.07 -9.98 4.57
C ASP F 85 -15.29 -10.78 4.91
N GLU F 86 -16.03 -10.45 5.97
CA GLU F 86 -17.34 -11.11 6.15
C GLU F 86 -18.28 -10.79 4.97
N LEU F 87 -18.19 -9.58 4.42
CA LEU F 87 -19.01 -9.16 3.26
C LEU F 87 -18.61 -9.88 1.98
N LEU F 88 -17.33 -9.80 1.58
CA LEU F 88 -16.86 -10.58 0.40
C LEU F 88 -17.09 -12.11 0.51
N ARG F 89 -17.16 -12.65 1.72
CA ARG F 89 -17.51 -14.06 1.91
C ARG F 89 -19.00 -14.28 1.71
N ARG F 90 -19.87 -13.46 2.32
CA ARG F 90 -21.31 -13.61 2.13
C ARG F 90 -21.79 -13.28 0.72
N LEU F 91 -21.02 -12.46 0.01
CA LEU F 91 -21.27 -12.23 -1.41
C LEU F 91 -20.89 -13.44 -2.24
N ASP F 92 -19.74 -14.03 -1.93
CA ASP F 92 -19.33 -15.28 -2.59
C ASP F 92 -20.32 -16.44 -2.34
N GLU F 93 -20.89 -16.48 -1.13
CA GLU F 93 -21.95 -17.40 -0.80
C GLU F 93 -23.22 -17.10 -1.56
N LEU F 94 -23.56 -15.84 -1.65
CA LEU F 94 -24.70 -15.45 -2.49
C LEU F 94 -24.55 -15.82 -3.99
N GLN F 95 -23.35 -15.61 -4.54
CA GLN F 95 -23.09 -15.93 -5.92
C GLN F 95 -23.35 -17.40 -6.15
N LYS F 96 -22.83 -18.24 -5.27
CA LYS F 96 -23.03 -19.68 -5.36
C LYS F 96 -24.47 -20.12 -5.19
N GLU F 97 -25.19 -19.55 -4.26
CA GLU F 97 -26.62 -19.89 -4.11
C GLU F 97 -27.41 -19.56 -5.37
N ALA F 98 -27.11 -18.44 -6.01
CA ALA F 98 -27.81 -18.03 -7.22
C ALA F 98 -27.39 -18.85 -8.41
N SER F 99 -26.10 -19.10 -8.56
CA SER F 99 -25.61 -20.01 -9.62
C SER F 99 -26.26 -21.40 -9.57
N ARG F 100 -26.51 -21.89 -8.36
CA ARG F 100 -27.16 -23.19 -8.24
C ARG F 100 -28.60 -23.07 -8.72
N LYS F 101 -29.28 -21.98 -8.47
CA LYS F 101 -30.61 -21.84 -9.04
C LYS F 101 -30.65 -21.73 -10.57
N ALA F 102 -29.69 -21.03 -11.13
CA ALA F 102 -29.64 -20.87 -12.55
C ALA F 102 -29.36 -22.22 -13.18
N ASN F 103 -28.46 -23.00 -12.60
CA ASN F 103 -28.23 -24.32 -13.13
C ASN F 103 -29.46 -25.23 -13.04
N GLU F 104 -30.20 -25.12 -11.93
CA GLU F 104 -31.37 -25.95 -11.65
C GLU F 104 -32.43 -25.69 -12.68
N TYR F 105 -32.81 -24.43 -12.87
CA TYR F 105 -33.81 -24.07 -13.88
C TYR F 105 -33.36 -24.30 -15.32
N GLY F 106 -32.07 -24.09 -15.62
CA GLY F 106 -31.50 -24.46 -16.91
C GLY F 106 -31.77 -25.94 -17.22
N ARG F 107 -31.47 -26.80 -16.24
CA ARG F 107 -31.63 -28.22 -16.47
C ARG F 107 -33.08 -28.66 -16.52
N GLU F 108 -33.91 -28.12 -15.63
CA GLU F 108 -35.33 -28.38 -15.62
C GLU F 108 -35.92 -28.12 -17.00
N PHE F 109 -35.62 -26.96 -17.56
CA PHE F 109 -36.04 -26.62 -18.93
C PHE F 109 -35.43 -27.55 -19.99
N GLU F 110 -34.16 -27.90 -19.83
CA GLU F 110 -33.49 -28.85 -20.73
C GLU F 110 -34.19 -30.22 -20.82
N LEU F 111 -34.68 -30.73 -19.69
CA LEU F 111 -35.45 -31.97 -19.62
C LEU F 111 -36.86 -31.80 -20.21
N LYS F 112 -37.49 -30.67 -19.94
CA LYS F 112 -38.82 -30.43 -20.53
C LYS F 112 -38.74 -30.39 -22.06
N LEU F 113 -37.59 -30.04 -22.60
CA LEU F 113 -37.40 -30.06 -24.05
C LEU F 113 -37.18 -31.45 -24.63
N GLU F 114 -36.45 -32.30 -23.92
CA GLU F 114 -36.21 -33.69 -24.38
C GLU F 114 -37.42 -34.57 -24.22
N TYR F 115 -38.04 -34.47 -23.06
CA TYR F 115 -39.22 -35.28 -22.83
C TYR F 115 -40.40 -34.89 -23.78
N GLY F 116 -40.46 -33.64 -24.24
CA GLY F 116 -41.48 -33.19 -25.19
C GLY F 116 -41.19 -33.61 -26.64
N ASP G 1 29.67 -5.20 17.83
CA ASP G 1 30.08 -5.05 16.42
C ASP G 1 30.01 -3.62 15.98
N GLU G 2 31.12 -2.92 16.06
CA GLU G 2 31.08 -1.48 15.82
C GLU G 2 30.74 -1.14 14.39
N LEU G 3 31.36 -1.80 13.42
CA LEU G 3 31.14 -1.44 12.04
C LEU G 3 29.67 -1.62 11.61
N TYR G 4 29.02 -2.67 12.10
CA TYR G 4 27.59 -2.89 11.81
C TYR G 4 26.73 -1.79 12.45
N ARG G 5 26.97 -1.51 13.71
CA ARG G 5 26.28 -0.46 14.39
C ARG G 5 26.38 0.85 13.61
N GLN G 6 27.60 1.24 13.26
CA GLN G 6 27.85 2.54 12.67
C GLN G 6 27.18 2.67 11.29
N SER G 7 27.36 1.63 10.47
CA SER G 7 26.77 1.50 9.17
C SER G 7 25.25 1.57 9.22
N LEU G 8 24.66 0.91 10.19
CA LEU G 8 23.19 0.93 10.34
C LEU G 8 22.70 2.31 10.68
N GLU G 9 23.32 2.97 11.66
CA GLU G 9 23.03 4.36 12.00
C GLU G 9 23.05 5.30 10.81
N ILE G 10 24.09 5.23 10.01
CA ILE G 10 24.18 6.12 8.86
C ILE G 10 23.08 5.82 7.84
N ILE G 11 22.96 4.57 7.46
CA ILE G 11 22.04 4.19 6.41
C ILE G 11 20.63 4.40 6.88
N SER G 12 20.37 3.97 8.09
CA SER G 12 19.04 4.04 8.65
C SER G 12 18.55 5.51 8.70
N ARG G 13 19.39 6.44 9.11
CA ARG G 13 19.06 7.83 9.19
C ARG G 13 18.89 8.52 7.86
N TYR G 14 19.77 8.26 6.90
CA TYR G 14 19.60 8.77 5.53
C TYR G 14 18.26 8.34 4.96
N LEU G 15 17.91 7.07 5.10
CA LEU G 15 16.60 6.62 4.63
C LEU G 15 15.42 7.32 5.30
N ARG G 16 15.47 7.48 6.62
CA ARG G 16 14.41 8.18 7.35
C ARG G 16 14.30 9.63 6.92
N GLU G 17 15.40 10.38 6.95
CA GLU G 17 15.43 11.76 6.43
C GLU G 17 14.80 11.92 5.05
N GLN G 18 15.17 11.02 4.14
CA GLN G 18 14.73 11.08 2.77
C GLN G 18 13.27 10.84 2.66
N ALA G 19 12.78 9.82 3.38
CA ALA G 19 11.35 9.52 3.39
C ALA G 19 10.48 10.67 3.94
N THR G 20 10.94 11.30 5.02
CA THR G 20 10.19 12.28 5.78
C THR G 20 10.46 13.71 5.27
N GLY G 21 11.67 13.99 4.76
CA GLY G 21 12.07 15.37 4.49
C GLY G 21 12.78 16.04 5.66
N ALA G 22 12.68 15.45 6.87
CA ALA G 22 13.17 16.07 8.15
C ALA G 22 14.44 15.45 8.59
N LYS G 23 15.45 16.29 8.78
CA LYS G 23 16.79 15.86 9.13
C LYS G 23 16.98 15.70 10.63
N ASP G 24 17.42 14.52 11.09
CA ASP G 24 17.70 14.29 12.53
C ASP G 24 18.75 15.24 13.06
N THR G 25 18.63 15.55 14.35
CA THR G 25 19.66 16.32 15.06
C THR G 25 20.16 15.58 16.35
N LYS G 26 19.57 14.44 16.73
CA LYS G 26 20.13 13.59 17.82
C LYS G 26 21.68 13.36 17.73
N PRO G 27 22.31 12.98 18.87
CA PRO G 27 23.77 12.86 18.90
C PRO G 27 24.19 11.50 18.44
N MET G 28 25.18 11.45 17.56
CA MET G 28 25.75 10.17 17.10
C MET G 28 27.16 9.86 17.84
N GLY G 29 27.36 9.95 19.18
CA GLY G 29 28.73 10.11 19.85
C GLY G 29 30.09 9.60 19.31
N ARG G 30 30.41 8.34 19.55
CA ARG G 30 31.73 7.80 19.12
C ARG G 30 31.80 7.50 17.63
N SER G 31 32.84 8.01 16.98
CA SER G 31 32.84 8.29 15.56
C SER G 31 31.46 8.82 15.11
N GLY G 32 31.05 9.89 15.76
CA GLY G 32 29.93 10.70 15.40
C GLY G 32 30.46 11.78 14.48
N ALA G 33 31.77 12.08 14.54
CA ALA G 33 32.36 13.06 13.61
C ALA G 33 32.33 12.41 12.21
N THR G 34 32.96 11.25 12.14
CA THR G 34 32.88 10.37 10.97
C THR G 34 31.48 9.99 10.54
N SER G 35 30.61 9.60 11.46
CA SER G 35 29.21 9.32 11.08
C SER G 35 28.51 10.59 10.54
N ARG G 36 28.75 11.73 11.17
CA ARG G 36 28.23 12.99 10.66
C ARG G 36 28.74 13.32 9.26
N LYS G 37 30.06 13.27 9.05
CA LYS G 37 30.64 13.55 7.72
C LYS G 37 30.16 12.55 6.64
N ALA G 38 29.91 11.30 7.05
CA ALA G 38 29.40 10.28 6.13
C ALA G 38 27.99 10.62 5.70
N LEU G 39 27.19 11.09 6.64
CA LEU G 39 25.80 11.45 6.39
C LEU G 39 25.74 12.65 5.45
N GLU G 40 26.51 13.70 5.75
CA GLU G 40 26.72 14.83 4.80
C GLU G 40 27.16 14.38 3.40
N THR G 41 28.12 13.48 3.29
CA THR G 41 28.54 12.98 1.99
C THR G 41 27.38 12.28 1.25
N LEU G 42 26.66 11.45 1.98
CA LEU G 42 25.63 10.61 1.43
C LEU G 42 24.49 11.50 0.93
N ARG G 43 24.21 12.58 1.65
CA ARG G 43 23.25 13.56 1.20
C ARG G 43 23.66 14.18 -0.09
N ARG G 44 24.90 14.58 -0.24
CA ARG G 44 25.28 15.27 -1.45
C ARG G 44 25.35 14.29 -2.62
N VAL G 45 25.99 13.17 -2.45
CA VAL G 45 26.22 12.24 -3.54
C VAL G 45 24.95 11.49 -3.91
N GLY G 46 24.28 10.97 -2.88
CA GLY G 46 23.08 10.15 -3.04
C GLY G 46 21.91 10.98 -3.52
N ASP G 47 21.82 12.24 -3.11
CA ASP G 47 20.79 13.03 -3.65
C ASP G 47 21.10 13.24 -5.13
N GLY G 48 22.37 13.37 -5.45
CA GLY G 48 22.77 13.49 -6.82
C GLY G 48 22.41 12.28 -7.68
N VAL G 49 22.65 11.05 -7.21
CA VAL G 49 22.34 9.88 -8.05
C VAL G 49 20.81 9.77 -8.23
N GLN G 50 20.04 10.14 -7.22
CA GLN G 50 18.60 10.10 -7.35
C GLN G 50 18.10 11.12 -8.37
N ARG G 51 18.62 12.34 -8.40
CA ARG G 51 18.21 13.32 -9.45
C ARG G 51 18.64 12.91 -10.85
N ASN G 52 19.86 12.47 -10.96
CA ASN G 52 20.46 12.16 -12.23
C ASN G 52 19.96 10.86 -12.83
N HIS G 53 19.36 9.98 -12.02
CA HIS G 53 18.83 8.68 -12.54
C HIS G 53 17.38 8.48 -12.11
N GLU G 54 16.64 9.56 -11.94
CA GLU G 54 15.25 9.46 -11.52
C GLU G 54 14.53 8.47 -12.43
N THR G 55 14.78 8.57 -13.73
CA THR G 55 14.04 7.84 -14.75
C THR G 55 14.31 6.37 -14.59
N ALA G 56 15.56 5.97 -14.64
CA ALA G 56 15.97 4.58 -14.35
C ALA G 56 15.34 4.04 -13.06
N PHE G 57 15.42 4.83 -11.99
CA PHE G 57 14.96 4.43 -10.62
C PHE G 57 13.45 4.26 -10.50
N GLN G 58 12.69 5.14 -11.14
CA GLN G 58 11.23 5.03 -11.21
C GLN G 58 10.86 3.78 -11.94
N GLY G 59 11.54 3.50 -13.04
CA GLY G 59 11.34 2.29 -13.77
C GLY G 59 11.52 1.04 -12.95
N MET G 60 12.63 0.96 -12.24
CA MET G 60 12.92 -0.18 -11.37
C MET G 60 11.89 -0.31 -10.22
N LEU G 61 11.56 0.80 -9.56
CA LEU G 61 10.67 0.78 -8.43
C LEU G 61 9.29 0.29 -8.87
N ARG G 62 8.88 0.71 -10.05
CA ARG G 62 7.59 0.27 -10.60
C ARG G 62 7.58 -1.25 -10.80
N LYS G 63 8.57 -1.79 -11.51
CA LYS G 63 8.56 -3.21 -11.80
C LYS G 63 8.83 -4.15 -10.58
N LEU G 64 9.71 -3.76 -9.67
CA LEU G 64 9.93 -4.58 -8.46
C LEU G 64 8.70 -4.62 -7.61
N ASP G 65 7.87 -3.57 -7.68
CA ASP G 65 6.51 -3.54 -7.11
C ASP G 65 6.50 -3.79 -5.61
N ILE G 66 7.11 -2.84 -4.88
CA ILE G 66 7.38 -3.01 -3.46
C ILE G 66 6.19 -2.53 -2.64
N LYS G 67 5.17 -3.38 -2.56
CA LYS G 67 3.91 -3.11 -1.82
C LYS G 67 4.12 -3.16 -0.30
N ASN G 68 4.81 -4.21 0.16
CA ASN G 68 4.79 -4.63 1.57
C ASN G 68 6.20 -5.11 2.06
N GLU G 69 6.25 -6.06 3.00
CA GLU G 69 7.52 -6.46 3.62
C GLU G 69 8.20 -7.73 3.03
N ASP G 70 7.40 -8.67 2.50
CA ASP G 70 7.91 -9.77 1.65
C ASP G 70 8.80 -9.22 0.55
N ASP G 71 8.27 -8.21 -0.13
CA ASP G 71 8.94 -7.55 -1.24
C ASP G 71 10.24 -6.85 -0.84
N VAL G 72 10.36 -6.42 0.42
CA VAL G 72 11.62 -5.86 0.93
C VAL G 72 12.77 -6.89 0.94
N LYS G 73 12.47 -8.16 1.21
CA LYS G 73 13.46 -9.25 1.03
C LYS G 73 14.02 -9.35 -0.38
N SER G 74 13.19 -9.12 -1.39
CA SER G 74 13.67 -9.08 -2.78
C SER G 74 14.74 -7.99 -3.11
N LEU G 75 14.89 -6.96 -2.28
CA LEU G 75 15.98 -5.99 -2.55
C LEU G 75 17.35 -6.58 -2.23
N SER G 76 17.38 -7.57 -1.32
CA SER G 76 18.58 -8.32 -0.97
C SER G 76 19.09 -9.11 -2.13
N ARG G 77 18.20 -9.86 -2.78
CA ARG G 77 18.54 -10.54 -4.03
C ARG G 77 19.09 -9.54 -5.03
N VAL G 78 18.55 -8.33 -5.09
CA VAL G 78 19.10 -7.35 -6.05
C VAL G 78 20.54 -7.04 -5.71
N MET G 79 20.79 -6.75 -4.43
CA MET G 79 22.13 -6.42 -3.96
C MET G 79 23.15 -7.51 -4.23
N ILE G 80 22.78 -8.72 -3.92
CA ILE G 80 23.65 -9.82 -4.17
C ILE G 80 23.97 -9.97 -5.64
N HIS G 81 22.97 -9.85 -6.53
CA HIS G 81 23.27 -9.88 -7.97
C HIS G 81 24.28 -8.76 -8.29
N VAL G 82 24.08 -7.57 -7.73
CA VAL G 82 24.97 -6.48 -8.09
C VAL G 82 26.46 -6.84 -7.87
N PHE G 83 26.76 -7.46 -6.73
CA PHE G 83 28.09 -7.73 -6.38
C PHE G 83 28.63 -9.04 -6.96
N SER G 84 27.83 -9.79 -7.70
CA SER G 84 28.17 -11.14 -8.04
C SER G 84 29.26 -11.30 -9.06
N ASP G 85 29.73 -10.22 -9.63
CA ASP G 85 30.87 -10.33 -10.56
C ASP G 85 32.24 -10.16 -9.88
N GLY G 86 32.28 -9.98 -8.59
CA GLY G 86 33.56 -9.87 -7.92
C GLY G 86 34.05 -8.49 -7.56
N VAL G 87 33.45 -7.51 -8.16
CA VAL G 87 33.85 -6.12 -8.04
C VAL G 87 33.07 -5.39 -6.93
N THR G 88 33.79 -4.56 -6.20
CA THR G 88 33.33 -3.88 -5.03
C THR G 88 33.99 -2.50 -5.11
N ASN G 89 33.19 -1.46 -5.14
CA ASN G 89 33.68 -0.15 -4.99
C ASN G 89 32.64 0.77 -4.33
N TRP G 90 33.05 1.98 -3.95
CA TRP G 90 32.17 2.86 -3.27
C TRP G 90 31.05 3.41 -4.22
N GLY G 91 31.28 3.48 -5.53
CA GLY G 91 30.19 3.81 -6.43
C GLY G 91 28.98 2.86 -6.30
N ARG G 92 29.23 1.56 -6.40
CA ARG G 92 28.19 0.58 -6.26
C ARG G 92 27.51 0.77 -4.93
N ILE G 93 28.29 0.93 -3.88
CA ILE G 93 27.74 1.02 -2.55
C ILE G 93 26.83 2.27 -2.41
N VAL G 94 27.30 3.42 -2.84
CA VAL G 94 26.49 4.62 -2.66
C VAL G 94 25.21 4.52 -3.48
N THR G 95 25.29 3.93 -4.66
CA THR G 95 24.16 3.75 -5.53
C THR G 95 23.09 2.80 -4.92
N LEU G 96 23.48 1.72 -4.26
CA LEU G 96 22.49 0.92 -3.55
C LEU G 96 21.80 1.68 -2.47
N ILE G 97 22.58 2.43 -1.71
CA ILE G 97 22.02 3.18 -0.60
C ILE G 97 21.07 4.24 -1.16
N SER G 98 21.44 4.90 -2.26
CA SER G 98 20.53 5.91 -2.81
C SER G 98 19.27 5.31 -3.44
N PHE G 99 19.39 4.16 -4.08
CA PHE G 99 18.20 3.48 -4.44
C PHE G 99 17.39 3.06 -3.20
N GLY G 100 18.02 2.72 -2.09
CA GLY G 100 17.30 2.43 -0.83
C GLY G 100 16.47 3.58 -0.31
N ALA G 101 17.03 4.77 -0.42
CA ALA G 101 16.34 6.01 -0.11
C ALA G 101 15.15 6.30 -1.01
N PHE G 102 15.34 6.05 -2.30
CA PHE G 102 14.27 6.18 -3.27
C PHE G 102 13.11 5.26 -2.85
N VAL G 103 13.38 3.99 -2.55
CA VAL G 103 12.26 3.09 -2.18
C VAL G 103 11.71 3.49 -0.79
N ALA G 104 12.53 4.07 0.09
CA ALA G 104 12.00 4.51 1.40
C ALA G 104 10.99 5.65 1.26
N LYS G 105 11.26 6.60 0.36
CA LYS G 105 10.33 7.66 0.03
C LYS G 105 9.01 7.10 -0.45
N HIS G 106 9.10 6.06 -1.27
CA HIS G 106 7.95 5.42 -1.83
C HIS G 106 7.09 4.73 -0.78
N LEU G 107 7.73 3.98 0.12
CA LEU G 107 7.03 3.26 1.22
C LEU G 107 6.24 4.24 2.08
N LYS G 108 6.84 5.41 2.35
CA LYS G 108 6.21 6.47 3.14
C LYS G 108 4.97 6.97 2.48
N THR G 109 5.00 7.10 1.15
CA THR G 109 3.80 7.56 0.42
C THR G 109 2.68 6.52 0.43
N ILE G 110 2.99 5.24 0.63
CA ILE G 110 1.94 4.19 0.80
C ILE G 110 1.60 3.82 2.28
N ASN G 111 2.02 4.65 3.23
CA ASN G 111 1.87 4.34 4.67
C ASN G 111 2.42 2.93 5.03
N GLN G 112 3.63 2.65 4.55
CA GLN G 112 4.42 1.51 4.99
C GLN G 112 5.72 2.03 5.61
N GLU G 113 5.64 3.16 6.34
CA GLU G 113 6.79 3.79 7.04
C GLU G 113 7.51 2.78 7.95
N SER G 114 6.75 1.86 8.54
CA SER G 114 7.33 0.85 9.43
C SER G 114 8.22 -0.18 8.73
N CYS G 115 8.07 -0.36 7.40
CA CYS G 115 9.04 -1.09 6.59
C CYS G 115 10.35 -0.36 6.27
N ILE G 116 10.52 0.90 6.68
CA ILE G 116 11.78 1.63 6.37
C ILE G 116 12.95 1.14 7.20
N GLU G 117 12.76 0.85 8.50
CA GLU G 117 13.88 0.32 9.33
C GLU G 117 14.31 -1.08 8.86
N PRO G 118 13.38 -2.04 8.68
CA PRO G 118 13.69 -3.32 8.01
C PRO G 118 14.41 -3.22 6.69
N LEU G 119 14.01 -2.27 5.86
CA LEU G 119 14.74 -2.05 4.62
C LEU G 119 16.19 -1.65 4.87
N ALA G 120 16.39 -0.73 5.82
CA ALA G 120 17.72 -0.24 6.11
C ALA G 120 18.58 -1.31 6.80
N GLU G 121 17.99 -2.07 7.73
CA GLU G 121 18.66 -3.19 8.36
C GLU G 121 19.13 -4.16 7.30
N SER G 122 18.31 -4.34 6.27
CA SER G 122 18.59 -5.31 5.23
C SER G 122 19.68 -4.89 4.25
N ILE G 123 19.72 -3.63 3.88
CA ILE G 123 20.85 -3.11 3.12
C ILE G 123 22.13 -3.22 3.94
N THR G 124 22.07 -2.82 5.19
CA THR G 124 23.24 -2.85 6.03
C THR G 124 23.76 -4.28 6.20
N ASP G 125 22.85 -5.23 6.38
CA ASP G 125 23.21 -6.61 6.62
C ASP G 125 23.96 -7.23 5.43
N VAL G 126 23.52 -6.96 4.21
CA VAL G 126 24.23 -7.49 3.05
C VAL G 126 25.59 -6.85 2.93
N LEU G 127 25.66 -5.54 3.07
CA LEU G 127 26.87 -4.82 2.85
C LEU G 127 27.92 -5.26 3.84
N VAL G 128 27.57 -5.36 5.10
CA VAL G 128 28.57 -5.56 6.14
C VAL G 128 28.93 -7.01 6.24
N ARG G 129 27.97 -7.88 6.13
CA ARG G 129 28.31 -9.27 6.23
C ARG G 129 29.14 -9.69 5.06
N THR G 130 28.82 -9.22 3.87
CA THR G 130 29.48 -9.81 2.68
C THR G 130 30.69 -9.04 2.28
N LYS G 131 30.84 -7.79 2.71
CA LYS G 131 31.98 -6.99 2.38
C LYS G 131 32.73 -6.47 3.64
N ARG G 132 32.57 -7.10 4.78
CA ARG G 132 33.24 -6.61 5.99
C ARG G 132 34.72 -6.33 5.88
N ASP G 133 35.46 -7.32 5.45
CA ASP G 133 36.91 -7.09 5.36
C ASP G 133 37.20 -6.03 4.31
N TRP G 134 36.50 -6.01 3.21
CA TRP G 134 36.73 -4.89 2.27
C TRP G 134 36.55 -3.53 2.93
N LEU G 135 35.45 -3.34 3.67
CA LEU G 135 35.14 -2.05 4.31
C LEU G 135 36.20 -1.65 5.29
N VAL G 136 36.65 -2.60 6.10
CA VAL G 136 37.73 -2.34 7.05
C VAL G 136 39.02 -1.99 6.33
N LYS G 137 39.39 -2.70 5.27
CA LYS G 137 40.56 -2.31 4.56
C LYS G 137 40.44 -0.85 4.03
N GLN G 138 39.26 -0.43 3.61
CA GLN G 138 39.08 0.91 3.02
C GLN G 138 38.89 1.95 4.09
N ARG G 139 39.18 1.62 5.34
CA ARG G 139 39.06 2.54 6.46
C ARG G 139 37.60 2.86 6.77
N GLY G 140 36.69 1.96 6.47
CA GLY G 140 35.30 2.14 6.75
C GLY G 140 34.71 3.45 6.21
N TRP G 141 33.81 4.04 6.98
CA TRP G 141 33.13 5.24 6.58
C TRP G 141 34.06 6.44 6.50
N ASP G 142 35.18 6.45 7.21
CA ASP G 142 36.24 7.40 6.84
C ASP G 142 36.68 7.30 5.36
N GLY G 143 36.87 6.09 4.84
CA GLY G 143 37.22 5.95 3.42
C GLY G 143 36.16 6.39 2.45
N PHE G 144 34.90 6.11 2.77
CA PHE G 144 33.75 6.64 2.06
C PHE G 144 33.76 8.15 1.93
N VAL G 145 33.94 8.82 3.05
CA VAL G 145 33.99 10.27 3.07
C VAL G 145 35.14 10.81 2.22
N GLU G 146 36.29 10.13 2.27
CA GLU G 146 37.47 10.59 1.58
C GLU G 146 37.25 10.41 0.10
N PHE G 147 36.60 9.33 -0.29
CA PHE G 147 36.50 8.99 -1.70
C PHE G 147 35.64 9.98 -2.49
N PHE G 148 34.57 10.47 -1.85
CA PHE G 148 33.62 11.39 -2.45
C PHE G 148 33.87 12.85 -2.11
N HIS G 149 34.88 13.16 -1.30
CA HIS G 149 35.09 14.52 -0.86
C HIS G 149 35.55 15.40 -2.01
N VAL G 150 35.04 16.63 -2.10
CA VAL G 150 35.45 17.61 -3.13
C VAL G 150 35.86 19.05 -2.66
N GLU G 151 36.79 19.68 -3.39
CA GLU G 151 37.34 21.03 -3.13
C GLU G 151 38.25 20.91 -1.93
N ASP H 1 49.52 13.09 -16.85
CA ASP H 1 48.88 14.39 -17.25
C ASP H 1 47.30 14.27 -17.28
N PRO H 2 46.56 15.44 -17.20
CA PRO H 2 45.09 15.45 -17.11
C PRO H 2 44.34 14.72 -18.21
N LYS H 3 44.92 14.66 -19.41
CA LYS H 3 44.26 13.96 -20.50
C LYS H 3 44.10 12.47 -20.19
N LYS H 4 45.12 11.84 -19.59
CA LYS H 4 45.03 10.40 -19.24
C LYS H 4 43.99 10.09 -18.16
N VAL H 5 43.79 11.00 -17.21
CA VAL H 5 42.74 10.88 -16.23
C VAL H 5 41.38 10.86 -16.90
N LEU H 6 41.11 11.89 -17.68
CA LEU H 6 39.84 12.03 -18.42
C LEU H 6 39.64 10.91 -19.43
N ASP H 7 40.71 10.47 -20.09
CA ASP H 7 40.62 9.38 -21.07
C ASP H 7 40.25 8.08 -20.38
N LYS H 8 40.78 7.87 -19.18
CA LYS H 8 40.48 6.65 -18.41
C LYS H 8 39.03 6.63 -18.04
N ALA H 9 38.57 7.74 -17.48
CA ALA H 9 37.20 7.88 -17.08
C ALA H 9 36.29 7.59 -18.27
N LYS H 10 36.64 8.15 -19.41
CA LYS H 10 35.91 7.94 -20.64
C LYS H 10 35.79 6.50 -21.02
N ASP H 11 36.91 5.78 -21.04
CA ASP H 11 36.86 4.35 -21.32
C ASP H 11 35.96 3.57 -20.38
N GLN H 12 36.11 3.83 -19.08
CA GLN H 12 35.37 3.15 -18.07
C GLN H 12 33.91 3.34 -18.38
N ALA H 13 33.48 4.59 -18.51
CA ALA H 13 32.08 4.92 -18.74
C ALA H 13 31.54 4.21 -19.98
N GLU H 14 32.28 4.32 -21.09
CA GLU H 14 31.87 3.73 -22.34
C GLU H 14 31.64 2.25 -22.16
N ASN H 15 32.62 1.55 -21.60
CA ASN H 15 32.49 0.11 -21.33
C ASN H 15 31.39 -0.27 -20.38
N ARG H 16 31.21 0.49 -19.32
CA ARG H 16 30.12 0.18 -18.43
C ARG H 16 28.74 0.27 -19.08
N VAL H 17 28.56 1.25 -19.96
CA VAL H 17 27.32 1.40 -20.70
C VAL H 17 27.18 0.25 -21.73
N ARG H 18 28.25 -0.08 -22.47
CA ARG H 18 28.22 -1.19 -23.41
C ARG H 18 27.76 -2.46 -22.70
N GLU H 19 28.34 -2.72 -21.53
CA GLU H 19 28.05 -3.90 -20.72
C GLU H 19 26.58 -3.89 -20.31
N LEU H 20 26.04 -2.72 -19.98
CA LEU H 20 24.67 -2.62 -19.49
C LEU H 20 23.72 -3.00 -20.59
N LYS H 21 24.07 -2.59 -21.80
CA LYS H 21 23.25 -2.87 -22.96
C LYS H 21 23.22 -4.37 -23.26
N GLN H 22 24.42 -4.96 -23.36
CA GLN H 22 24.56 -6.42 -23.58
C GLN H 22 23.72 -7.23 -22.60
N VAL H 23 23.73 -6.81 -21.37
CA VAL H 23 23.10 -7.55 -20.31
C VAL H 23 21.57 -7.48 -20.44
N LEU H 24 21.05 -6.29 -20.66
CA LEU H 24 19.62 -6.08 -20.89
C LEU H 24 19.11 -6.71 -22.22
N GLU H 25 19.93 -6.70 -23.28
CA GLU H 25 19.64 -7.49 -24.50
C GLU H 25 19.49 -8.97 -24.12
N GLU H 26 20.51 -9.58 -23.48
CA GLU H 26 20.46 -11.00 -23.14
C GLU H 26 19.24 -11.31 -22.30
N LEU H 27 18.95 -10.45 -21.35
CA LEU H 27 17.76 -10.64 -20.49
C LEU H 27 16.43 -10.65 -21.25
N TYR H 28 16.28 -9.75 -22.24
CA TYR H 28 15.07 -9.69 -23.07
C TYR H 28 14.97 -10.97 -23.92
N LYS H 29 16.06 -11.34 -24.62
CA LYS H 29 16.10 -12.58 -25.38
C LYS H 29 15.68 -13.83 -24.62
N GLU H 30 15.85 -13.88 -23.31
CA GLU H 30 15.36 -15.00 -22.45
C GLU H 30 13.94 -14.81 -21.94
N ALA H 31 13.57 -13.60 -21.55
CA ALA H 31 12.17 -13.28 -21.21
C ALA H 31 11.14 -13.55 -22.39
N ARG H 32 11.57 -13.30 -23.66
CA ARG H 32 10.73 -13.51 -24.88
C ARG H 32 10.50 -15.02 -25.13
N LYS H 33 11.58 -15.80 -25.10
CA LYS H 33 11.59 -17.25 -25.32
C LYS H 33 10.84 -18.10 -24.31
N LEU H 34 11.04 -17.79 -23.03
CA LEU H 34 10.41 -18.53 -21.93
C LEU H 34 8.92 -18.16 -21.75
N ASP H 35 8.23 -19.06 -21.07
CA ASP H 35 6.89 -18.87 -20.58
C ASP H 35 7.03 -18.45 -19.10
N LEU H 36 6.86 -17.17 -18.82
CA LEU H 36 7.25 -16.64 -17.51
C LEU H 36 6.22 -16.90 -16.42
N THR H 37 6.46 -17.89 -15.56
CA THR H 37 5.79 -17.96 -14.24
C THR H 37 5.95 -16.60 -13.51
N GLN H 38 5.10 -16.38 -12.50
CA GLN H 38 5.16 -15.18 -11.65
C GLN H 38 6.54 -15.02 -11.01
N GLU H 39 7.05 -16.14 -10.48
CA GLU H 39 8.43 -16.29 -9.98
C GLU H 39 9.48 -15.87 -11.02
N MET H 40 9.54 -16.55 -12.17
CA MET H 40 10.55 -16.27 -13.21
C MET H 40 10.49 -14.80 -13.67
N ARG H 41 9.31 -14.19 -13.65
CA ARG H 41 9.22 -12.73 -13.89
C ARG H 41 9.89 -11.91 -12.80
N LYS H 42 9.59 -12.28 -11.55
CA LYS H 42 10.15 -11.62 -10.35
C LYS H 42 11.70 -11.67 -10.37
N LYS H 43 12.26 -12.84 -10.72
CA LYS H 43 13.68 -12.99 -10.90
C LYS H 43 14.25 -12.13 -12.03
N LEU H 44 13.65 -12.21 -13.21
CA LEU H 44 14.06 -11.43 -14.35
C LEU H 44 14.14 -9.94 -14.01
N ILE H 45 13.19 -9.46 -13.22
CA ILE H 45 13.08 -8.05 -12.94
C ILE H 45 14.19 -7.68 -11.96
N GLU H 46 14.44 -8.56 -11.01
CA GLU H 46 15.55 -8.42 -10.06
C GLU H 46 16.91 -8.42 -10.71
N ARG H 47 17.15 -9.26 -11.71
CA ARG H 47 18.30 -9.12 -12.58
C ARG H 47 18.40 -7.76 -13.33
N TYR H 48 17.29 -7.20 -13.83
CA TYR H 48 17.29 -5.92 -14.53
C TYR H 48 17.70 -4.80 -13.57
N ALA H 49 17.09 -4.77 -12.41
CA ALA H 49 17.38 -3.72 -11.44
C ALA H 49 18.82 -3.79 -10.99
N ALA H 50 19.33 -5.00 -10.82
CA ALA H 50 20.75 -5.20 -10.52
C ALA H 50 21.64 -4.72 -11.65
N ALA H 51 21.26 -4.94 -12.89
CA ALA H 51 22.11 -4.53 -14.00
C ALA H 51 22.28 -3.03 -14.06
N ILE H 52 21.21 -2.34 -13.71
CA ILE H 52 21.13 -0.88 -13.78
C ILE H 52 21.90 -0.30 -12.62
N ILE H 53 21.63 -0.80 -11.42
CA ILE H 53 22.35 -0.34 -10.27
C ILE H 53 23.84 -0.56 -10.44
N ARG H 54 24.20 -1.66 -11.08
CA ARG H 54 25.63 -1.96 -11.35
C ARG H 54 26.25 -0.94 -12.26
N ALA H 55 25.55 -0.58 -13.31
CA ALA H 55 26.07 0.38 -14.28
C ALA H 55 26.18 1.77 -13.70
N ILE H 56 25.14 2.20 -13.04
CA ILE H 56 25.13 3.53 -12.42
C ILE H 56 26.21 3.62 -11.37
N GLY H 57 26.38 2.57 -10.57
CA GLY H 57 27.41 2.52 -9.54
C GLY H 57 28.80 2.55 -10.10
N ASP H 58 29.04 1.82 -11.18
CA ASP H 58 30.37 1.84 -11.79
C ASP H 58 30.73 3.12 -12.53
N ILE H 59 29.74 3.80 -13.10
CA ILE H 59 30.00 5.02 -13.80
C ILE H 59 30.38 6.05 -12.74
N ASN H 60 29.57 6.10 -11.71
CA ASN H 60 29.76 6.99 -10.61
C ASN H 60 31.12 6.77 -9.94
N ASN H 61 31.48 5.54 -9.74
CA ASN H 61 32.76 5.24 -9.23
C ASN H 61 33.88 5.70 -10.14
N ALA H 62 33.74 5.57 -11.44
CA ALA H 62 34.81 5.93 -12.35
C ALA H 62 35.02 7.40 -12.27
N ILE H 63 33.93 8.12 -12.23
CA ILE H 63 33.97 9.56 -12.22
C ILE H 63 34.65 10.09 -10.93
N TYR H 64 34.23 9.62 -9.74
CA TYR H 64 34.85 10.05 -8.50
C TYR H 64 36.26 9.52 -8.33
N GLN H 65 36.60 8.43 -9.01
CA GLN H 65 37.96 7.94 -9.02
C GLN H 65 38.80 8.98 -9.74
N ALA H 66 38.33 9.47 -10.90
CA ALA H 66 38.98 10.53 -11.68
C ALA H 66 39.05 11.85 -10.92
N LYS H 67 38.01 12.25 -10.19
CA LYS H 67 38.11 13.34 -9.19
C LYS H 67 39.24 13.12 -8.19
N GLN H 68 39.47 11.92 -7.69
CA GLN H 68 40.59 11.73 -6.78
C GLN H 68 41.92 11.86 -7.47
N GLU H 69 42.03 11.27 -8.67
CA GLU H 69 43.23 11.34 -9.49
C GLU H 69 43.60 12.80 -9.81
N ALA H 70 42.61 13.62 -10.12
CA ALA H 70 42.80 15.03 -10.46
C ALA H 70 43.19 15.83 -9.24
N GLU H 71 42.43 15.71 -8.16
CA GLU H 71 42.78 16.31 -6.87
C GLU H 71 44.23 15.99 -6.38
N LYS H 72 44.73 14.81 -6.74
CA LYS H 72 46.06 14.41 -6.38
C LYS H 72 47.11 15.13 -7.19
N LEU H 73 46.89 15.22 -8.51
CA LEU H 73 47.78 15.98 -9.38
C LEU H 73 47.96 17.44 -8.89
N LYS H 74 46.89 18.01 -8.34
CA LYS H 74 46.94 19.36 -7.80
C LYS H 74 47.83 19.49 -6.57
N LYS H 75 47.82 18.51 -5.67
CA LYS H 75 48.77 18.52 -4.55
C LYS H 75 50.21 18.16 -4.95
N ALA H 76 50.37 17.52 -6.11
CA ALA H 76 51.70 17.36 -6.73
C ALA H 76 52.03 18.45 -7.79
N GLY H 77 51.61 19.69 -7.55
CA GLY H 77 51.56 20.73 -8.58
C GLY H 77 51.87 20.36 -10.04
N LEU H 78 51.29 19.26 -10.52
CA LEU H 78 51.44 18.78 -11.91
C LEU H 78 50.27 19.28 -12.81
N VAL H 79 49.31 19.98 -12.20
CA VAL H 79 48.27 20.75 -12.85
C VAL H 79 48.00 22.04 -12.10
N ASN H 80 47.90 23.14 -12.84
CA ASN H 80 47.46 24.41 -12.26
C ASN H 80 45.96 24.38 -12.00
N SER H 81 45.47 25.22 -11.08
CA SER H 81 44.04 25.15 -10.64
C SER H 81 42.99 25.49 -11.73
N GLN H 82 43.41 26.04 -12.88
CA GLN H 82 42.52 26.20 -14.05
C GLN H 82 42.37 24.88 -14.80
N GLN H 83 43.48 24.21 -15.11
CA GLN H 83 43.46 22.84 -15.69
C GLN H 83 42.64 21.79 -14.88
N LEU H 84 42.74 21.87 -13.55
CA LEU H 84 41.90 21.11 -12.63
C LEU H 84 40.44 21.35 -12.95
N ASP H 85 40.08 22.61 -13.08
CA ASP H 85 38.69 22.97 -13.34
C ASP H 85 38.20 22.58 -14.72
N GLU H 86 39.04 22.65 -15.77
CA GLU H 86 38.68 22.14 -17.10
C GLU H 86 38.38 20.61 -16.97
N LEU H 87 39.15 19.94 -16.11
CA LEU H 87 38.98 18.50 -15.83
C LEU H 87 37.69 18.18 -15.05
N LEU H 88 37.51 18.76 -13.86
CA LEU H 88 36.28 18.55 -13.09
C LEU H 88 35.02 18.93 -13.87
N ARG H 89 35.13 19.83 -14.84
CA ARG H 89 33.99 20.20 -15.67
C ARG H 89 33.74 19.11 -16.70
N ARG H 90 34.78 18.66 -17.41
CA ARG H 90 34.61 17.58 -18.41
C ARG H 90 34.23 16.23 -17.79
N LEU H 91 34.57 16.02 -16.52
CA LEU H 91 34.12 14.86 -15.80
C LEU H 91 32.67 14.98 -15.48
N ASP H 92 32.24 16.16 -15.05
CA ASP H 92 30.83 16.38 -14.77
C ASP H 92 29.97 16.22 -16.03
N GLU H 93 30.52 16.64 -17.17
CA GLU H 93 29.88 16.46 -18.46
C GLU H 93 29.83 14.98 -18.81
N LEU H 94 30.92 14.28 -18.57
CA LEU H 94 30.93 12.82 -18.78
C LEU H 94 29.89 12.08 -17.91
N GLN H 95 29.77 12.47 -16.64
CA GLN H 95 28.82 11.83 -15.75
C GLN H 95 27.42 11.96 -16.30
N LYS H 96 27.07 13.17 -16.73
CA LYS H 96 25.76 13.44 -17.33
C LYS H 96 25.50 12.71 -18.62
N GLU H 97 26.47 12.65 -19.53
CA GLU H 97 26.31 11.86 -20.75
C GLU H 97 26.05 10.39 -20.46
N ALA H 98 26.76 9.82 -19.48
CA ALA H 98 26.58 8.39 -19.15
C ALA H 98 25.31 8.14 -18.37
N SER H 99 24.97 8.98 -17.41
CA SER H 99 23.66 8.89 -16.77
C SER H 99 22.48 8.93 -17.77
N ARG H 100 22.60 9.73 -18.82
CA ARG H 100 21.52 9.76 -19.81
C ARG H 100 21.44 8.40 -20.53
N LYS H 101 22.56 7.76 -20.83
CA LYS H 101 22.49 6.42 -21.40
C LYS H 101 21.90 5.33 -20.51
N ALA H 102 22.23 5.37 -19.24
CA ALA H 102 21.65 4.43 -18.29
C ALA H 102 20.15 4.64 -18.19
N ASN H 103 19.69 5.88 -18.17
CA ASN H 103 18.26 6.10 -18.10
C ASN H 103 17.55 5.61 -19.36
N GLU H 104 18.19 5.81 -20.50
CA GLU H 104 17.65 5.50 -21.80
C GLU H 104 17.44 4.00 -21.84
N TYR H 105 18.49 3.23 -21.58
CA TYR H 105 18.38 1.77 -21.64
C TYR H 105 17.44 1.19 -20.57
N GLY H 106 17.43 1.81 -19.40
CA GLY H 106 16.46 1.47 -18.35
C GLY H 106 15.02 1.53 -18.86
N ARG H 107 14.68 2.65 -19.51
CA ARG H 107 13.35 2.85 -20.00
C ARG H 107 13.03 2.01 -21.24
N GLU H 108 13.98 1.86 -22.15
CA GLU H 108 13.84 0.92 -23.28
C GLU H 108 13.47 -0.50 -22.81
N PHE H 109 14.23 -1.06 -21.87
CA PHE H 109 13.88 -2.32 -21.28
C PHE H 109 12.52 -2.32 -20.57
N GLU H 110 12.23 -1.25 -19.83
CA GLU H 110 10.95 -1.11 -19.15
C GLU H 110 9.73 -1.21 -20.11
N LEU H 111 9.86 -0.65 -21.32
CA LEU H 111 8.85 -0.71 -22.37
C LEU H 111 8.79 -2.08 -23.03
N LYS H 112 9.94 -2.72 -23.25
CA LYS H 112 9.94 -4.11 -23.74
C LYS H 112 9.22 -5.07 -22.79
N LEU H 113 9.22 -4.79 -21.50
CA LEU H 113 8.50 -5.60 -20.55
C LEU H 113 6.97 -5.39 -20.62
N GLU H 114 6.51 -4.15 -20.80
CA GLU H 114 5.06 -3.83 -20.86
C GLU H 114 4.48 -4.23 -22.19
N TYR H 115 5.20 -3.95 -23.25
CA TYR H 115 4.78 -4.34 -24.62
C TYR H 115 4.81 -5.85 -24.89
N GLY H 116 5.57 -6.62 -24.12
CA GLY H 116 5.52 -8.09 -24.15
C GLY H 116 4.38 -8.69 -23.28
N ASP I 1 -17.24 -63.29 -9.56
CA ASP I 1 -16.67 -62.21 -8.72
C ASP I 1 -17.55 -60.97 -8.76
N GLU I 2 -18.41 -60.82 -7.76
CA GLU I 2 -19.40 -59.77 -7.82
C GLU I 2 -18.79 -58.40 -7.72
N LEU I 3 -17.88 -58.20 -6.78
CA LEU I 3 -17.34 -56.86 -6.59
C LEU I 3 -16.56 -56.33 -7.82
N TYR I 4 -15.85 -57.22 -8.51
CA TYR I 4 -15.19 -56.85 -9.75
C TYR I 4 -16.24 -56.49 -10.83
N ARG I 5 -17.25 -57.34 -11.02
CA ARG I 5 -18.30 -57.13 -12.06
C ARG I 5 -18.94 -55.76 -11.81
N GLN I 6 -19.28 -55.47 -10.56
CA GLN I 6 -20.00 -54.24 -10.24
C GLN I 6 -19.18 -53.01 -10.44
N SER I 7 -17.95 -53.07 -9.92
CA SER I 7 -16.96 -52.00 -10.06
C SER I 7 -16.67 -51.69 -11.51
N LEU I 8 -16.54 -52.71 -12.34
CA LEU I 8 -16.26 -52.51 -13.74
C LEU I 8 -17.40 -51.80 -14.45
N GLU I 9 -18.62 -52.25 -14.19
CA GLU I 9 -19.83 -51.59 -14.70
C GLU I 9 -19.90 -50.14 -14.39
N ILE I 10 -19.67 -49.78 -13.13
CA ILE I 10 -19.76 -48.38 -12.75
C ILE I 10 -18.65 -47.56 -13.45
N ILE I 11 -17.41 -47.98 -13.30
CA ILE I 11 -16.30 -47.23 -13.82
C ILE I 11 -16.38 -47.18 -15.35
N SER I 12 -16.65 -48.29 -15.97
CA SER I 12 -16.67 -48.41 -17.41
C SER I 12 -17.69 -47.46 -17.99
N ARG I 13 -18.85 -47.37 -17.36
CA ARG I 13 -19.93 -46.50 -17.86
C ARG I 13 -19.68 -45.04 -17.66
N TYR I 14 -19.16 -44.66 -16.50
CA TYR I 14 -18.79 -43.28 -16.28
C TYR I 14 -17.80 -42.82 -17.34
N LEU I 15 -16.77 -43.62 -17.60
CA LEU I 15 -15.79 -43.24 -18.60
C LEU I 15 -16.43 -43.07 -19.98
N ARG I 16 -17.28 -44.01 -20.38
CA ARG I 16 -17.97 -43.88 -21.66
C ARG I 16 -18.85 -42.62 -21.74
N GLU I 17 -19.76 -42.42 -20.78
CA GLU I 17 -20.56 -41.19 -20.67
C GLU I 17 -19.78 -39.91 -20.83
N GLN I 18 -18.67 -39.85 -20.10
CA GLN I 18 -17.84 -38.68 -20.08
C GLN I 18 -17.22 -38.43 -21.44
N ALA I 19 -16.71 -39.48 -22.06
CA ALA I 19 -16.09 -39.37 -23.37
C ALA I 19 -17.07 -38.90 -24.43
N THR I 20 -18.28 -39.42 -24.39
CA THR I 20 -19.29 -39.19 -25.42
C THR I 20 -20.18 -37.98 -25.14
N GLY I 21 -20.44 -37.71 -23.88
CA GLY I 21 -21.49 -36.78 -23.53
C GLY I 21 -22.89 -37.38 -23.41
N ALA I 22 -23.10 -38.63 -23.87
CA ALA I 22 -24.40 -39.36 -23.83
C ALA I 22 -24.51 -40.42 -22.71
N LYS I 23 -25.55 -40.29 -21.86
CA LYS I 23 -25.74 -41.08 -20.62
C LYS I 23 -26.63 -42.35 -20.52
N ASP I 24 -26.47 -43.28 -21.41
CA ASP I 24 -26.96 -44.60 -21.12
C ASP I 24 -26.55 -45.53 -22.24
N THR I 25 -26.48 -46.80 -21.91
CA THR I 25 -26.42 -47.88 -22.91
C THR I 25 -27.46 -49.02 -22.66
N LYS I 26 -28.05 -49.12 -21.43
CA LYS I 26 -28.60 -50.38 -20.81
C LYS I 26 -29.05 -50.28 -19.28
N PRO I 27 -29.86 -51.25 -18.76
CA PRO I 27 -30.50 -51.17 -17.37
C PRO I 27 -29.77 -51.81 -15.95
N MET I 28 -28.44 -52.03 -15.90
CA MET I 28 -27.64 -52.47 -14.73
C MET I 28 -28.05 -53.84 -14.25
N GLY I 29 -28.66 -53.99 -13.10
CA GLY I 29 -29.38 -55.22 -12.77
C GLY I 29 -29.09 -55.55 -11.33
N ARG I 30 -28.03 -56.32 -11.06
CA ARG I 30 -27.72 -56.67 -9.64
C ARG I 30 -27.03 -55.55 -8.90
N SER I 31 -27.54 -55.23 -7.70
CA SER I 31 -27.29 -54.00 -7.00
C SER I 31 -27.17 -53.01 -8.14
N GLY I 32 -28.28 -52.82 -8.84
CA GLY I 32 -28.45 -51.86 -9.90
C GLY I 32 -28.96 -50.61 -9.20
N ALA I 33 -29.55 -50.74 -7.99
CA ALA I 33 -29.93 -49.56 -7.18
C ALA I 33 -28.63 -48.87 -6.70
N THR I 34 -27.84 -49.64 -5.97
CA THR I 34 -26.47 -49.25 -5.58
C THR I 34 -25.59 -48.85 -6.75
N SER I 35 -25.57 -49.60 -7.85
CA SER I 35 -24.78 -49.18 -9.04
C SER I 35 -25.29 -47.84 -9.62
N ARG I 36 -26.63 -47.67 -9.70
CA ARG I 36 -27.24 -46.38 -10.14
C ARG I 36 -26.80 -45.27 -9.20
N LYS I 37 -26.97 -45.43 -7.88
CA LYS I 37 -26.60 -44.37 -6.93
C LYS I 37 -25.08 -44.05 -6.98
N ALA I 38 -24.26 -45.06 -7.25
CA ALA I 38 -22.81 -44.89 -7.31
C ALA I 38 -22.45 -44.07 -8.53
N LEU I 39 -23.12 -44.34 -9.63
CA LEU I 39 -22.92 -43.60 -10.87
C LEU I 39 -23.34 -42.15 -10.68
N GLU I 40 -24.54 -41.90 -10.15
CA GLU I 40 -24.97 -40.54 -9.75
C GLU I 40 -23.95 -39.84 -8.86
N THR I 41 -23.41 -40.52 -7.87
CA THR I 41 -22.41 -39.91 -6.99
C THR I 41 -21.13 -39.52 -7.77
N LEU I 42 -20.72 -40.41 -8.65
CA LEU I 42 -19.50 -40.27 -9.39
C LEU I 42 -19.60 -39.12 -10.40
N ARG I 43 -20.78 -38.98 -10.98
CA ARG I 43 -21.08 -37.80 -11.80
C ARG I 43 -20.95 -36.55 -11.02
N ARG I 44 -21.47 -36.48 -9.80
CA ARG I 44 -21.44 -35.21 -9.10
C ARG I 44 -20.05 -34.91 -8.63
N VAL I 45 -19.41 -35.86 -7.99
CA VAL I 45 -18.14 -35.63 -7.33
C VAL I 45 -17.01 -35.56 -8.32
N GLY I 46 -16.97 -36.54 -9.23
CA GLY I 46 -15.96 -36.63 -10.25
C GLY I 46 -16.06 -35.53 -11.32
N ASP I 47 -17.26 -35.06 -11.63
CA ASP I 47 -17.33 -33.90 -12.50
C ASP I 47 -16.76 -32.72 -11.73
N GLY I 48 -16.97 -32.69 -10.41
CA GLY I 48 -16.43 -31.64 -9.61
C GLY I 48 -14.93 -31.63 -9.58
N VAL I 49 -14.29 -32.79 -9.40
CA VAL I 49 -12.82 -32.78 -9.32
C VAL I 49 -12.23 -32.41 -10.70
N GLN I 50 -12.87 -32.81 -11.78
CA GLN I 50 -12.41 -32.41 -13.09
C GLN I 50 -12.50 -30.89 -13.33
N ARG I 51 -13.57 -30.23 -12.95
CA ARG I 51 -13.65 -28.75 -13.10
C ARG I 51 -12.65 -28.04 -12.22
N ASN I 52 -12.56 -28.49 -10.97
CA ASN I 52 -11.78 -27.82 -9.96
C ASN I 52 -10.28 -28.01 -10.14
N HIS I 53 -9.85 -29.03 -10.90
CA HIS I 53 -8.43 -29.28 -11.14
C HIS I 53 -8.15 -29.43 -12.61
N GLU I 54 -8.91 -28.73 -13.46
CA GLU I 54 -8.71 -28.81 -14.91
C GLU I 54 -7.27 -28.53 -15.29
N THR I 55 -6.69 -27.53 -14.65
CA THR I 55 -5.31 -27.10 -14.89
C THR I 55 -4.30 -28.21 -14.56
N ALA I 56 -4.27 -28.67 -13.33
CA ALA I 56 -3.46 -29.82 -12.95
C ALA I 56 -3.59 -31.00 -13.92
N PHE I 57 -4.81 -31.36 -14.24
CA PHE I 57 -5.09 -32.55 -15.02
C PHE I 57 -4.62 -32.43 -16.45
N GLN I 58 -4.81 -31.26 -17.04
CA GLN I 58 -4.37 -30.99 -18.40
C GLN I 58 -2.86 -31.13 -18.44
N GLY I 59 -2.20 -30.62 -17.41
CA GLY I 59 -0.76 -30.75 -17.27
C GLY I 59 -0.30 -32.18 -17.30
N MET I 60 -0.91 -32.99 -16.48
CA MET I 60 -0.57 -34.40 -16.39
C MET I 60 -0.84 -35.12 -17.72
N LEU I 61 -1.99 -34.86 -18.30
CA LEU I 61 -2.39 -35.58 -19.51
C LEU I 61 -1.40 -35.25 -20.64
N ARG I 62 -0.95 -34.00 -20.67
CA ARG I 62 0.01 -33.56 -21.67
C ARG I 62 1.31 -34.33 -21.52
N LYS I 63 1.88 -34.34 -20.32
CA LYS I 63 3.15 -35.02 -20.16
C LYS I 63 3.14 -36.53 -20.21
N LEU I 64 2.10 -37.17 -19.70
CA LEU I 64 2.01 -38.63 -19.82
C LEU I 64 1.91 -39.04 -21.28
N ASP I 65 1.32 -38.18 -22.11
CA ASP I 65 1.32 -38.32 -23.57
C ASP I 65 0.66 -39.62 -24.05
N ILE I 66 -0.63 -39.73 -23.78
CA ILE I 66 -1.37 -40.97 -23.97
C ILE I 66 -1.89 -41.05 -25.40
N LYS I 67 -1.01 -41.42 -26.33
CA LYS I 67 -1.31 -41.55 -27.78
C LYS I 67 -2.15 -42.78 -28.09
N ASN I 68 -1.76 -43.93 -27.50
CA ASN I 68 -2.22 -45.27 -27.94
C ASN I 68 -2.47 -46.22 -26.74
N GLU I 69 -2.28 -47.53 -26.92
CA GLU I 69 -2.64 -48.53 -25.87
C GLU I 69 -1.50 -49.00 -24.97
N ASP I 70 -0.26 -49.00 -25.49
CA ASP I 70 0.94 -49.11 -24.65
C ASP I 70 0.87 -48.13 -23.48
N ASP I 71 0.59 -46.87 -23.82
CA ASP I 71 0.54 -45.76 -22.89
C ASP I 71 -0.58 -45.90 -21.87
N VAL I 72 -1.65 -46.63 -22.19
CA VAL I 72 -2.69 -46.95 -21.18
C VAL I 72 -2.17 -47.83 -20.02
N LYS I 73 -1.27 -48.77 -20.31
CA LYS I 73 -0.58 -49.49 -19.25
C LYS I 73 0.15 -48.59 -18.25
N SER I 74 0.76 -47.52 -18.71
CA SER I 74 1.42 -46.57 -17.82
C SER I 74 0.49 -45.86 -16.81
N LEU I 75 -0.82 -45.88 -17.01
CA LEU I 75 -1.70 -45.34 -15.98
C LEU I 75 -1.78 -46.23 -14.75
N SER I 76 -1.53 -47.54 -14.94
CA SER I 76 -1.45 -48.52 -13.85
C SER I 76 -0.33 -48.19 -12.95
N ARG I 77 0.84 -47.99 -13.51
CA ARG I 77 1.96 -47.55 -12.74
C ARG I 77 1.61 -46.31 -12.00
N VAL I 78 0.83 -45.41 -12.57
CA VAL I 78 0.47 -44.19 -11.81
C VAL I 78 -0.30 -44.57 -10.57
N MET I 79 -1.30 -45.42 -10.74
CA MET I 79 -2.22 -45.86 -9.64
C MET I 79 -1.55 -46.59 -8.53
N ILE I 80 -0.66 -47.49 -8.90
CA ILE I 80 0.17 -48.10 -7.94
C ILE I 80 1.03 -47.10 -7.20
N HIS I 81 1.65 -46.12 -7.87
CA HIS I 81 2.43 -45.12 -7.12
C HIS I 81 1.50 -44.41 -6.12
N VAL I 82 0.31 -44.09 -6.55
CA VAL I 82 -0.55 -43.32 -5.70
C VAL I 82 -0.73 -43.97 -4.35
N PHE I 83 -0.90 -45.27 -4.39
CA PHE I 83 -1.25 -45.99 -3.17
C PHE I 83 -0.03 -46.46 -2.40
N SER I 84 1.16 -46.15 -2.88
CA SER I 84 2.35 -46.80 -2.36
C SER I 84 2.80 -46.34 -1.04
N ASP I 85 2.16 -45.32 -0.51
CA ASP I 85 2.47 -44.91 0.87
C ASP I 85 1.64 -45.61 1.94
N GLY I 86 0.75 -46.52 1.58
CA GLY I 86 0.01 -47.21 2.60
C GLY I 86 -1.39 -46.73 2.88
N VAL I 87 -1.66 -45.53 2.43
CA VAL I 87 -2.96 -44.88 2.65
C VAL I 87 -3.98 -45.19 1.52
N THR I 88 -5.22 -45.44 1.92
CA THR I 88 -6.33 -45.76 1.08
C THR I 88 -7.50 -44.94 1.62
N ASN I 89 -8.11 -44.11 0.78
CA ASN I 89 -9.38 -43.56 1.10
C ASN I 89 -10.20 -43.31 -0.12
N TRP I 90 -11.46 -42.91 0.08
CA TRP I 90 -12.35 -42.74 -1.06
C TRP I 90 -11.96 -41.49 -1.84
N GLY I 91 -11.33 -40.50 -1.21
CA GLY I 91 -10.83 -39.32 -1.99
C GLY I 91 -9.86 -39.71 -3.11
N ARG I 92 -8.84 -40.50 -2.75
CA ARG I 92 -7.94 -41.06 -3.70
C ARG I 92 -8.68 -41.84 -4.76
N ILE I 93 -9.58 -42.69 -4.37
CA ILE I 93 -10.26 -43.50 -5.35
C ILE I 93 -11.11 -42.71 -6.32
N VAL I 94 -11.91 -41.78 -5.84
CA VAL I 94 -12.74 -40.99 -6.76
C VAL I 94 -11.87 -40.14 -7.70
N THR I 95 -10.75 -39.62 -7.21
CA THR I 95 -9.82 -38.83 -7.98
C THR I 95 -9.14 -39.64 -9.11
N LEU I 96 -8.74 -40.87 -8.88
CA LEU I 96 -8.27 -41.71 -9.97
C LEU I 96 -9.30 -41.94 -11.02
N ILE I 97 -10.52 -42.24 -10.59
CA ILE I 97 -11.59 -42.50 -11.53
C ILE I 97 -11.86 -41.21 -12.32
N SER I 98 -11.84 -40.05 -11.66
CA SER I 98 -12.08 -38.83 -12.41
C SER I 98 -10.96 -38.49 -13.36
N PHE I 99 -9.73 -38.73 -12.95
CA PHE I 99 -8.65 -38.59 -13.92
C PHE I 99 -8.82 -39.61 -15.05
N GLY I 100 -9.35 -40.78 -14.80
CA GLY I 100 -9.62 -41.73 -15.83
C GLY I 100 -10.62 -41.23 -16.86
N ALA I 101 -11.63 -40.53 -16.37
CA ALA I 101 -12.62 -39.91 -17.24
C ALA I 101 -12.03 -38.81 -18.12
N PHE I 102 -11.15 -38.02 -17.51
CA PHE I 102 -10.44 -36.97 -18.21
C PHE I 102 -9.65 -37.59 -19.36
N VAL I 103 -8.91 -38.67 -19.12
CA VAL I 103 -8.14 -39.29 -20.23
C VAL I 103 -9.09 -40.00 -21.22
N ALA I 104 -10.23 -40.49 -20.78
CA ALA I 104 -11.16 -41.10 -21.73
C ALA I 104 -11.71 -40.07 -22.71
N LYS I 105 -12.00 -38.86 -22.22
CA LYS I 105 -12.43 -37.76 -23.10
C LYS I 105 -11.40 -37.45 -24.15
N HIS I 106 -10.15 -37.52 -23.72
CA HIS I 106 -9.03 -37.23 -24.57
C HIS I 106 -8.84 -38.27 -25.65
N LEU I 107 -8.95 -39.55 -25.28
CA LEU I 107 -8.84 -40.67 -26.27
C LEU I 107 -9.90 -40.58 -27.34
N LYS I 108 -11.11 -40.20 -26.93
CA LYS I 108 -12.20 -39.99 -27.88
C LYS I 108 -11.87 -38.94 -28.89
N THR I 109 -11.26 -37.84 -28.46
CA THR I 109 -10.93 -36.76 -29.39
C THR I 109 -9.83 -37.14 -30.38
N ILE I 110 -8.99 -38.14 -30.05
CA ILE I 110 -8.02 -38.71 -31.01
C ILE I 110 -8.50 -39.99 -31.78
N ASN I 111 -9.79 -40.32 -31.74
CA ASN I 111 -10.32 -41.57 -32.33
C ASN I 111 -9.55 -42.82 -31.84
N GLN I 112 -9.37 -42.86 -30.52
CA GLN I 112 -8.92 -44.05 -29.82
C GLN I 112 -10.02 -44.44 -28.81
N GLU I 113 -11.29 -44.30 -29.18
CA GLU I 113 -12.45 -44.71 -28.37
C GLU I 113 -12.33 -46.18 -27.92
N SER I 114 -11.78 -47.04 -28.77
CA SER I 114 -11.65 -48.45 -28.44
C SER I 114 -10.66 -48.73 -27.30
N CYS I 115 -9.75 -47.80 -27.00
CA CYS I 115 -8.93 -47.84 -25.75
C CYS I 115 -9.65 -47.43 -24.46
N ILE I 116 -10.91 -47.01 -24.53
CA ILE I 116 -11.62 -46.58 -23.32
C ILE I 116 -12.00 -47.78 -22.44
N GLU I 117 -12.46 -48.89 -23.02
CA GLU I 117 -12.78 -50.03 -22.18
C GLU I 117 -11.57 -50.67 -21.51
N PRO I 118 -10.48 -50.96 -22.27
CA PRO I 118 -9.15 -51.30 -21.66
C PRO I 118 -8.71 -50.37 -20.52
N LEU I 119 -8.88 -49.07 -20.70
CA LEU I 119 -8.52 -48.12 -19.65
C LEU I 119 -9.34 -48.37 -18.38
N ALA I 120 -10.63 -48.61 -18.56
CA ALA I 120 -11.53 -48.82 -17.44
C ALA I 120 -11.30 -50.15 -16.81
N GLU I 121 -11.07 -51.20 -17.62
CA GLU I 121 -10.71 -52.55 -17.09
C GLU I 121 -9.48 -52.43 -16.21
N SER I 122 -8.55 -51.60 -16.63
CA SER I 122 -7.29 -51.46 -15.97
C SER I 122 -7.37 -50.68 -14.66
N ILE I 123 -8.16 -49.63 -14.60
CA ILE I 123 -8.40 -48.95 -13.33
C ILE I 123 -9.08 -49.91 -12.38
N THR I 124 -10.09 -50.63 -12.85
CA THR I 124 -10.85 -51.52 -12.00
C THR I 124 -9.98 -52.62 -11.47
N ASP I 125 -9.15 -53.19 -12.33
CA ASP I 125 -8.28 -54.28 -11.96
C ASP I 125 -7.30 -53.90 -10.84
N VAL I 126 -6.71 -52.71 -10.88
CA VAL I 126 -5.83 -52.28 -9.81
C VAL I 126 -6.59 -52.08 -8.53
N LEU I 127 -7.70 -51.39 -8.61
CA LEU I 127 -8.46 -51.04 -7.42
C LEU I 127 -8.95 -52.26 -6.69
N VAL I 128 -9.51 -53.20 -7.42
CA VAL I 128 -10.15 -54.32 -6.79
C VAL I 128 -9.14 -55.36 -6.37
N ARG I 129 -8.17 -55.64 -7.20
CA ARG I 129 -7.21 -56.65 -6.83
C ARG I 129 -6.39 -56.18 -5.66
N THR I 130 -6.00 -54.92 -5.62
CA THR I 130 -5.10 -54.48 -4.57
C THR I 130 -5.77 -53.96 -3.35
N LYS I 131 -7.03 -53.53 -3.41
CA LYS I 131 -7.78 -53.03 -2.22
C LYS I 131 -9.06 -53.85 -1.86
N ARG I 132 -9.18 -55.06 -2.38
CA ARG I 132 -10.41 -55.79 -2.21
C ARG I 132 -10.93 -55.79 -0.77
N ASP I 133 -10.07 -56.22 0.18
CA ASP I 133 -10.53 -56.34 1.57
C ASP I 133 -10.86 -54.94 2.09
N TRP I 134 -10.07 -53.91 1.76
CA TRP I 134 -10.46 -52.58 2.15
C TRP I 134 -11.87 -52.20 1.64
N LEU I 135 -12.14 -52.42 0.36
CA LEU I 135 -13.43 -52.10 -0.21
C LEU I 135 -14.55 -52.84 0.50
N VAL I 136 -14.36 -54.13 0.71
CA VAL I 136 -15.37 -54.91 1.42
C VAL I 136 -15.58 -54.35 2.84
N LYS I 137 -14.52 -54.00 3.56
CA LYS I 137 -14.72 -53.49 4.88
C LYS I 137 -15.52 -52.20 4.84
N GLN I 138 -15.35 -51.39 3.79
CA GLN I 138 -16.11 -50.12 3.67
C GLN I 138 -17.47 -50.30 3.06
N ARG I 139 -17.98 -51.52 2.99
CA ARG I 139 -19.30 -51.81 2.43
C ARG I 139 -19.37 -51.54 0.91
N GLY I 140 -18.25 -51.66 0.22
CA GLY I 140 -18.19 -51.48 -1.22
C GLY I 140 -18.77 -50.16 -1.72
N TRP I 141 -19.41 -50.23 -2.88
CA TRP I 141 -19.98 -49.06 -3.48
C TRP I 141 -21.08 -48.45 -2.62
N ASP I 142 -21.78 -49.22 -1.79
CA ASP I 142 -22.65 -48.58 -0.76
C ASP I 142 -21.89 -47.61 0.15
N GLY I 143 -20.70 -47.98 0.59
CA GLY I 143 -19.90 -47.05 1.34
C GLY I 143 -19.45 -45.82 0.58
N PHE I 144 -19.08 -45.98 -0.69
CA PHE I 144 -18.79 -44.88 -1.57
C PHE I 144 -19.93 -43.88 -1.61
N VAL I 145 -21.13 -44.38 -1.84
CA VAL I 145 -22.29 -43.53 -1.93
C VAL I 145 -22.57 -42.80 -0.65
N GLU I 146 -22.36 -43.48 0.45
CA GLU I 146 -22.56 -42.88 1.75
C GLU I 146 -21.55 -41.81 2.04
N PHE I 147 -20.31 -42.05 1.65
CA PHE I 147 -19.20 -41.16 2.03
C PHE I 147 -19.29 -39.79 1.38
N PHE I 148 -19.77 -39.75 0.15
CA PHE I 148 -19.96 -38.53 -0.62
C PHE I 148 -21.39 -37.95 -0.60
N HIS I 149 -22.35 -38.59 0.06
CA HIS I 149 -23.73 -38.14 0.02
C HIS I 149 -23.90 -36.82 0.76
N VAL I 150 -24.70 -35.91 0.23
CA VAL I 150 -24.98 -34.61 0.90
C VAL I 150 -26.47 -34.17 1.08
N GLU I 151 -26.72 -33.41 2.14
CA GLU I 151 -28.01 -32.83 2.48
C GLU I 151 -27.84 -31.37 2.98
N ASP J 1 -17.20 -29.79 19.08
CA ASP J 1 -17.90 -28.58 18.49
C ASP J 1 -17.44 -28.32 17.00
N PRO J 2 -18.26 -27.58 16.20
CA PRO J 2 -17.96 -27.31 14.77
C PRO J 2 -16.58 -26.72 14.46
N LYS J 3 -16.01 -25.92 15.37
CA LYS J 3 -14.71 -25.31 15.13
C LYS J 3 -13.65 -26.39 15.01
N LYS J 4 -13.69 -27.44 15.84
CA LYS J 4 -12.70 -28.54 15.76
C LYS J 4 -12.79 -29.37 14.47
N VAL J 5 -13.99 -29.56 13.94
CA VAL J 5 -14.18 -30.18 12.62
C VAL J 5 -13.50 -29.37 11.50
N LEU J 6 -13.87 -28.10 11.40
CA LEU J 6 -13.25 -27.16 10.44
C LEU J 6 -11.75 -26.98 10.64
N ASP J 7 -11.28 -26.92 11.90
CA ASP J 7 -9.85 -26.78 12.18
C ASP J 7 -9.10 -28.02 11.69
N LYS J 8 -9.71 -29.20 11.83
CA LYS J 8 -9.07 -30.46 11.44
C LYS J 8 -8.93 -30.51 9.95
N ALA J 9 -10.01 -30.17 9.25
CA ALA J 9 -10.02 -30.11 7.82
C ALA J 9 -8.92 -29.14 7.33
N LYS J 10 -8.83 -27.98 7.96
CA LYS J 10 -7.81 -26.99 7.63
C LYS J 10 -6.39 -27.49 7.81
N ASP J 11 -6.08 -28.17 8.91
CA ASP J 11 -4.77 -28.80 9.06
C ASP J 11 -4.47 -29.81 7.97
N GLN J 12 -5.43 -30.71 7.71
CA GLN J 12 -5.27 -31.78 6.75
C GLN J 12 -4.90 -31.15 5.44
N ALA J 13 -5.70 -30.20 5.01
CA ALA J 13 -5.48 -29.51 3.73
C ALA J 13 -4.11 -28.86 3.66
N GLU J 14 -3.76 -28.11 4.69
CA GLU J 14 -2.48 -27.41 4.76
C GLU J 14 -1.34 -28.41 4.61
N ASN J 15 -1.37 -29.46 5.40
CA ASN J 15 -0.34 -30.51 5.30
C ASN J 15 -0.30 -31.26 3.97
N ARG J 16 -1.45 -31.56 3.38
CA ARG J 16 -1.44 -32.23 2.14
C ARG J 16 -0.81 -31.40 1.05
N VAL J 17 -1.04 -30.10 1.08
CA VAL J 17 -0.44 -29.16 0.15
C VAL J 17 1.10 -29.02 0.40
N ARG J 18 1.51 -28.91 1.65
CA ARG J 18 2.91 -28.86 2.02
C ARG J 18 3.63 -30.08 1.47
N GLU J 19 3.04 -31.24 1.68
CA GLU J 19 3.56 -32.52 1.22
C GLU J 19 3.67 -32.55 -0.28
N LEU J 20 2.67 -32.01 -0.97
CA LEU J 20 2.70 -32.01 -2.43
C LEU J 20 3.88 -31.18 -2.94
N LYS J 21 4.16 -30.05 -2.27
CA LYS J 21 5.21 -29.15 -2.65
C LYS J 21 6.57 -29.80 -2.46
N GLN J 22 6.80 -30.37 -1.28
CA GLN J 22 8.00 -31.13 -0.95
C GLN J 22 8.32 -32.19 -1.99
N VAL J 23 7.29 -32.89 -2.39
CA VAL J 23 7.46 -34.03 -3.27
C VAL J 23 7.89 -33.52 -4.65
N LEU J 24 7.17 -32.54 -5.17
CA LEU J 24 7.51 -31.98 -6.44
C LEU J 24 8.89 -31.27 -6.46
N GLU J 25 9.27 -30.60 -5.36
CA GLU J 25 10.63 -30.07 -5.21
C GLU J 25 11.62 -31.19 -5.35
N GLU J 26 11.49 -32.25 -4.54
CA GLU J 26 12.42 -33.40 -4.60
C GLU J 26 12.50 -33.99 -6.01
N LEU J 27 11.37 -34.11 -6.66
CA LEU J 27 11.33 -34.63 -8.03
C LEU J 27 12.09 -33.76 -9.04
N TYR J 28 11.97 -32.44 -8.93
CA TYR J 28 12.69 -31.51 -9.80
C TYR J 28 14.21 -31.63 -9.52
N LYS J 29 14.60 -31.56 -8.25
CA LYS J 29 15.98 -31.75 -7.86
C LYS J 29 16.65 -33.00 -8.41
N GLU J 30 15.91 -34.07 -8.67
CA GLU J 30 16.45 -35.29 -9.32
C GLU J 30 16.39 -35.24 -10.85
N ALA J 31 15.31 -34.70 -11.42
CA ALA J 31 15.23 -34.48 -12.85
C ALA J 31 16.34 -33.53 -13.42
N ARG J 32 16.72 -32.52 -12.64
CA ARG J 32 17.77 -31.58 -13.07
C ARG J 32 19.18 -32.21 -13.07
N LYS J 33 19.50 -32.94 -11.99
CA LYS J 33 20.78 -33.63 -11.79
C LYS J 33 21.10 -34.72 -12.77
N LEU J 34 20.11 -35.56 -13.01
CA LEU J 34 20.28 -36.71 -13.90
C LEU J 34 20.24 -36.32 -15.40
N ASP J 35 20.75 -37.23 -16.22
CA ASP J 35 20.61 -37.14 -17.67
C ASP J 35 19.46 -38.10 -18.00
N LEU J 36 18.33 -37.53 -18.36
CA LEU J 36 17.10 -38.30 -18.45
C LEU J 36 16.95 -39.08 -19.74
N THR J 37 17.20 -40.39 -19.70
CA THR J 37 16.69 -41.33 -20.75
C THR J 37 15.21 -41.10 -20.94
N GLN J 38 14.71 -41.55 -22.09
CA GLN J 38 13.30 -41.51 -22.41
C GLN J 38 12.45 -42.21 -21.33
N GLU J 39 12.89 -43.38 -20.92
CA GLU J 39 12.39 -44.13 -19.77
C GLU J 39 12.37 -43.28 -18.50
N MET J 40 13.53 -42.82 -18.03
CA MET J 40 13.61 -42.10 -16.75
C MET J 40 12.70 -40.84 -16.74
N ARG J 41 12.50 -40.22 -17.89
CA ARG J 41 11.50 -39.15 -18.04
C ARG J 41 10.11 -39.64 -17.80
N LYS J 42 9.81 -40.76 -18.46
CA LYS J 42 8.49 -41.38 -18.36
C LYS J 42 8.14 -41.70 -16.88
N LYS J 43 9.11 -42.23 -16.14
CA LYS J 43 8.95 -42.54 -14.74
C LYS J 43 8.75 -41.32 -13.92
N LEU J 44 9.63 -40.35 -14.10
CA LEU J 44 9.52 -39.08 -13.38
C LEU J 44 8.12 -38.43 -13.55
N ILE J 45 7.56 -38.52 -14.76
CA ILE J 45 6.33 -37.87 -15.06
C ILE J 45 5.21 -38.63 -14.39
N GLU J 46 5.32 -39.96 -14.40
CA GLU J 46 4.38 -40.83 -13.65
C GLU J 46 4.38 -40.57 -12.16
N ARG J 47 5.53 -40.38 -11.56
CA ARG J 47 5.57 -39.92 -10.18
C ARG J 47 4.90 -38.55 -9.92
N TYR J 48 5.07 -37.60 -10.83
CA TYR J 48 4.44 -36.27 -10.71
C TYR J 48 2.93 -36.42 -10.75
N ALA J 49 2.40 -37.16 -11.71
CA ALA J 49 0.98 -37.30 -11.83
C ALA J 49 0.44 -37.96 -10.59
N ALA J 50 1.16 -38.98 -10.09
CA ALA J 50 0.75 -39.64 -8.86
C ALA J 50 0.76 -38.69 -7.70
N ALA J 51 1.75 -37.82 -7.62
CA ALA J 51 1.81 -36.89 -6.48
C ALA J 51 0.56 -35.99 -6.42
N ILE J 52 0.10 -35.55 -7.60
CA ILE J 52 -0.95 -34.57 -7.76
C ILE J 52 -2.27 -35.27 -7.46
N ILE J 53 -2.46 -36.44 -8.03
CA ILE J 53 -3.65 -37.22 -7.76
C ILE J 53 -3.73 -37.53 -6.28
N ARG J 54 -2.59 -37.84 -5.67
CA ARG J 54 -2.54 -38.11 -4.20
C ARG J 54 -3.02 -36.89 -3.41
N ALA J 55 -2.57 -35.71 -3.77
CA ALA J 55 -2.88 -34.53 -3.00
C ALA J 55 -4.33 -34.16 -3.19
N ILE J 56 -4.78 -34.19 -4.42
CA ILE J 56 -6.13 -33.84 -4.68
C ILE J 56 -7.04 -34.80 -3.95
N GLY J 57 -6.70 -36.07 -3.99
CA GLY J 57 -7.51 -37.10 -3.37
C GLY J 57 -7.58 -36.91 -1.89
N ASP J 58 -6.47 -36.57 -1.28
CA ASP J 58 -6.45 -36.39 0.17
C ASP J 58 -7.14 -35.15 0.65
N ILE J 59 -7.12 -34.11 -0.13
CA ILE J 59 -7.77 -32.87 0.23
C ILE J 59 -9.24 -33.14 0.16
N ASN J 60 -9.66 -33.72 -0.95
CA ASN J 60 -11.04 -34.13 -1.15
C ASN J 60 -11.55 -35.07 -0.05
N ASN J 61 -10.73 -36.04 0.31
CA ASN J 61 -11.06 -36.89 1.41
C ASN J 61 -11.19 -36.15 2.75
N ALA J 62 -10.35 -35.17 3.02
CA ALA J 62 -10.42 -34.47 4.27
C ALA J 62 -11.73 -33.67 4.34
N ILE J 63 -12.10 -33.03 3.22
CA ILE J 63 -13.26 -32.20 3.14
C ILE J 63 -14.50 -33.07 3.36
N TYR J 64 -14.67 -34.18 2.66
CA TYR J 64 -15.85 -35.01 2.84
C TYR J 64 -15.84 -35.78 4.16
N GLN J 65 -14.66 -35.98 4.75
CA GLN J 65 -14.57 -36.55 6.08
C GLN J 65 -15.23 -35.54 7.04
N ALA J 66 -14.87 -34.25 6.93
CA ALA J 66 -15.45 -33.17 7.73
C ALA J 66 -16.95 -33.01 7.48
N LYS J 67 -17.41 -33.15 6.25
CA LYS J 67 -18.81 -33.28 6.02
C LYS J 67 -19.45 -34.41 6.78
N GLN J 68 -18.83 -35.56 6.87
CA GLN J 68 -19.42 -36.66 7.65
C GLN J 68 -19.46 -36.32 9.14
N GLU J 69 -18.36 -35.76 9.66
CA GLU J 69 -18.27 -35.29 11.05
C GLU J 69 -19.35 -34.28 11.39
N ALA J 70 -19.61 -33.36 10.47
CA ALA J 70 -20.61 -32.30 10.65
C ALA J 70 -22.01 -32.93 10.64
N GLU J 71 -22.31 -33.70 9.59
CA GLU J 71 -23.60 -34.40 9.46
C GLU J 71 -23.94 -35.26 10.69
N LYS J 72 -22.90 -35.77 11.38
CA LYS J 72 -23.06 -36.56 12.60
C LYS J 72 -23.44 -35.72 13.81
N LEU J 73 -22.76 -34.59 13.99
CA LEU J 73 -23.15 -33.64 15.01
C LEU J 73 -24.62 -33.22 14.91
N LYS J 74 -25.12 -33.10 13.68
CA LYS J 74 -26.51 -32.72 13.47
C LYS J 74 -27.48 -33.80 13.93
N LYS J 75 -27.16 -35.08 13.72
CA LYS J 75 -28.00 -36.14 14.29
C LYS J 75 -27.83 -36.32 15.80
N ALA J 76 -26.72 -35.80 16.37
CA ALA J 76 -26.58 -35.69 17.85
C ALA J 76 -26.96 -34.30 18.38
N GLY J 77 -27.99 -33.68 17.81
CA GLY J 77 -28.30 -32.25 18.00
C GLY J 77 -27.29 -31.35 18.73
N LEU J 78 -26.00 -31.47 18.40
CA LEU J 78 -24.92 -30.69 19.02
C LEU J 78 -24.61 -29.46 18.18
N VAL J 79 -25.27 -29.37 17.03
CA VAL J 79 -25.20 -28.25 16.08
C VAL J 79 -26.64 -28.01 15.56
N ASN J 80 -27.12 -26.76 15.62
CA ASN J 80 -28.38 -26.41 14.93
C ASN J 80 -28.11 -26.32 13.42
N SER J 81 -29.17 -26.44 12.62
CA SER J 81 -29.01 -26.52 11.15
C SER J 81 -28.47 -25.26 10.45
N GLN J 82 -28.40 -24.12 11.16
CA GLN J 82 -27.68 -22.93 10.66
C GLN J 82 -26.17 -23.07 10.80
N GLN J 83 -25.72 -23.43 12.00
CA GLN J 83 -24.29 -23.77 12.25
C GLN J 83 -23.69 -24.86 11.32
N LEU J 84 -24.49 -25.88 11.02
CA LEU J 84 -24.18 -26.87 9.98
C LEU J 84 -23.88 -26.19 8.66
N ASP J 85 -24.76 -25.27 8.27
CA ASP J 85 -24.58 -24.58 7.01
C ASP J 85 -23.43 -23.63 6.97
N GLU J 86 -23.12 -22.94 8.08
CA GLU J 86 -21.89 -22.14 8.07
C GLU J 86 -20.66 -23.07 7.87
N LEU J 87 -20.73 -24.29 8.44
CA LEU J 87 -19.65 -25.28 8.36
C LEU J 87 -19.50 -25.85 6.95
N LEU J 88 -20.57 -26.39 6.37
CA LEU J 88 -20.52 -26.83 4.97
C LEU J 88 -20.06 -25.71 3.98
N ARG J 89 -20.30 -24.44 4.31
CA ARG J 89 -19.91 -23.32 3.44
C ARG J 89 -18.45 -23.04 3.60
N ARG J 90 -17.96 -22.99 4.84
CA ARG J 90 -16.52 -22.85 5.05
C ARG J 90 -15.65 -24.05 4.61
N LEU J 91 -16.24 -25.24 4.58
CA LEU J 91 -15.58 -26.37 4.01
C LEU J 91 -15.49 -26.24 2.53
N ASP J 92 -16.57 -25.80 1.89
CA ASP J 92 -16.56 -25.54 0.44
C ASP J 92 -15.56 -24.46 0.00
N GLU J 93 -15.42 -23.45 0.83
CA GLU J 93 -14.35 -22.46 0.64
C GLU J 93 -12.97 -23.07 0.84
N LEU J 94 -12.80 -23.89 1.87
CA LEU J 94 -11.53 -24.53 2.06
C LEU J 94 -11.16 -25.42 0.83
N GLN J 95 -12.15 -26.13 0.27
CA GLN J 95 -11.90 -27.01 -0.84
C GLN J 95 -11.35 -26.22 -1.98
N LYS J 96 -11.99 -25.12 -2.26
CA LYS J 96 -11.52 -24.23 -3.33
C LYS J 96 -10.15 -23.59 -3.12
N GLU J 97 -9.85 -23.13 -1.92
CA GLU J 97 -8.50 -22.61 -1.63
C GLU J 97 -7.40 -23.66 -1.84
N ALA J 98 -7.66 -24.92 -1.43
CA ALA J 98 -6.68 -25.98 -1.62
C ALA J 98 -6.57 -26.42 -3.08
N SER J 99 -7.68 -26.55 -3.78
CA SER J 99 -7.66 -26.86 -5.19
C SER J 99 -6.83 -25.87 -5.98
N ARG J 100 -6.90 -24.60 -5.59
CA ARG J 100 -6.12 -23.59 -6.31
C ARG J 100 -4.63 -23.82 -6.06
N LYS J 101 -4.23 -24.24 -4.87
CA LYS J 101 -2.82 -24.57 -4.64
C LYS J 101 -2.32 -25.78 -5.41
N ALA J 102 -3.17 -26.76 -5.54
CA ALA J 102 -2.80 -27.96 -6.29
C ALA J 102 -2.62 -27.62 -7.72
N ASN J 103 -3.51 -26.80 -8.25
CA ASN J 103 -3.37 -26.40 -9.66
C ASN J 103 -2.14 -25.57 -9.91
N GLU J 104 -1.83 -24.70 -8.95
CA GLU J 104 -0.68 -23.82 -9.02
C GLU J 104 0.61 -24.65 -9.05
N TYR J 105 0.82 -25.53 -8.09
CA TYR J 105 2.00 -26.37 -8.06
C TYR J 105 2.10 -27.37 -9.24
N GLY J 106 0.97 -27.89 -9.68
CA GLY J 106 0.92 -28.71 -10.87
C GLY J 106 1.54 -27.98 -12.06
N ARG J 107 1.09 -26.76 -12.26
CA ARG J 107 1.54 -25.99 -13.39
C ARG J 107 2.98 -25.52 -13.29
N GLU J 108 3.37 -25.08 -12.10
CA GLU J 108 4.74 -24.72 -11.81
C GLU J 108 5.70 -25.85 -12.20
N PHE J 109 5.42 -27.06 -11.73
CA PHE J 109 6.19 -28.25 -12.13
C PHE J 109 6.13 -28.51 -13.63
N GLU J 110 4.95 -28.37 -14.21
CA GLU J 110 4.76 -28.55 -15.67
C GLU J 110 5.69 -27.66 -16.52
N LEU J 111 5.88 -26.40 -16.07
CA LEU J 111 6.77 -25.42 -16.71
C LEU J 111 8.24 -25.74 -16.45
N LYS J 112 8.57 -26.18 -15.23
CA LYS J 112 9.92 -26.63 -14.95
C LYS J 112 10.33 -27.82 -15.81
N LEU J 113 9.39 -28.64 -16.22
CA LEU J 113 9.72 -29.70 -17.16
C LEU J 113 9.93 -29.25 -18.61
N GLU J 114 9.14 -28.30 -19.10
CA GLU J 114 9.28 -27.81 -20.48
C GLU J 114 10.48 -26.87 -20.66
N TYR J 115 10.60 -25.93 -19.72
CA TYR J 115 11.48 -24.75 -19.75
C TYR J 115 12.63 -24.78 -18.74
N GLY J 116 12.41 -25.36 -17.56
CA GLY J 116 13.46 -25.61 -16.57
C GLY J 116 14.28 -26.88 -16.86
N ASP K 1 -7.38 22.16 49.54
CA ASP K 1 -7.52 21.16 48.43
C ASP K 1 -7.86 19.76 48.97
N GLU K 2 -9.14 19.40 48.98
CA GLU K 2 -9.66 18.21 49.66
C GLU K 2 -9.09 16.95 48.94
N LEU K 3 -9.17 16.90 47.62
CA LEU K 3 -8.78 15.73 46.91
C LEU K 3 -7.27 15.42 47.05
N TYR K 4 -6.43 16.45 47.07
CA TYR K 4 -5.00 16.24 47.25
C TYR K 4 -4.73 15.73 48.65
N ARG K 5 -5.33 16.38 49.64
CA ARG K 5 -5.16 15.95 51.03
C ARG K 5 -5.53 14.48 51.21
N GLN K 6 -6.69 14.09 50.72
CA GLN K 6 -7.21 12.74 50.93
C GLN K 6 -6.35 11.71 50.25
N SER K 7 -6.01 11.98 48.99
CA SER K 7 -5.12 11.16 48.17
C SER K 7 -3.74 10.96 48.82
N LEU K 8 -3.21 12.00 49.41
CA LEU K 8 -1.91 11.90 50.04
C LEU K 8 -1.98 11.02 51.25
N GLU K 9 -3.00 11.20 52.06
CA GLU K 9 -3.24 10.35 53.23
C GLU K 9 -3.31 8.85 52.85
N ILE K 10 -4.10 8.49 51.80
CA ILE K 10 -4.37 7.12 51.30
C ILE K 10 -2.98 6.56 50.95
N ILE K 11 -2.33 7.25 50.04
CA ILE K 11 -1.08 6.79 49.45
C ILE K 11 0.10 6.81 50.44
N SER K 12 0.21 7.88 51.19
CA SER K 12 1.27 8.02 52.14
C SER K 12 1.25 6.87 53.19
N ARG K 13 0.05 6.51 53.68
CA ARG K 13 -0.10 5.47 54.69
C ARG K 13 0.13 4.08 54.19
N TYR K 14 -0.39 3.76 53.02
CA TYR K 14 -0.12 2.47 52.40
C TYR K 14 1.39 2.25 52.25
N LEU K 15 2.11 3.25 51.74
CA LEU K 15 3.56 3.13 51.61
C LEU K 15 4.27 2.93 52.94
N ARG K 16 3.91 3.68 53.97
CA ARG K 16 4.49 3.47 55.28
C ARG K 16 4.20 2.06 55.87
N GLU K 17 2.93 1.65 55.93
CA GLU K 17 2.55 0.27 56.34
C GLU K 17 3.37 -0.81 55.67
N GLN K 18 3.50 -0.66 54.35
CA GLN K 18 4.18 -1.65 53.52
C GLN K 18 5.65 -1.72 53.90
N ALA K 19 6.29 -0.57 54.00
CA ALA K 19 7.70 -0.51 54.32
C ALA K 19 8.00 -1.14 55.69
N THR K 20 7.13 -0.87 56.67
CA THR K 20 7.36 -1.23 58.08
C THR K 20 6.76 -2.63 58.40
N GLY K 21 5.67 -3.02 57.72
CA GLY K 21 4.88 -4.16 58.16
C GLY K 21 3.81 -3.82 59.19
N ALA K 22 3.88 -2.63 59.84
CA ALA K 22 2.95 -2.20 60.91
C ALA K 22 1.87 -1.24 60.41
N LYS K 23 0.62 -1.61 60.64
CA LYS K 23 -0.52 -0.83 60.19
C LYS K 23 -0.69 0.41 61.13
N ASP K 24 -0.90 1.59 60.57
CA ASP K 24 -1.27 2.80 61.35
C ASP K 24 -2.53 2.50 62.17
N THR K 25 -2.64 3.16 63.31
CA THR K 25 -3.86 3.14 64.10
C THR K 25 -4.44 4.56 64.41
N LYS K 26 -3.73 5.64 64.03
CA LYS K 26 -4.25 7.04 64.01
C LYS K 26 -5.60 7.28 63.26
N PRO K 27 -6.33 8.38 63.64
CA PRO K 27 -7.64 8.64 63.04
C PRO K 27 -7.56 9.40 61.73
N MET K 28 -8.32 8.99 60.72
CA MET K 28 -8.29 9.69 59.35
C MET K 28 -8.82 11.07 58.82
N GLY K 29 -10.01 11.51 59.19
CA GLY K 29 -10.83 12.24 58.20
C GLY K 29 -12.08 11.40 58.19
N ARG K 30 -12.07 10.28 57.46
CA ARG K 30 -13.16 9.29 57.56
C ARG K 30 -12.91 8.25 58.72
N SER K 31 -13.63 8.37 59.87
CA SER K 31 -13.59 7.43 61.09
C SER K 31 -14.54 6.19 60.98
N GLY K 32 -14.56 5.66 59.79
CA GLY K 32 -15.52 4.58 59.43
C GLY K 32 -15.59 4.20 57.95
N ALA K 33 -15.35 5.20 57.04
CA ALA K 33 -15.81 5.30 55.65
C ALA K 33 -14.77 5.44 54.50
N THR K 34 -14.82 6.45 53.60
CA THR K 34 -14.09 6.43 52.30
C THR K 34 -12.55 6.30 52.30
N SER K 35 -11.82 7.10 53.06
CA SER K 35 -10.36 6.89 53.16
C SER K 35 -10.02 5.50 53.74
N ARG K 36 -10.75 5.07 54.78
CA ARG K 36 -10.58 3.74 55.31
C ARG K 36 -10.85 2.65 54.26
N LYS K 37 -12.01 2.69 53.60
CA LYS K 37 -12.36 1.69 52.61
C LYS K 37 -11.36 1.68 51.42
N ALA K 38 -10.81 2.84 51.09
CA ALA K 38 -9.79 2.97 50.03
C ALA K 38 -8.50 2.29 50.45
N LEU K 39 -8.12 2.46 51.70
CA LEU K 39 -6.93 1.83 52.22
C LEU K 39 -7.10 0.30 52.23
N GLU K 40 -8.21 -0.18 52.75
CA GLU K 40 -8.60 -1.61 52.71
C GLU K 40 -8.59 -2.18 51.27
N THR K 41 -9.12 -1.45 50.33
CA THR K 41 -9.05 -1.87 48.93
C THR K 41 -7.59 -1.96 48.40
N LEU K 42 -6.79 -0.97 48.75
CA LEU K 42 -5.44 -0.84 48.26
C LEU K 42 -4.57 -1.99 48.80
N ARG K 43 -4.81 -2.32 50.04
CA ARG K 43 -4.17 -3.45 50.64
C ARG K 43 -4.49 -4.69 49.88
N ARG K 44 -5.75 -4.93 49.55
CA ARG K 44 -5.98 -6.20 48.95
C ARG K 44 -5.52 -6.25 47.50
N VAL K 45 -5.79 -5.21 46.71
CA VAL K 45 -5.48 -5.22 45.29
C VAL K 45 -4.01 -5.02 45.06
N GLY K 46 -3.45 -4.05 45.75
CA GLY K 46 -2.03 -3.71 45.65
C GLY K 46 -1.10 -4.76 46.24
N ASP K 47 -1.52 -5.44 47.29
CA ASP K 47 -0.70 -6.56 47.77
C ASP K 47 -0.76 -7.65 46.73
N GLY K 48 -1.89 -7.80 46.07
CA GLY K 48 -2.02 -8.73 44.97
C GLY K 48 -1.13 -8.46 43.78
N VAL K 49 -1.05 -7.20 43.33
CA VAL K 49 -0.20 -6.87 42.20
C VAL K 49 1.28 -7.04 42.54
N GLN K 50 1.67 -6.74 43.76
CA GLN K 50 3.00 -6.99 44.15
C GLN K 50 3.35 -8.50 44.16
N ARG K 51 2.49 -9.37 44.68
CA ARG K 51 2.80 -10.81 44.69
C ARG K 51 2.84 -11.35 43.27
N ASN K 52 1.86 -10.94 42.46
CA ASN K 52 1.64 -11.48 41.15
C ASN K 52 2.69 -11.00 40.12
N HIS K 53 3.39 -9.91 40.42
CA HIS K 53 4.42 -9.37 39.52
C HIS K 53 5.70 -9.07 40.29
N GLU K 54 5.98 -9.82 41.34
CA GLU K 54 7.23 -9.69 42.09
C GLU K 54 8.42 -9.68 41.14
N THR K 55 8.43 -10.61 40.18
CA THR K 55 9.54 -10.78 39.28
C THR K 55 9.77 -9.54 38.42
N ALA K 56 8.78 -9.16 37.64
CA ALA K 56 8.83 -7.86 36.90
C ALA K 56 9.30 -6.66 37.75
N PHE K 57 8.72 -6.51 38.96
CA PHE K 57 8.97 -5.39 39.83
C PHE K 57 10.40 -5.37 40.34
N GLN K 58 10.95 -6.54 40.71
CA GLN K 58 12.34 -6.64 41.21
C GLN K 58 13.25 -6.21 40.11
N GLY K 59 12.92 -6.63 38.90
CA GLY K 59 13.70 -6.27 37.73
C GLY K 59 13.76 -4.78 37.53
N MET K 60 12.61 -4.13 37.57
CA MET K 60 12.56 -2.68 37.43
C MET K 60 13.27 -1.93 38.56
N LEU K 61 13.04 -2.34 39.79
CA LEU K 61 13.65 -1.68 40.92
C LEU K 61 15.17 -1.79 40.82
N ARG K 62 15.68 -2.93 40.37
CA ARG K 62 17.11 -3.14 40.23
C ARG K 62 17.65 -2.13 39.23
N LYS K 63 17.06 -2.05 38.05
CA LYS K 63 17.65 -1.17 37.04
C LYS K 63 17.45 0.31 37.24
N LEU K 64 16.32 0.71 37.81
CA LEU K 64 16.12 2.13 38.13
C LEU K 64 17.13 2.60 39.17
N ASP K 65 17.55 1.68 40.03
CA ASP K 65 18.65 1.88 40.96
C ASP K 65 18.41 3.04 41.93
N ILE K 66 17.40 2.88 42.78
CA ILE K 66 16.91 3.95 43.62
C ILE K 66 17.68 3.97 44.91
N LYS K 67 18.89 4.52 44.86
CA LYS K 67 19.80 4.62 46.05
C LYS K 67 19.31 5.75 47.04
N ASN K 68 18.94 6.94 46.52
CA ASN K 68 18.77 8.17 47.32
C ASN K 68 17.54 9.01 46.87
N GLU K 69 17.59 10.34 46.98
CA GLU K 69 16.42 11.19 46.72
C GLU K 69 16.36 11.84 45.33
N ASP K 70 17.50 12.10 44.70
CA ASP K 70 17.59 12.43 43.27
C ASP K 70 16.81 11.40 42.45
N ASP K 71 17.11 10.13 42.73
CA ASP K 71 16.51 8.99 42.03
C ASP K 71 14.99 8.90 42.25
N VAL K 72 14.47 9.41 43.37
CA VAL K 72 13.00 9.47 43.59
C VAL K 72 12.29 10.37 42.59
N LYS K 73 12.92 11.47 42.18
CA LYS K 73 12.42 12.26 41.05
C LYS K 73 12.24 11.48 39.75
N SER K 74 13.15 10.57 39.44
CA SER K 74 12.99 9.72 38.27
C SER K 74 11.75 8.79 38.27
N LEU K 75 11.11 8.56 39.40
CA LEU K 75 9.84 7.81 39.36
C LEU K 75 8.71 8.59 38.73
N SER K 76 8.81 9.92 38.83
CA SER K 76 7.86 10.85 38.22
C SER K 76 7.89 10.71 36.73
N ARG K 77 9.10 10.78 36.15
CA ARG K 77 9.25 10.54 34.75
C ARG K 77 8.66 9.19 34.38
N VAL K 78 8.79 8.16 35.21
CA VAL K 78 8.15 6.89 34.90
C VAL K 78 6.64 7.08 34.79
N MET K 79 6.03 7.72 35.79
CA MET K 79 4.56 7.93 35.86
C MET K 79 3.99 8.73 34.71
N ILE K 80 4.66 9.82 34.40
CA ILE K 80 4.32 10.51 33.23
C ILE K 80 4.41 9.64 31.95
N HIS K 81 5.48 8.87 31.71
CA HIS K 81 5.52 8.04 30.51
C HIS K 81 4.30 7.16 30.56
N VAL K 82 3.97 6.62 31.71
CA VAL K 82 2.87 5.64 31.73
C VAL K 82 1.60 6.21 31.11
N PHE K 83 1.31 7.47 31.48
CA PHE K 83 0.07 8.08 31.11
C PHE K 83 0.15 8.76 29.75
N SER K 84 1.30 8.72 29.10
CA SER K 84 1.48 9.49 27.94
C SER K 84 0.78 9.08 26.68
N ASP K 85 0.13 7.92 26.70
CA ASP K 85 -0.67 7.52 25.54
C ASP K 85 -2.12 8.00 25.60
N GLY K 86 -2.49 8.76 26.61
CA GLY K 86 -3.82 9.25 26.69
C GLY K 86 -4.81 8.52 27.58
N VAL K 87 -4.47 7.32 27.94
CA VAL K 87 -5.33 6.43 28.64
C VAL K 87 -5.15 6.59 30.16
N THR K 88 -6.25 6.58 30.90
CA THR K 88 -6.28 6.70 32.31
C THR K 88 -7.32 5.67 32.84
N ASN K 89 -6.92 4.78 33.72
CA ASN K 89 -7.83 3.93 34.34
C ASN K 89 -7.34 3.54 35.70
N TRP K 90 -8.21 2.91 36.49
CA TRP K 90 -7.84 2.61 37.86
C TRP K 90 -6.81 1.47 37.92
N GLY K 91 -6.79 0.57 36.92
CA GLY K 91 -5.69 -0.42 36.86
C GLY K 91 -4.29 0.20 36.83
N ARG K 92 -4.07 1.15 35.92
CA ARG K 92 -2.81 1.91 35.89
C ARG K 92 -2.55 2.58 37.21
N ILE K 93 -3.56 3.23 37.76
CA ILE K 93 -3.37 3.95 39.02
C ILE K 93 -2.98 2.99 40.18
N VAL K 94 -3.71 1.90 40.37
CA VAL K 94 -3.38 1.03 41.50
C VAL K 94 -2.02 0.41 41.33
N THR K 95 -1.63 0.11 40.09
CA THR K 95 -0.33 -0.46 39.77
C THR K 95 0.80 0.53 40.07
N LEU K 96 0.65 1.82 39.83
CA LEU K 96 1.69 2.77 40.22
C LEU K 96 1.86 2.83 41.69
N ILE K 97 0.75 2.86 42.40
CA ILE K 97 0.81 2.95 43.85
C ILE K 97 1.46 1.67 44.39
N SER K 98 1.13 0.51 43.82
CA SER K 98 1.73 -0.73 44.31
C SER K 98 3.19 -0.81 43.98
N PHE K 99 3.59 -0.34 42.82
CA PHE K 99 5.02 -0.19 42.60
C PHE K 99 5.64 0.82 43.55
N GLY K 100 4.93 1.85 43.97
CA GLY K 100 5.44 2.78 44.96
C GLY K 100 5.72 2.13 46.29
N ALA K 101 4.84 1.24 46.68
CA ALA K 101 4.98 0.46 47.91
C ALA K 101 6.16 -0.48 47.88
N PHE K 102 6.34 -1.11 46.71
CA PHE K 102 7.48 -1.98 46.46
C PHE K 102 8.78 -1.16 46.66
N VAL K 103 8.89 0.03 46.04
CA VAL K 103 10.12 0.83 46.23
C VAL K 103 10.20 1.37 47.68
N ALA K 104 9.07 1.57 48.36
CA ALA K 104 9.14 2.04 49.74
C ALA K 104 9.72 0.99 50.67
N LYS K 105 9.35 -0.26 50.43
CA LYS K 105 9.93 -1.37 51.17
C LYS K 105 11.45 -1.39 51.00
N HIS K 106 11.86 -1.12 49.77
CA HIS K 106 13.26 -1.17 49.41
C HIS K 106 14.07 -0.10 50.04
N LEU K 107 13.51 1.10 50.05
CA LEU K 107 14.15 2.27 50.73
C LEU K 107 14.40 2.01 52.23
N LYS K 108 13.38 1.39 52.85
CA LYS K 108 13.46 1.02 54.26
C LYS K 108 14.61 0.07 54.52
N THR K 109 14.85 -0.90 53.63
CA THR K 109 15.94 -1.86 53.82
C THR K 109 17.31 -1.21 53.61
N ILE K 110 17.40 -0.07 52.91
CA ILE K 110 18.65 0.73 52.87
C ILE K 110 18.74 1.94 53.86
N ASN K 111 17.87 2.00 54.88
CA ASN K 111 17.81 3.13 55.82
C ASN K 111 17.71 4.47 55.09
N GLN K 112 16.80 4.51 54.11
CA GLN K 112 16.34 5.75 53.47
C GLN K 112 14.84 5.90 53.74
N GLU K 113 14.38 5.51 54.94
CA GLU K 113 12.96 5.63 55.36
C GLU K 113 12.44 7.07 55.17
N SER K 114 13.31 8.06 55.39
CA SER K 114 12.92 9.45 55.24
C SER K 114 12.57 9.86 53.79
N CYS K 115 13.05 9.12 52.80
CA CYS K 115 12.59 9.28 51.40
C CYS K 115 11.21 8.68 51.08
N ILE K 116 10.55 8.03 52.03
CA ILE K 116 9.22 7.41 51.76
C ILE K 116 8.16 8.46 51.67
N GLU K 117 8.17 9.49 52.52
CA GLU K 117 7.15 10.53 52.39
C GLU K 117 7.28 11.40 51.11
N PRO K 118 8.48 11.95 50.81
CA PRO K 118 8.78 12.47 49.44
C PRO K 118 8.33 11.60 48.25
N LEU K 119 8.54 10.30 48.34
CA LEU K 119 8.10 9.42 47.29
C LEU K 119 6.60 9.48 47.18
N ALA K 120 5.93 9.43 48.32
CA ALA K 120 4.47 9.37 48.32
C ALA K 120 3.88 10.73 47.87
N GLU K 121 4.49 11.83 48.32
CA GLU K 121 4.08 13.15 47.88
C GLU K 121 4.14 13.20 46.38
N SER K 122 5.18 12.62 45.83
CA SER K 122 5.47 12.75 44.46
C SER K 122 4.50 11.92 43.62
N ILE K 123 4.14 10.72 44.06
CA ILE K 123 3.13 9.93 43.34
C ILE K 123 1.82 10.70 43.37
N THR K 124 1.49 11.26 44.54
CA THR K 124 0.22 11.95 44.70
C THR K 124 0.16 13.19 43.82
N ASP K 125 1.27 13.90 43.75
CA ASP K 125 1.38 15.13 42.99
C ASP K 125 1.16 14.92 41.48
N VAL K 126 1.74 13.87 40.91
CA VAL K 126 1.49 13.55 39.55
C VAL K 126 0.06 13.15 39.34
N LEU K 127 -0.44 12.26 40.15
CA LEU K 127 -1.78 11.74 39.95
C LEU K 127 -2.86 12.81 40.03
N VAL K 128 -2.77 13.67 41.02
CA VAL K 128 -3.82 14.60 41.25
C VAL K 128 -3.67 15.83 40.33
N ARG K 129 -2.46 16.32 40.13
CA ARG K 129 -2.32 17.48 39.30
C ARG K 129 -2.62 17.15 37.86
N THR K 130 -2.23 15.99 37.38
CA THR K 130 -2.42 15.70 35.99
C THR K 130 -3.73 14.98 35.68
N LYS K 131 -4.41 14.38 36.64
CA LYS K 131 -5.69 13.67 36.42
C LYS K 131 -6.85 14.18 37.29
N ARG K 132 -6.70 15.37 37.85
CA ARG K 132 -7.73 15.86 38.75
C ARG K 132 -9.18 15.73 38.24
N ASP K 133 -9.44 16.28 37.04
CA ASP K 133 -10.81 16.23 36.53
C ASP K 133 -11.24 14.79 36.23
N TRP K 134 -10.34 13.95 35.72
CA TRP K 134 -10.67 12.51 35.63
C TRP K 134 -11.06 11.87 36.97
N LEU K 135 -10.28 12.12 38.02
CA LEU K 135 -10.62 11.57 39.34
C LEU K 135 -11.97 12.04 39.82
N VAL K 136 -12.24 13.33 39.69
CA VAL K 136 -13.50 13.88 40.15
C VAL K 136 -14.65 13.29 39.36
N LYS K 137 -14.50 13.12 38.07
CA LYS K 137 -15.56 12.46 37.31
C LYS K 137 -15.83 11.06 37.78
N GLN K 138 -14.80 10.34 38.20
CA GLN K 138 -14.96 8.94 38.68
C GLN K 138 -15.34 8.87 40.09
N ARG K 139 -15.75 9.97 40.68
CA ARG K 139 -16.19 10.00 42.06
C ARG K 139 -15.03 9.74 43.01
N GLY K 140 -13.82 10.11 42.60
CA GLY K 140 -12.66 10.04 43.49
C GLY K 140 -12.39 8.67 44.10
N TRP K 141 -11.91 8.65 45.33
CA TRP K 141 -11.66 7.44 46.01
C TRP K 141 -12.90 6.58 46.22
N ASP K 142 -14.07 7.16 46.31
CA ASP K 142 -15.29 6.32 46.24
C ASP K 142 -15.32 5.47 44.96
N GLY K 143 -14.98 6.04 43.83
CA GLY K 143 -15.00 5.27 42.61
C GLY K 143 -13.97 4.17 42.55
N PHE K 144 -12.79 4.45 43.11
CA PHE K 144 -11.74 3.46 43.33
C PHE K 144 -12.27 2.26 44.11
N VAL K 145 -12.89 2.53 45.25
CA VAL K 145 -13.38 1.49 46.07
C VAL K 145 -14.45 0.67 45.36
N GLU K 146 -15.26 1.34 44.57
CA GLU K 146 -16.33 0.67 43.87
C GLU K 146 -15.75 -0.21 42.78
N PHE K 147 -14.71 0.26 42.10
CA PHE K 147 -14.21 -0.39 40.89
C PHE K 147 -13.60 -1.72 41.23
N PHE K 148 -12.94 -1.77 42.38
CA PHE K 148 -12.23 -2.98 42.85
C PHE K 148 -13.03 -3.85 43.83
N HIS K 149 -14.22 -3.43 44.23
CA HIS K 149 -14.93 -4.12 45.28
C HIS K 149 -15.45 -5.47 44.82
N VAL K 150 -15.43 -6.45 45.71
CA VAL K 150 -16.13 -7.73 45.45
C VAL K 150 -16.77 -8.48 46.63
N GLU K 151 -17.93 -9.08 46.38
CA GLU K 151 -18.69 -9.74 47.45
C GLU K 151 -19.64 -10.80 46.91
N ASP L 1 -24.32 -12.36 27.80
CA ASP L 1 -24.05 -13.64 28.53
C ASP L 1 -22.58 -13.72 29.03
N PRO L 2 -22.29 -14.58 30.04
CA PRO L 2 -20.93 -14.69 30.64
C PRO L 2 -19.78 -14.95 29.68
N LYS L 3 -20.04 -15.66 28.59
CA LYS L 3 -18.98 -15.96 27.63
C LYS L 3 -18.44 -14.68 27.03
N LYS L 4 -19.30 -13.71 26.70
CA LYS L 4 -18.83 -12.44 26.13
C LYS L 4 -17.98 -11.59 27.08
N VAL L 5 -18.30 -11.63 28.37
CA VAL L 5 -17.51 -10.97 29.38
C VAL L 5 -16.09 -11.53 29.41
N LEU L 6 -16.00 -12.84 29.58
CA LEU L 6 -14.74 -13.55 29.59
C LEU L 6 -13.99 -13.41 28.27
N ASP L 7 -14.69 -13.45 27.15
CA ASP L 7 -14.04 -13.31 25.82
C ASP L 7 -13.43 -11.92 25.71
N LYS L 8 -14.11 -10.92 26.26
CA LYS L 8 -13.64 -9.55 26.16
C LYS L 8 -12.38 -9.39 26.94
N ALA L 9 -12.43 -9.89 28.17
CA ALA L 9 -11.28 -9.88 29.05
C ALA L 9 -10.06 -10.56 28.39
N LYS L 10 -10.30 -11.72 27.81
CA LYS L 10 -9.32 -12.41 27.04
C LYS L 10 -8.69 -11.56 25.95
N ASP L 11 -9.48 -10.94 25.10
CA ASP L 11 -8.94 -10.08 24.03
C ASP L 11 -8.06 -8.97 24.59
N GLN L 12 -8.56 -8.30 25.63
CA GLN L 12 -7.89 -7.20 26.21
C GLN L 12 -6.53 -7.64 26.66
N ALA L 13 -6.51 -8.69 27.47
CA ALA L 13 -5.26 -9.23 27.99
C ALA L 13 -4.30 -9.59 26.87
N GLU L 14 -4.77 -10.36 25.89
CA GLU L 14 -3.95 -10.80 24.78
C GLU L 14 -3.33 -9.58 24.10
N ASN L 15 -4.11 -8.57 23.78
CA ASN L 15 -3.60 -7.34 23.14
C ASN L 15 -2.66 -6.54 23.99
N ARG L 16 -2.96 -6.44 25.26
CA ARG L 16 -2.04 -5.74 26.12
C ARG L 16 -0.65 -6.39 26.17
N VAL L 17 -0.60 -7.71 26.18
CA VAL L 17 0.64 -8.45 26.20
C VAL L 17 1.36 -8.34 24.87
N ARG L 18 0.63 -8.44 23.76
CA ARG L 18 1.18 -8.23 22.46
C ARG L 18 1.84 -6.86 22.39
N GLU L 19 1.14 -5.83 22.86
CA GLU L 19 1.63 -4.42 22.89
C GLU L 19 2.90 -4.30 23.73
N LEU L 20 2.94 -4.98 24.86
CA LEU L 20 4.09 -4.91 25.73
C LEU L 20 5.30 -5.48 25.05
N LYS L 21 5.11 -6.58 24.30
CA LYS L 21 6.18 -7.23 23.57
C LYS L 21 6.74 -6.34 22.46
N GLN L 22 5.84 -5.82 21.61
CA GLN L 22 6.19 -4.82 20.57
C GLN L 22 7.03 -3.65 21.11
N VAL L 23 6.65 -3.13 22.25
CA VAL L 23 7.24 -1.95 22.78
C VAL L 23 8.62 -2.30 23.20
N LEU L 24 8.76 -3.40 23.94
CA LEU L 24 10.10 -3.83 24.45
C LEU L 24 11.02 -4.26 23.30
N GLU L 25 10.47 -4.88 22.26
CA GLU L 25 11.24 -5.15 21.03
C GLU L 25 11.76 -3.85 20.44
N GLU L 26 10.88 -2.88 20.19
CA GLU L 26 11.28 -1.57 19.64
C GLU L 26 12.33 -0.90 20.51
N LEU L 27 12.16 -0.95 21.81
CA LEU L 27 13.15 -0.40 22.73
C LEU L 27 14.53 -1.05 22.60
N TYR L 28 14.57 -2.38 22.45
CA TYR L 28 15.83 -3.09 22.33
C TYR L 28 16.46 -2.69 21.01
N LYS L 29 15.71 -2.76 19.92
CA LYS L 29 16.19 -2.35 18.61
C LYS L 29 16.83 -0.96 18.57
N GLU L 30 16.46 -0.05 19.48
CA GLU L 30 17.08 1.29 19.57
C GLU L 30 18.27 1.29 20.51
N ALA L 31 18.17 0.58 21.62
CA ALA L 31 19.31 0.40 22.55
C ALA L 31 20.56 -0.28 21.86
N ARG L 32 20.31 -1.23 20.93
CA ARG L 32 21.28 -1.98 20.10
C ARG L 32 22.05 -1.01 19.19
N LYS L 33 21.28 -0.28 18.38
CA LYS L 33 21.76 0.67 17.36
C LYS L 33 22.55 1.87 17.87
N LEU L 34 22.06 2.46 18.94
CA LEU L 34 22.68 3.64 19.49
C LEU L 34 23.92 3.35 20.31
N ASP L 35 24.69 4.41 20.51
CA ASP L 35 25.81 4.43 21.43
C ASP L 35 25.30 5.07 22.74
N LEU L 36 25.04 4.26 23.77
CA LEU L 36 24.25 4.75 24.91
C LEU L 36 25.08 5.56 25.91
N THR L 37 24.97 6.89 25.87
CA THR L 37 25.37 7.71 27.00
C THR L 37 24.67 7.25 28.30
N GLN L 38 25.23 7.61 29.45
CA GLN L 38 24.67 7.26 30.77
C GLN L 38 23.22 7.72 30.88
N GLU L 39 22.99 8.95 30.43
CA GLU L 39 21.66 9.55 30.24
C GLU L 39 20.75 8.67 29.40
N MET L 40 21.11 8.43 28.13
CA MET L 40 20.26 7.67 27.19
C MET L 40 19.95 6.27 27.72
N ARG L 41 20.84 5.68 28.51
CA ARG L 41 20.53 4.44 29.23
C ARG L 41 19.45 4.65 30.30
N LYS L 42 19.60 5.71 31.08
CA LYS L 42 18.67 6.05 32.13
C LYS L 42 17.26 6.22 31.54
N LYS L 43 17.15 6.91 30.40
CA LYS L 43 15.90 7.16 29.71
C LYS L 43 15.31 5.87 29.22
N LEU L 44 16.11 5.10 28.53
CA LEU L 44 15.67 3.81 28.05
C LEU L 44 15.09 2.90 29.17
N ILE L 45 15.69 2.93 30.34
CA ILE L 45 15.27 2.08 31.41
C ILE L 45 13.96 2.56 31.97
N GLU L 46 13.84 3.88 32.08
CA GLU L 46 12.59 4.51 32.47
C GLU L 46 11.44 4.19 31.51
N ARG L 47 11.66 4.22 30.21
CA ARG L 47 10.70 3.75 29.27
C ARG L 47 10.29 2.28 29.53
N TYR L 48 11.24 1.42 29.84
CA TYR L 48 10.95 -0.04 30.05
C TYR L 48 10.06 -0.20 31.28
N ALA L 49 10.40 0.44 32.36
CA ALA L 49 9.60 0.35 33.55
C ALA L 49 8.18 0.86 33.32
N ALA L 50 8.06 1.98 32.58
CA ALA L 50 6.74 2.50 32.22
C ALA L 50 5.98 1.53 31.34
N ALA L 51 6.63 0.86 30.42
CA ALA L 51 5.93 -0.12 29.55
C ALA L 51 5.32 -1.24 30.34
N ILE L 52 6.02 -1.66 31.40
CA ILE L 52 5.66 -2.83 32.22
C ILE L 52 4.54 -2.45 33.14
N ILE L 53 4.70 -1.33 33.82
CA ILE L 53 3.63 -0.79 34.65
C ILE L 53 2.36 -0.55 33.84
N ARG L 54 2.50 -0.05 32.63
CA ARG L 54 1.37 0.18 31.74
C ARG L 54 0.68 -1.18 31.49
N ALA L 55 1.44 -2.23 31.20
CA ALA L 55 0.80 -3.49 30.74
C ALA L 55 0.13 -4.14 31.93
N ILE L 56 0.80 -4.14 33.05
CA ILE L 56 0.26 -4.73 34.22
C ILE L 56 -0.98 -3.98 34.59
N GLY L 57 -0.95 -2.66 34.49
CA GLY L 57 -2.10 -1.84 34.84
C GLY L 57 -3.29 -2.08 33.92
N ASP L 58 -3.05 -2.22 32.63
CA ASP L 58 -4.13 -2.51 31.75
C ASP L 58 -4.71 -3.87 31.85
N ILE L 59 -3.91 -4.84 32.24
CA ILE L 59 -4.40 -6.21 32.36
C ILE L 59 -5.30 -6.20 33.54
N ASN L 60 -4.79 -5.65 34.61
CA ASN L 60 -5.49 -5.60 35.87
C ASN L 60 -6.83 -4.86 35.69
N ASN L 61 -6.81 -3.76 34.94
CA ASN L 61 -7.99 -3.04 34.67
C ASN L 61 -8.96 -3.83 33.82
N ALA L 62 -8.51 -4.65 32.89
CA ALA L 62 -9.43 -5.49 32.08
C ALA L 62 -10.12 -6.54 32.92
N ILE L 63 -9.36 -7.15 33.84
CA ILE L 63 -9.86 -8.16 34.70
C ILE L 63 -10.91 -7.61 35.63
N TYR L 64 -10.63 -6.51 36.32
CA TYR L 64 -11.61 -5.96 37.27
C TYR L 64 -12.78 -5.31 36.56
N GLN L 65 -12.60 -4.95 35.30
CA GLN L 65 -13.69 -4.44 34.49
C GLN L 65 -14.65 -5.58 34.26
N ALA L 66 -14.12 -6.74 33.90
CA ALA L 66 -14.92 -7.99 33.78
C ALA L 66 -15.58 -8.41 35.12
N LYS L 67 -14.89 -8.30 36.26
CA LYS L 67 -15.52 -8.47 37.60
C LYS L 67 -16.68 -7.55 37.77
N GLN L 68 -16.63 -6.33 37.28
CA GLN L 68 -17.81 -5.44 37.35
C GLN L 68 -18.95 -5.86 36.43
N GLU L 69 -18.61 -6.23 35.20
CA GLU L 69 -19.56 -6.76 34.23
C GLU L 69 -20.29 -8.02 34.72
N ALA L 70 -19.57 -8.92 35.38
CA ALA L 70 -20.12 -10.16 35.92
C ALA L 70 -21.02 -9.86 37.11
N GLU L 71 -20.51 -9.10 38.07
CA GLU L 71 -21.29 -8.66 39.26
C GLU L 71 -22.61 -7.95 38.89
N LYS L 72 -22.64 -7.28 37.74
CA LYS L 72 -23.84 -6.64 37.21
C LYS L 72 -24.85 -7.63 36.67
N LEU L 73 -24.38 -8.59 35.87
CA LEU L 73 -25.25 -9.69 35.42
C LEU L 73 -25.98 -10.44 36.59
N LYS L 74 -25.28 -10.59 37.71
CA LYS L 74 -25.86 -11.22 38.87
C LYS L 74 -27.00 -10.40 39.48
N LYS L 75 -26.88 -9.09 39.53
CA LYS L 75 -28.00 -8.27 40.01
C LYS L 75 -29.13 -8.17 38.99
N ALA L 76 -28.83 -8.46 37.71
CA ALA L 76 -29.87 -8.63 36.68
C ALA L 76 -30.22 -10.10 36.47
N GLY L 77 -30.28 -10.90 37.55
CA GLY L 77 -30.38 -12.35 37.47
C GLY L 77 -30.21 -13.04 36.11
N LEU L 78 -29.22 -12.62 35.31
CA LEU L 78 -28.95 -13.21 33.98
C LEU L 78 -27.89 -14.30 34.09
N VAL L 79 -27.34 -14.45 35.31
CA VAL L 79 -26.35 -15.47 35.69
C VAL L 79 -26.72 -15.98 37.10
N ASN L 80 -26.85 -17.30 37.26
CA ASN L 80 -26.98 -17.87 38.63
C ASN L 80 -25.61 -17.84 39.32
N SER L 81 -25.61 -17.91 40.66
CA SER L 81 -24.38 -17.68 41.45
C SER L 81 -23.27 -18.75 41.29
N GLN L 82 -23.58 -19.87 40.64
CA GLN L 82 -22.54 -20.83 40.21
C GLN L 82 -21.82 -20.36 38.95
N GLN L 83 -22.58 -19.99 37.92
CA GLN L 83 -22.01 -19.40 36.69
C GLN L 83 -21.10 -18.17 36.95
N LEU L 84 -21.52 -17.33 37.91
CA LEU L 84 -20.72 -16.21 38.41
C LEU L 84 -19.36 -16.73 38.87
N ASP L 85 -19.39 -17.80 39.67
CA ASP L 85 -18.17 -18.37 40.21
C ASP L 85 -17.31 -19.06 39.20
N GLU L 86 -17.88 -19.72 38.18
CA GLU L 86 -17.02 -20.19 37.07
C GLU L 86 -16.34 -19.03 36.36
N LEU L 87 -17.05 -17.89 36.26
CA LEU L 87 -16.52 -16.68 35.64
C LEU L 87 -15.41 -16.04 36.46
N LEU L 88 -15.67 -15.69 37.72
CA LEU L 88 -14.62 -15.14 38.60
C LEU L 88 -13.38 -16.06 38.72
N ARG L 89 -13.56 -17.37 38.55
CA ARG L 89 -12.44 -18.31 38.58
C ARG L 89 -11.66 -18.23 37.29
N ARG L 90 -12.33 -18.27 36.15
CA ARG L 90 -11.64 -18.15 34.86
C ARG L 90 -10.96 -16.78 34.66
N LEU L 91 -11.50 -15.75 35.33
CA LEU L 91 -10.88 -14.45 35.27
C LEU L 91 -9.65 -14.44 36.09
N ASP L 92 -9.72 -15.07 37.26
CA ASP L 92 -8.54 -15.22 38.12
C ASP L 92 -7.43 -16.02 37.44
N GLU L 93 -7.82 -17.02 36.68
CA GLU L 93 -6.85 -17.77 35.86
C GLU L 93 -6.31 -16.92 34.76
N LEU L 94 -7.15 -16.13 34.12
CA LEU L 94 -6.69 -15.23 33.08
C LEU L 94 -5.69 -14.24 33.63
N GLN L 95 -5.96 -13.71 34.83
CA GLN L 95 -5.06 -12.76 35.42
C GLN L 95 -3.71 -13.38 35.58
N LYS L 96 -3.68 -14.59 36.09
CA LYS L 96 -2.43 -15.31 36.32
C LYS L 96 -1.68 -15.64 35.05
N GLU L 97 -2.37 -16.09 34.03
CA GLU L 97 -1.72 -16.34 32.76
C GLU L 97 -1.05 -15.08 32.20
N ALA L 98 -1.73 -13.92 32.30
CA ALA L 98 -1.20 -12.67 31.75
C ALA L 98 -0.08 -12.11 32.61
N SER L 99 -0.21 -12.16 33.93
CA SER L 99 0.88 -11.83 34.83
C SER L 99 2.17 -12.61 34.53
N ARG L 100 2.02 -13.88 34.18
CA ARG L 100 3.20 -14.67 33.89
C ARG L 100 3.86 -14.11 32.61
N LYS L 101 3.09 -13.69 31.63
CA LYS L 101 3.70 -13.13 30.45
C LYS L 101 4.38 -11.78 30.64
N ALA L 102 3.81 -10.95 31.47
CA ALA L 102 4.43 -9.74 31.81
C ALA L 102 5.74 -9.99 32.54
N ASN L 103 5.75 -10.92 33.48
CA ASN L 103 6.98 -11.17 34.17
C ASN L 103 8.08 -11.75 33.23
N GLU L 104 7.67 -12.60 32.31
CA GLU L 104 8.55 -13.26 31.36
C GLU L 104 9.22 -12.19 30.53
N TYR L 105 8.44 -11.33 29.89
CA TYR L 105 9.01 -10.29 29.02
C TYR L 105 9.81 -9.25 29.82
N GLY L 106 9.39 -8.94 31.04
CA GLY L 106 10.15 -8.08 31.94
C GLY L 106 11.55 -8.60 32.16
N ARG L 107 11.65 -9.89 32.47
CA ARG L 107 12.94 -10.54 32.68
C ARG L 107 13.78 -10.70 31.42
N GLU L 108 13.16 -11.10 30.33
CA GLU L 108 13.82 -11.19 29.03
C GLU L 108 14.52 -9.89 28.71
N PHE L 109 13.80 -8.78 28.84
CA PHE L 109 14.36 -7.44 28.61
C PHE L 109 15.45 -7.11 29.61
N GLU L 110 15.23 -7.47 30.88
CA GLU L 110 16.20 -7.25 31.94
C GLU L 110 17.55 -7.92 31.66
N LEU L 111 17.53 -9.13 31.06
CA LEU L 111 18.72 -9.86 30.62
C LEU L 111 19.33 -9.23 29.37
N LYS L 112 18.53 -8.81 28.40
CA LYS L 112 19.06 -8.14 27.23
C LYS L 112 19.82 -6.87 27.61
N LEU L 113 19.46 -6.25 28.71
CA LEU L 113 20.17 -5.07 29.16
C LEU L 113 21.48 -5.37 29.84
N GLU L 114 21.54 -6.44 30.63
CA GLU L 114 22.80 -6.86 31.32
C GLU L 114 23.81 -7.48 30.36
N TYR L 115 23.31 -8.36 29.51
CA TYR L 115 24.18 -9.04 28.52
C TYR L 115 24.71 -8.06 27.43
N GLY L 116 24.03 -6.94 27.18
CA GLY L 116 24.53 -5.89 26.28
C GLY L 116 25.55 -4.92 26.89
#